data_2FEB
#
_entry.id   2FEB
#
_entity_poly.entity_id   1
_entity_poly.type   'polypeptide(L)'
_entity_poly.pdbx_seq_one_letter_code
;IEGRHMAPTENSTGVQDCYRGDGQSYRGTLSTTITGRTCQSWSSMTPHWHRRIPLYYPNAGLTRNYCRNPDAEIRPWCYT
MDPSVRWEYCNLTRCPVTESSV
;
_entity_poly.pdbx_strand_id   A
#
# COMPACT_ATOMS: atom_id res chain seq x y z
N ILE A 1 -10.21 -1.51 -7.60
CA ILE A 1 -8.98 -0.70 -7.38
C ILE A 1 -9.31 0.79 -7.29
N GLU A 2 -8.54 1.50 -6.47
CA GLU A 2 -8.75 2.94 -6.29
C GLU A 2 -10.15 3.23 -5.75
N GLY A 3 -10.37 4.47 -5.34
CA GLY A 3 -11.67 4.85 -4.81
C GLY A 3 -11.62 6.15 -4.04
N ARG A 4 -12.74 6.53 -3.43
CA ARG A 4 -12.82 7.76 -2.66
C ARG A 4 -13.33 7.48 -1.24
N HIS A 5 -13.29 8.52 -0.40
CA HIS A 5 -13.75 8.38 0.98
C HIS A 5 -15.20 7.94 1.03
N MET A 6 -15.51 7.02 1.95
CA MET A 6 -16.86 6.51 2.10
C MET A 6 -16.94 5.53 3.26
N ALA A 7 -15.93 4.68 3.39
CA ALA A 7 -15.88 3.68 4.45
C ALA A 7 -15.02 4.18 5.63
N PRO A 8 -15.66 4.49 6.77
CA PRO A 8 -14.94 4.97 7.96
C PRO A 8 -14.09 3.88 8.59
N THR A 9 -13.10 3.41 7.85
CA THR A 9 -12.20 2.36 8.34
C THR A 9 -11.13 2.03 7.30
N GLU A 10 -10.34 1.00 7.58
CA GLU A 10 -9.27 0.59 6.67
C GLU A 10 -8.58 -0.67 7.17
N ASN A 11 -7.54 -1.10 6.45
CA ASN A 11 -6.79 -2.29 6.82
C ASN A 11 -7.60 -3.56 6.56
N SER A 12 -7.29 -4.24 5.47
CA SER A 12 -7.98 -5.48 5.11
C SER A 12 -9.50 -5.28 5.06
N THR A 13 -10.16 -5.49 6.20
CA THR A 13 -11.61 -5.33 6.28
C THR A 13 -11.97 -4.00 6.93
N GLY A 14 -11.61 -2.91 6.27
CA GLY A 14 -11.90 -1.59 6.79
C GLY A 14 -12.33 -0.62 5.72
N VAL A 15 -11.62 -0.63 4.59
CA VAL A 15 -11.93 0.27 3.49
C VAL A 15 -12.21 -0.49 2.20
N GLN A 16 -12.91 0.15 1.27
CA GLN A 16 -13.23 -0.47 -0.01
C GLN A 16 -11.96 -0.69 -0.83
N ASP A 17 -12.08 -0.72 -2.15
CA ASP A 17 -10.93 -0.92 -3.02
C ASP A 17 -10.46 -2.37 -2.99
N CYS A 18 -10.72 -3.10 -4.08
CA CYS A 18 -10.34 -4.50 -4.18
C CYS A 18 -9.07 -4.66 -5.01
N TYR A 19 -8.28 -5.69 -4.69
CA TYR A 19 -7.04 -5.94 -5.39
C TYR A 19 -7.19 -7.12 -6.35
N ARG A 20 -6.10 -7.49 -7.00
CA ARG A 20 -6.11 -8.61 -7.94
C ARG A 20 -4.78 -9.36 -7.91
N GLY A 21 -4.86 -10.69 -7.82
CA GLY A 21 -3.66 -11.50 -7.77
C GLY A 21 -2.84 -11.23 -6.52
N ASP A 22 -1.74 -10.50 -6.68
CA ASP A 22 -0.88 -10.16 -5.56
C ASP A 22 -0.74 -8.64 -5.45
N GLY A 23 -1.61 -8.04 -4.65
CA GLY A 23 -1.58 -6.60 -4.45
C GLY A 23 -0.19 -6.05 -4.22
N GLN A 24 0.69 -6.88 -3.67
CA GLN A 24 2.07 -6.46 -3.38
C GLN A 24 3.08 -7.22 -4.24
N SER A 25 2.67 -7.56 -5.47
CA SER A 25 3.56 -8.28 -6.37
C SER A 25 4.27 -7.31 -7.30
N TYR A 26 4.82 -6.24 -6.72
CA TYR A 26 5.53 -5.22 -7.49
C TYR A 26 4.62 -4.62 -8.56
N ARG A 27 3.37 -4.41 -8.20
CA ARG A 27 2.40 -3.83 -9.13
C ARG A 27 1.55 -2.77 -8.45
N GLY A 28 0.58 -2.23 -9.18
CA GLY A 28 -0.30 -1.22 -8.62
C GLY A 28 -0.16 0.12 -9.33
N THR A 29 0.98 0.76 -9.16
CA THR A 29 1.24 2.06 -9.78
C THR A 29 0.17 3.08 -9.41
N LEU A 30 -0.48 2.86 -8.26
CA LEU A 30 -1.52 3.76 -7.79
C LEU A 30 -0.93 4.84 -6.89
N SER A 31 0.12 4.49 -6.16
CA SER A 31 0.78 5.43 -5.27
C SER A 31 -0.20 5.97 -4.22
N THR A 32 -1.27 5.24 -3.99
CA THR A 32 -2.28 5.63 -3.01
C THR A 32 -2.52 4.50 -2.02
N THR A 33 -3.27 4.78 -0.95
CA THR A 33 -3.54 3.77 0.05
C THR A 33 -4.76 4.11 0.89
N ILE A 34 -5.87 3.42 0.62
CA ILE A 34 -7.13 3.59 1.36
C ILE A 34 -7.99 4.70 0.74
N THR A 35 -8.16 5.83 1.46
CA THR A 35 -8.99 6.91 0.95
C THR A 35 -8.46 8.27 1.40
N GLY A 36 -7.18 8.52 1.14
CA GLY A 36 -6.59 9.78 1.51
C GLY A 36 -5.18 9.62 2.08
N ARG A 37 -4.45 8.64 1.56
CA ARG A 37 -3.09 8.38 2.02
C ARG A 37 -2.25 7.78 0.89
N THR A 38 -0.95 7.98 0.95
CA THR A 38 -0.06 7.45 -0.06
C THR A 38 0.94 6.47 0.53
N CYS A 39 1.97 6.16 -0.23
CA CYS A 39 3.02 5.24 0.20
C CYS A 39 4.23 5.98 0.76
N GLN A 40 4.21 7.32 0.66
CA GLN A 40 5.32 8.12 1.16
C GLN A 40 6.59 7.81 0.37
N SER A 41 6.95 8.69 -0.55
CA SER A 41 8.14 8.50 -1.37
C SER A 41 9.35 8.19 -0.50
N TRP A 42 9.90 6.99 -0.69
CA TRP A 42 11.07 6.57 0.06
C TRP A 42 12.26 7.47 -0.22
N SER A 43 12.29 8.60 0.48
CA SER A 43 13.35 9.60 0.33
C SER A 43 12.88 10.94 0.86
N SER A 44 11.57 11.12 0.91
CA SER A 44 10.99 12.37 1.41
C SER A 44 10.98 12.39 2.92
N MET A 45 12.07 12.91 3.50
CA MET A 45 12.20 12.99 4.95
C MET A 45 11.65 14.31 5.46
N THR A 46 10.40 14.28 5.94
CA THR A 46 9.76 15.48 6.47
C THR A 46 8.74 15.12 7.55
N PRO A 47 7.64 14.45 7.19
CA PRO A 47 6.61 14.05 8.15
C PRO A 47 7.06 12.91 9.05
N HIS A 48 7.69 11.90 8.44
CA HIS A 48 8.17 10.74 9.19
C HIS A 48 9.24 10.00 8.40
N TRP A 49 10.19 9.40 9.12
CA TRP A 49 11.27 8.66 8.49
C TRP A 49 10.74 7.41 7.78
N HIS A 50 10.66 7.47 6.46
CA HIS A 50 10.16 6.34 5.67
C HIS A 50 10.85 5.04 6.07
N ARG A 51 12.11 4.89 5.69
CA ARG A 51 12.88 3.70 6.02
C ARG A 51 14.28 3.75 5.40
N ARG A 52 15.02 2.66 5.53
CA ARG A 52 16.38 2.57 5.00
C ARG A 52 16.44 3.09 3.57
N ILE A 53 16.74 4.37 3.43
CA ILE A 53 16.82 5.02 2.13
C ILE A 53 17.78 4.28 1.19
N PRO A 54 17.67 4.57 -0.12
CA PRO A 54 18.52 3.97 -1.16
C PRO A 54 20.01 4.17 -0.91
N LEU A 55 20.49 3.61 0.18
CA LEU A 55 21.90 3.72 0.54
C LEU A 55 22.38 2.48 1.28
N TYR A 56 21.49 1.91 2.10
CA TYR A 56 21.82 0.71 2.88
C TYR A 56 21.40 -0.55 2.14
N TYR A 57 20.18 -0.54 1.59
CA TYR A 57 19.67 -1.70 0.86
C TYR A 57 20.22 -1.72 -0.56
N PRO A 58 20.31 -2.92 -1.18
CA PRO A 58 20.85 -3.08 -2.54
C PRO A 58 19.94 -2.46 -3.61
N ASN A 59 19.71 -1.15 -3.51
CA ASN A 59 18.88 -0.40 -4.45
C ASN A 59 17.92 -1.30 -5.24
N ALA A 60 16.94 -1.87 -4.53
CA ALA A 60 15.96 -2.75 -5.16
C ALA A 60 15.25 -2.04 -6.32
N GLY A 61 14.63 -0.90 -6.02
CA GLY A 61 13.93 -0.15 -7.04
C GLY A 61 12.54 0.28 -6.63
N LEU A 62 12.47 1.08 -5.56
CA LEU A 62 11.18 1.56 -5.07
C LEU A 62 10.65 2.68 -5.97
N THR A 63 9.40 2.55 -6.39
CA THR A 63 8.77 3.54 -7.26
C THR A 63 8.29 4.75 -6.45
N ARG A 64 9.24 5.51 -5.90
CA ARG A 64 8.92 6.69 -5.11
C ARG A 64 7.87 6.38 -4.05
N ASN A 65 6.63 6.84 -4.26
CA ASN A 65 5.55 6.61 -3.30
C ASN A 65 4.48 5.69 -3.90
N TYR A 66 4.92 4.62 -4.53
CA TYR A 66 4.01 3.67 -5.15
C TYR A 66 3.60 2.57 -4.18
N CYS A 67 2.48 2.77 -3.47
CA CYS A 67 1.98 1.78 -2.50
C CYS A 67 2.51 0.38 -2.80
N ARG A 68 3.36 -0.10 -1.92
CA ARG A 68 3.98 -1.41 -2.10
C ARG A 68 4.62 -1.91 -0.80
N ASN A 69 5.26 -3.07 -0.88
CA ASN A 69 5.93 -3.66 0.28
C ASN A 69 7.29 -4.23 -0.13
N PRO A 70 8.28 -4.17 0.79
CA PRO A 70 9.63 -4.68 0.51
C PRO A 70 9.63 -6.13 0.02
N ASP A 71 9.03 -7.03 0.79
CA ASP A 71 8.97 -8.43 0.42
C ASP A 71 7.62 -8.78 -0.21
N ALA A 72 6.82 -9.62 0.45
CA ALA A 72 5.52 -10.00 -0.10
C ALA A 72 4.60 -10.55 0.99
N GLU A 73 3.36 -10.84 0.61
CA GLU A 73 2.38 -11.38 1.54
C GLU A 73 0.99 -11.45 0.90
N ILE A 74 0.35 -10.30 0.78
CA ILE A 74 -0.98 -10.20 0.17
C ILE A 74 -1.30 -8.75 -0.17
N ARG A 75 -1.02 -7.86 0.77
CA ARG A 75 -1.27 -6.44 0.57
C ARG A 75 -0.05 -5.64 1.05
N PRO A 76 0.23 -4.49 0.40
CA PRO A 76 1.38 -3.65 0.77
C PRO A 76 1.26 -3.08 2.18
N TRP A 77 2.33 -2.45 2.66
CA TRP A 77 2.35 -1.87 4.00
C TRP A 77 3.42 -0.80 4.11
N CYS A 78 3.10 0.39 3.63
CA CYS A 78 4.03 1.51 3.71
C CYS A 78 3.33 2.74 4.27
N TYR A 79 4.11 3.61 4.89
CA TYR A 79 3.56 4.82 5.51
C TYR A 79 2.82 5.67 4.48
N THR A 80 2.29 6.80 4.91
CA THR A 80 1.54 7.69 4.04
C THR A 80 2.06 9.12 4.12
N MET A 81 1.52 9.98 3.25
CA MET A 81 1.93 11.38 3.20
C MET A 81 1.19 12.18 4.27
N ASP A 82 -0.05 11.80 4.54
CA ASP A 82 -0.87 12.46 5.54
C ASP A 82 -0.20 12.40 6.91
N PRO A 83 0.18 13.56 7.47
CA PRO A 83 0.83 13.63 8.79
C PRO A 83 -0.11 13.28 9.93
N SER A 84 -0.80 12.15 9.81
CA SER A 84 -1.73 11.70 10.84
C SER A 84 -2.02 10.21 10.69
N VAL A 85 -1.08 9.48 10.09
CA VAL A 85 -1.23 8.05 9.88
C VAL A 85 0.05 7.31 10.20
N ARG A 86 1.07 7.53 9.37
CA ARG A 86 2.38 6.90 9.54
C ARG A 86 2.39 5.49 8.96
N TRP A 87 1.20 4.90 8.77
CA TRP A 87 1.10 3.55 8.22
C TRP A 87 -0.33 3.28 7.73
N GLU A 88 -0.44 2.68 6.54
CA GLU A 88 -1.75 2.37 5.96
C GLU A 88 -1.60 1.34 4.85
N TYR A 89 -2.68 0.61 4.58
CA TYR A 89 -2.68 -0.40 3.53
C TYR A 89 -3.13 0.18 2.19
N CYS A 90 -2.43 -0.15 1.11
CA CYS A 90 -2.81 0.37 -0.20
C CYS A 90 -4.29 0.08 -0.47
N ASN A 91 -4.90 0.88 -1.33
CA ASN A 91 -6.31 0.69 -1.66
C ASN A 91 -6.48 -0.60 -2.47
N LEU A 92 -6.36 -1.72 -1.77
CA LEU A 92 -6.47 -3.03 -2.37
C LEU A 92 -7.08 -4.01 -1.36
N THR A 93 -8.13 -4.70 -1.77
CA THR A 93 -8.81 -5.66 -0.89
C THR A 93 -9.16 -6.94 -1.64
N ARG A 94 -9.41 -7.99 -0.89
CA ARG A 94 -9.75 -9.28 -1.47
C ARG A 94 -11.03 -9.18 -2.29
N CYS A 95 -10.90 -9.33 -3.61
CA CYS A 95 -12.05 -9.25 -4.51
C CYS A 95 -12.79 -10.58 -4.57
N PRO A 96 -14.13 -10.54 -4.63
CA PRO A 96 -14.96 -11.75 -4.69
C PRO A 96 -14.94 -12.40 -6.06
N VAL A 97 -13.75 -12.79 -6.51
CA VAL A 97 -13.59 -13.43 -7.81
C VAL A 97 -12.38 -14.35 -7.84
N THR A 98 -11.19 -13.77 -7.72
CA THR A 98 -9.95 -14.53 -7.72
C THR A 98 -9.84 -15.40 -6.47
N GLU A 99 -9.06 -16.47 -6.56
CA GLU A 99 -8.88 -17.37 -5.43
C GLU A 99 -7.39 -17.58 -5.13
N SER A 100 -7.09 -18.54 -4.27
CA SER A 100 -5.71 -18.83 -3.90
C SER A 100 -5.53 -20.32 -3.61
N SER A 101 -4.49 -20.91 -4.19
CA SER A 101 -4.20 -22.32 -3.98
C SER A 101 -2.94 -22.51 -3.14
N VAL A 102 -1.79 -22.25 -3.76
CA VAL A 102 -0.52 -22.39 -3.07
C VAL A 102 -0.41 -21.38 -1.92
N ILE A 1 -8.38 -9.27 2.63
CA ILE A 1 -8.59 -9.82 4.00
C ILE A 1 -9.38 -8.84 4.86
N GLU A 2 -9.02 -7.56 4.77
CA GLU A 2 -9.69 -6.52 5.54
C GLU A 2 -9.57 -6.79 7.04
N GLY A 3 -8.47 -7.42 7.44
CA GLY A 3 -8.26 -7.72 8.84
C GLY A 3 -8.65 -9.14 9.19
N ARG A 4 -7.73 -9.88 9.81
CA ARG A 4 -8.00 -11.26 10.20
C ARG A 4 -8.20 -11.36 11.71
N HIS A 5 -7.52 -10.50 12.46
CA HIS A 5 -7.64 -10.50 13.91
C HIS A 5 -8.41 -9.28 14.39
N MET A 6 -7.75 -8.12 14.38
CA MET A 6 -8.38 -6.88 14.82
C MET A 6 -7.44 -5.70 14.65
N ALA A 7 -7.97 -4.60 14.12
CA ALA A 7 -7.17 -3.40 13.90
C ALA A 7 -8.06 -2.17 13.72
N PRO A 8 -8.42 -1.50 14.82
CA PRO A 8 -9.28 -0.32 14.78
C PRO A 8 -8.54 0.90 14.21
N THR A 9 -8.13 0.79 12.95
CA THR A 9 -7.43 1.88 12.28
C THR A 9 -7.14 1.54 10.83
N GLU A 10 -6.77 0.28 10.58
CA GLU A 10 -6.47 -0.18 9.23
C GLU A 10 -7.02 -1.58 9.00
N ASN A 11 -6.87 -2.07 7.77
CA ASN A 11 -7.34 -3.41 7.42
C ASN A 11 -8.86 -3.48 7.52
N SER A 12 -9.37 -3.63 8.75
CA SER A 12 -10.79 -3.72 8.99
C SER A 12 -11.36 -2.37 9.41
N THR A 13 -10.73 -1.30 8.96
CA THR A 13 -11.17 0.06 9.29
C THR A 13 -10.56 1.07 8.34
N GLY A 14 -11.16 1.21 7.17
CA GLY A 14 -10.66 2.17 6.19
C GLY A 14 -10.63 1.59 4.78
N VAL A 15 -10.45 0.28 4.68
CA VAL A 15 -10.41 -0.39 3.40
C VAL A 15 -11.66 -0.12 2.58
N GLN A 16 -11.59 -0.39 1.27
CA GLN A 16 -12.72 -0.16 0.38
C GLN A 16 -12.51 -0.85 -0.96
N ASP A 17 -11.36 -0.59 -1.58
CA ASP A 17 -11.04 -1.18 -2.88
C ASP A 17 -10.64 -2.65 -2.71
N CYS A 18 -10.87 -3.43 -3.76
CA CYS A 18 -10.54 -4.85 -3.74
C CYS A 18 -9.28 -5.13 -4.54
N TYR A 19 -8.56 -6.19 -4.17
CA TYR A 19 -7.33 -6.55 -4.85
C TYR A 19 -7.55 -7.77 -5.74
N ARG A 20 -6.48 -8.25 -6.36
CA ARG A 20 -6.57 -9.42 -7.23
C ARG A 20 -5.29 -10.24 -7.20
N GLY A 21 -5.44 -11.56 -7.24
CA GLY A 21 -4.29 -12.45 -7.21
C GLY A 21 -3.39 -12.19 -6.01
N ASP A 22 -2.42 -11.32 -6.20
CA ASP A 22 -1.48 -10.97 -5.13
C ASP A 22 -0.98 -9.54 -5.30
N GLY A 23 -1.56 -8.62 -4.52
CA GLY A 23 -1.18 -7.22 -4.59
C GLY A 23 0.27 -6.99 -4.99
N GLN A 24 1.20 -7.40 -4.13
CA GLN A 24 2.62 -7.25 -4.40
C GLN A 24 2.96 -7.68 -5.83
N SER A 25 3.90 -6.97 -6.45
CA SER A 25 4.32 -7.27 -7.81
C SER A 25 5.45 -6.35 -8.26
N TYR A 26 6.31 -5.97 -7.32
CA TYR A 26 7.44 -5.09 -7.62
C TYR A 26 7.00 -3.89 -8.46
N ARG A 27 5.75 -3.48 -8.29
CA ARG A 27 5.21 -2.35 -9.03
C ARG A 27 4.12 -1.64 -8.23
N GLY A 28 3.41 -0.73 -8.89
CA GLY A 28 2.34 0.01 -8.23
C GLY A 28 1.95 1.27 -8.98
N THR A 29 0.73 1.28 -9.50
CA THR A 29 0.24 2.43 -10.26
C THR A 29 -0.69 3.28 -9.40
N LEU A 30 -1.40 2.64 -8.47
CA LEU A 30 -2.31 3.35 -7.59
C LEU A 30 -1.60 3.80 -6.32
N SER A 31 -0.87 4.92 -6.43
CA SER A 31 -0.13 5.46 -5.29
C SER A 31 -1.10 5.96 -4.21
N THR A 32 -1.67 5.02 -3.46
CA THR A 32 -2.61 5.36 -2.39
C THR A 32 -2.41 4.45 -1.19
N THR A 33 -3.40 4.46 -0.29
CA THR A 33 -3.33 3.64 0.91
C THR A 33 -4.72 3.13 1.30
N ILE A 34 -5.49 3.98 1.95
CA ILE A 34 -6.84 3.62 2.39
C ILE A 34 -7.79 4.81 2.37
N THR A 35 -7.29 5.98 2.77
CA THR A 35 -8.11 7.18 2.80
C THR A 35 -7.65 8.20 1.77
N GLY A 36 -7.40 7.72 0.55
CA GLY A 36 -6.98 8.60 -0.52
C GLY A 36 -5.58 9.17 -0.30
N ARG A 37 -4.86 8.65 0.69
CA ARG A 37 -3.52 9.12 0.96
C ARG A 37 -2.55 8.55 -0.08
N THR A 38 -1.29 8.36 0.29
CA THR A 38 -0.31 7.82 -0.64
C THR A 38 0.61 6.83 0.04
N CYS A 39 1.50 6.26 -0.73
CA CYS A 39 2.47 5.30 -0.24
C CYS A 39 3.66 5.99 0.44
N GLN A 40 3.74 7.31 0.30
CA GLN A 40 4.84 8.06 0.90
C GLN A 40 6.16 7.62 0.31
N SER A 41 6.74 8.46 -0.54
CA SER A 41 8.01 8.14 -1.17
C SER A 41 9.01 7.64 -0.14
N TRP A 42 9.89 6.76 -0.55
CA TRP A 42 10.90 6.21 0.35
C TRP A 42 12.11 7.13 0.41
N SER A 43 11.88 8.42 0.21
CA SER A 43 12.93 9.42 0.26
C SER A 43 12.44 10.71 0.91
N SER A 44 11.21 10.69 1.43
CA SER A 44 10.66 11.88 2.08
C SER A 44 10.81 11.80 3.60
N MET A 45 11.94 12.29 4.10
CA MET A 45 12.22 12.27 5.53
C MET A 45 11.90 13.63 6.16
N THR A 46 10.96 14.35 5.55
CA THR A 46 10.58 15.67 6.04
C THR A 46 9.43 15.57 7.05
N PRO A 47 8.29 14.98 6.65
CA PRO A 47 7.13 14.84 7.53
C PRO A 47 7.27 13.67 8.50
N HIS A 48 7.69 12.52 7.99
CA HIS A 48 7.86 11.33 8.82
C HIS A 48 9.13 10.57 8.44
N TRP A 49 9.57 9.68 9.34
CA TRP A 49 10.77 8.89 9.10
C TRP A 49 10.44 7.62 8.32
N HIS A 50 10.52 7.71 6.99
CA HIS A 50 10.23 6.57 6.13
C HIS A 50 11.11 5.37 6.50
N ARG A 51 11.04 4.31 5.70
CA ARG A 51 11.81 3.11 5.94
C ARG A 51 13.27 3.28 5.53
N ARG A 52 14.02 2.18 5.57
CA ARG A 52 15.43 2.19 5.20
C ARG A 52 15.59 2.68 3.77
N ILE A 53 15.74 3.99 3.62
CA ILE A 53 15.89 4.60 2.30
C ILE A 53 16.96 3.90 1.47
N PRO A 54 16.95 4.15 0.15
CA PRO A 54 17.91 3.57 -0.80
C PRO A 54 19.36 3.91 -0.47
N LEU A 55 19.82 3.43 0.69
CA LEU A 55 21.18 3.69 1.13
C LEU A 55 21.72 2.52 1.96
N TYR A 56 20.84 1.91 2.75
CA TYR A 56 21.23 0.78 3.59
C TYR A 56 20.88 -0.55 2.92
N TYR A 57 19.68 -0.62 2.35
CA TYR A 57 19.24 -1.84 1.67
C TYR A 57 19.71 -1.85 0.22
N PRO A 58 19.88 -3.05 -0.36
CA PRO A 58 20.32 -3.19 -1.75
C PRO A 58 19.42 -2.41 -2.71
N ASN A 59 19.99 -1.43 -3.40
CA ASN A 59 19.24 -0.61 -4.34
C ASN A 59 18.36 -1.47 -5.24
N ALA A 60 17.10 -1.65 -4.85
CA ALA A 60 16.16 -2.45 -5.60
C ALA A 60 15.59 -1.67 -6.78
N GLY A 61 14.98 -0.52 -6.48
CA GLY A 61 14.40 0.30 -7.53
C GLY A 61 12.99 0.75 -7.18
N LEU A 62 12.80 1.25 -5.97
CA LEU A 62 11.49 1.72 -5.54
C LEU A 62 11.01 2.86 -6.43
N THR A 63 9.73 2.84 -6.76
CA THR A 63 9.15 3.87 -7.62
C THR A 63 8.66 5.07 -6.79
N ARG A 64 9.60 5.80 -6.21
CA ARG A 64 9.28 6.98 -5.40
C ARG A 64 8.22 6.66 -4.36
N ASN A 65 6.99 7.16 -4.55
CA ASN A 65 5.91 6.92 -3.62
C ASN A 65 4.78 6.11 -4.27
N TYR A 66 5.16 5.15 -5.10
CA TYR A 66 4.18 4.34 -5.80
C TYR A 66 3.82 3.08 -5.01
N CYS A 67 2.73 3.17 -4.24
CA CYS A 67 2.23 2.03 -3.43
C CYS A 67 2.89 0.71 -3.81
N ARG A 68 3.54 0.06 -2.85
CA ARG A 68 4.19 -1.22 -3.11
C ARG A 68 4.81 -1.80 -1.84
N ASN A 69 5.29 -3.04 -1.95
CA ASN A 69 5.92 -3.73 -0.83
C ASN A 69 7.20 -4.43 -1.27
N PRO A 70 8.21 -4.49 -0.38
CA PRO A 70 9.49 -5.12 -0.68
C PRO A 70 9.42 -6.65 -0.64
N ASP A 71 8.77 -7.18 0.39
CA ASP A 71 8.65 -8.63 0.54
C ASP A 71 7.48 -9.17 -0.27
N ALA A 72 6.29 -9.24 0.34
CA ALA A 72 5.11 -9.75 -0.35
C ALA A 72 3.82 -9.32 0.34
N GLU A 73 3.35 -10.11 1.30
CA GLU A 73 2.13 -9.81 2.03
C GLU A 73 0.94 -9.70 1.07
N ILE A 74 -0.26 -9.81 1.62
CA ILE A 74 -1.48 -9.73 0.80
C ILE A 74 -1.50 -8.46 -0.05
N ARG A 75 -1.15 -7.33 0.57
CA ARG A 75 -1.13 -6.05 -0.13
C ARG A 75 -0.03 -5.14 0.42
N PRO A 76 0.50 -4.24 -0.43
CA PRO A 76 1.57 -3.30 -0.04
C PRO A 76 1.39 -2.76 1.36
N TRP A 77 2.48 -2.26 1.95
CA TRP A 77 2.44 -1.71 3.30
C TRP A 77 3.48 -0.61 3.49
N CYS A 78 3.10 0.61 3.14
CA CYS A 78 3.97 1.75 3.30
C CYS A 78 3.26 2.87 4.04
N TYR A 79 3.92 4.00 4.20
CA TYR A 79 3.33 5.13 4.92
C TYR A 79 2.50 6.00 3.98
N THR A 80 2.18 7.21 4.42
CA THR A 80 1.38 8.12 3.61
C THR A 80 1.98 9.52 3.58
N MET A 81 1.33 10.42 2.86
CA MET A 81 1.80 11.81 2.73
C MET A 81 1.11 12.71 3.76
N ASP A 82 0.74 12.13 4.90
CA ASP A 82 0.09 12.88 5.96
C ASP A 82 0.73 12.60 7.31
N PRO A 83 1.02 13.66 8.10
CA PRO A 83 1.65 13.51 9.41
C PRO A 83 0.65 13.12 10.49
N SER A 84 -0.08 12.03 10.26
CA SER A 84 -1.07 11.55 11.22
C SER A 84 -1.40 10.08 10.99
N VAL A 85 -0.45 9.34 10.44
CA VAL A 85 -0.64 7.92 10.16
C VAL A 85 0.58 7.11 10.56
N ARG A 86 1.71 7.40 9.90
CA ARG A 86 2.97 6.69 10.14
C ARG A 86 3.04 5.43 9.28
N TRP A 87 1.89 4.79 9.10
CA TRP A 87 1.80 3.58 8.28
C TRP A 87 0.34 3.29 7.93
N GLU A 88 0.13 2.66 6.78
CA GLU A 88 -1.22 2.32 6.33
C GLU A 88 -1.16 1.26 5.23
N TYR A 89 -2.31 0.65 4.96
CA TYR A 89 -2.40 -0.36 3.91
C TYR A 89 -2.75 0.29 2.58
N CYS A 90 -2.82 -0.52 1.53
CA CYS A 90 -3.16 0.00 0.21
C CYS A 90 -4.48 -0.58 -0.27
N ASN A 91 -5.18 0.19 -1.11
CA ASN A 91 -6.46 -0.25 -1.66
C ASN A 91 -6.39 -1.69 -2.17
N LEU A 92 -6.66 -2.63 -1.28
CA LEU A 92 -6.62 -4.04 -1.62
C LEU A 92 -7.48 -4.85 -0.65
N THR A 93 -8.54 -5.43 -1.17
CA THR A 93 -9.46 -6.24 -0.38
C THR A 93 -9.96 -7.42 -1.19
N ARG A 94 -10.44 -8.43 -0.51
CA ARG A 94 -10.94 -9.61 -1.17
C ARG A 94 -12.14 -9.29 -2.05
N CYS A 95 -11.95 -9.43 -3.36
CA CYS A 95 -13.00 -9.14 -4.33
C CYS A 95 -13.89 -10.36 -4.55
N PRO A 96 -15.22 -10.16 -4.67
CA PRO A 96 -16.17 -11.26 -4.87
C PRO A 96 -16.04 -11.88 -6.26
N VAL A 97 -15.50 -13.09 -6.30
CA VAL A 97 -15.32 -13.80 -7.56
C VAL A 97 -16.66 -14.26 -8.13
N THR A 98 -17.61 -14.56 -7.24
CA THR A 98 -18.94 -15.02 -7.64
C THR A 98 -18.86 -16.06 -8.76
N GLU A 99 -18.91 -15.60 -10.01
CA GLU A 99 -18.85 -16.52 -11.15
C GLU A 99 -18.02 -15.91 -12.28
N SER A 100 -17.95 -16.62 -13.40
CA SER A 100 -17.20 -16.15 -14.56
C SER A 100 -15.72 -16.01 -14.23
N SER A 101 -14.88 -16.80 -14.90
CA SER A 101 -13.45 -16.76 -14.69
C SER A 101 -12.75 -15.90 -15.73
N VAL A 102 -13.41 -14.82 -16.13
CA VAL A 102 -12.86 -13.91 -17.13
C VAL A 102 -12.71 -14.61 -18.48
N ILE A 1 -9.75 -2.23 -6.43
CA ILE A 1 -8.73 -2.18 -7.51
C ILE A 1 -8.49 -0.75 -7.97
N GLU A 2 -7.63 -0.04 -7.25
CA GLU A 2 -7.31 1.35 -7.58
C GLU A 2 -8.56 2.22 -7.54
N GLY A 3 -9.18 2.30 -6.36
CA GLY A 3 -10.38 3.10 -6.22
C GLY A 3 -10.16 4.31 -5.33
N ARG A 4 -11.19 5.16 -5.23
CA ARG A 4 -11.10 6.36 -4.41
C ARG A 4 -12.45 6.70 -3.79
N HIS A 5 -12.46 6.89 -2.47
CA HIS A 5 -13.69 7.21 -1.76
C HIS A 5 -13.41 7.45 -0.28
N MET A 6 -14.47 7.48 0.52
CA MET A 6 -14.33 7.72 1.96
C MET A 6 -13.42 6.67 2.60
N ALA A 7 -13.87 5.41 2.59
CA ALA A 7 -13.10 4.32 3.16
C ALA A 7 -12.86 4.55 4.66
N PRO A 8 -13.78 4.10 5.51
CA PRO A 8 -13.66 4.26 6.97
C PRO A 8 -12.61 3.33 7.56
N THR A 9 -12.20 3.62 8.79
CA THR A 9 -11.20 2.82 9.49
C THR A 9 -10.02 2.48 8.57
N GLU A 10 -9.20 1.52 9.00
CA GLU A 10 -8.04 1.10 8.22
C GLU A 10 -8.05 -0.41 7.98
N ASN A 11 -7.37 -0.85 6.93
CA ASN A 11 -7.30 -2.27 6.60
C ASN A 11 -8.66 -2.78 6.13
N SER A 12 -8.82 -4.10 6.11
CA SER A 12 -10.08 -4.72 5.68
C SER A 12 -11.27 -4.05 6.32
N THR A 13 -12.44 -4.22 5.69
CA THR A 13 -13.68 -3.61 6.19
C THR A 13 -13.53 -2.10 6.32
N GLY A 14 -12.69 -1.53 5.46
CA GLY A 14 -12.48 -0.09 5.47
C GLY A 14 -11.51 0.36 4.41
N VAL A 15 -12.00 0.47 3.17
CA VAL A 15 -11.16 0.90 2.06
C VAL A 15 -11.97 0.96 0.76
N GLN A 16 -12.87 0.00 0.59
CA GLN A 16 -13.71 -0.05 -0.62
C GLN A 16 -12.85 -0.27 -1.86
N ASP A 17 -12.01 -1.29 -1.81
CA ASP A 17 -11.13 -1.61 -2.93
C ASP A 17 -10.56 -3.02 -2.80
N CYS A 18 -10.81 -3.86 -3.80
CA CYS A 18 -10.33 -5.23 -3.79
C CYS A 18 -9.11 -5.39 -4.69
N TYR A 19 -8.29 -6.40 -4.40
CA TYR A 19 -7.09 -6.65 -5.16
C TYR A 19 -7.29 -7.88 -6.06
N ARG A 20 -6.24 -8.28 -6.77
CA ARG A 20 -6.31 -9.43 -7.65
C ARG A 20 -4.99 -10.19 -7.67
N GLY A 21 -5.07 -11.52 -7.72
CA GLY A 21 -3.87 -12.34 -7.74
C GLY A 21 -2.90 -11.95 -6.64
N ASP A 22 -1.70 -11.53 -7.02
CA ASP A 22 -0.69 -11.14 -6.06
C ASP A 22 -0.81 -9.65 -5.76
N GLY A 23 -1.67 -9.32 -4.78
CA GLY A 23 -1.88 -7.93 -4.40
C GLY A 23 -0.60 -7.11 -4.44
N GLN A 24 0.52 -7.74 -4.13
CA GLN A 24 1.80 -7.06 -4.14
C GLN A 24 2.12 -6.50 -5.53
N SER A 25 1.99 -7.36 -6.54
CA SER A 25 2.25 -6.96 -7.92
C SER A 25 3.58 -6.24 -8.05
N TYR A 26 4.51 -6.53 -7.14
CA TYR A 26 5.83 -5.91 -7.17
C TYR A 26 5.71 -4.40 -6.99
N ARG A 27 5.38 -3.70 -8.07
CA ARG A 27 5.24 -2.25 -8.03
C ARG A 27 3.89 -1.82 -8.61
N GLY A 28 3.16 -1.01 -7.84
CA GLY A 28 1.86 -0.54 -8.29
C GLY A 28 1.90 0.91 -8.73
N THR A 29 0.95 1.29 -9.58
CA THR A 29 0.88 2.66 -10.09
C THR A 29 -0.31 3.39 -9.48
N LEU A 30 -0.72 2.99 -8.28
CA LEU A 30 -1.84 3.61 -7.60
C LEU A 30 -1.36 4.77 -6.73
N SER A 31 -0.29 4.54 -5.98
CA SER A 31 0.26 5.57 -5.10
C SER A 31 -0.78 6.07 -4.11
N THR A 32 -1.53 5.14 -3.54
CA THR A 32 -2.57 5.49 -2.57
C THR A 32 -2.44 4.63 -1.32
N THR A 33 -3.49 4.62 -0.49
CA THR A 33 -3.48 3.83 0.73
C THR A 33 -4.87 3.28 1.04
N ILE A 34 -5.70 4.09 1.69
CA ILE A 34 -7.04 3.67 2.05
C ILE A 34 -8.06 4.79 1.84
N THR A 35 -7.68 6.01 2.20
CA THR A 35 -8.56 7.16 2.06
C THR A 35 -8.03 8.15 1.01
N GLY A 36 -7.16 7.66 0.13
CA GLY A 36 -6.62 8.53 -0.91
C GLY A 36 -5.21 9.01 -0.60
N ARG A 37 -4.85 9.06 0.67
CA ARG A 37 -3.53 9.52 1.06
C ARG A 37 -2.45 8.62 0.46
N THR A 38 -1.47 9.24 -0.19
CA THR A 38 -0.39 8.51 -0.83
C THR A 38 0.24 7.48 0.11
N CYS A 39 1.20 6.74 -0.43
CA CYS A 39 1.92 5.74 0.34
C CYS A 39 3.24 6.30 0.85
N GLN A 40 3.48 7.60 0.58
CA GLN A 40 4.71 8.26 1.02
C GLN A 40 5.94 7.66 0.34
N SER A 41 6.88 8.52 0.00
CA SER A 41 8.10 8.09 -0.64
C SER A 41 9.10 7.58 0.39
N TRP A 42 9.49 6.31 0.24
CA TRP A 42 10.43 5.69 1.17
C TRP A 42 11.67 6.57 1.37
N SER A 43 11.91 7.48 0.42
CA SER A 43 13.05 8.38 0.50
C SER A 43 12.64 9.78 0.93
N SER A 44 11.35 10.10 0.81
CA SER A 44 10.85 11.42 1.20
C SER A 44 10.63 11.49 2.70
N MET A 45 11.73 11.44 3.45
CA MET A 45 11.66 11.51 4.90
C MET A 45 11.72 12.96 5.40
N THR A 46 10.85 13.79 4.85
CA THR A 46 10.80 15.19 5.23
C THR A 46 9.84 15.41 6.41
N PRO A 47 8.56 15.04 6.24
CA PRO A 47 7.55 15.20 7.29
C PRO A 47 7.58 14.04 8.30
N HIS A 48 7.88 12.84 7.80
CA HIS A 48 7.94 11.66 8.64
C HIS A 48 8.80 10.57 8.00
N TRP A 49 9.64 9.93 8.80
CA TRP A 49 10.52 8.87 8.31
C TRP A 49 9.72 7.75 7.68
N HIS A 50 10.41 6.75 7.14
CA HIS A 50 9.74 5.61 6.50
C HIS A 50 10.43 4.30 6.86
N ARG A 51 11.63 4.10 6.33
CA ARG A 51 12.38 2.88 6.59
C ARG A 51 13.77 2.94 5.96
N ARG A 52 14.46 1.80 5.96
CA ARG A 52 15.80 1.73 5.37
C ARG A 52 15.80 2.28 3.95
N ILE A 53 16.11 3.56 3.82
CA ILE A 53 16.14 4.21 2.51
C ILE A 53 17.09 3.52 1.55
N PRO A 54 16.94 3.81 0.26
CA PRO A 54 17.77 3.22 -0.82
C PRO A 54 19.27 3.46 -0.65
N LEU A 55 19.82 2.94 0.45
CA LEU A 55 21.25 3.09 0.71
C LEU A 55 21.80 1.87 1.45
N TYR A 56 20.99 1.31 2.35
CA TYR A 56 21.40 0.15 3.12
C TYR A 56 20.96 -1.14 2.43
N TYR A 57 19.76 -1.12 1.85
CA TYR A 57 19.24 -2.29 1.14
C TYR A 57 19.65 -2.26 -0.33
N PRO A 58 19.73 -3.44 -0.96
CA PRO A 58 20.10 -3.53 -2.39
C PRO A 58 19.23 -2.63 -3.26
N ASN A 59 19.87 -1.63 -3.87
CA ASN A 59 19.15 -0.68 -4.73
C ASN A 59 18.20 -1.41 -5.68
N ALA A 60 16.94 -1.52 -5.27
CA ALA A 60 15.93 -2.19 -6.07
C ALA A 60 15.38 -1.26 -7.14
N GLY A 61 14.61 -0.26 -6.72
CA GLY A 61 14.04 0.69 -7.66
C GLY A 61 12.70 1.24 -7.20
N LEU A 62 12.65 1.68 -5.95
CA LEU A 62 11.42 2.24 -5.40
C LEU A 62 10.99 3.47 -6.19
N THR A 63 9.75 3.45 -6.67
CA THR A 63 9.22 4.55 -7.47
C THR A 63 8.76 5.69 -6.56
N ARG A 64 9.73 6.38 -5.96
CA ARG A 64 9.43 7.50 -5.07
C ARG A 64 8.40 7.11 -4.00
N ASN A 65 7.16 7.60 -4.13
CA ASN A 65 6.11 7.28 -3.18
C ASN A 65 5.00 6.48 -3.83
N TYR A 66 5.39 5.54 -4.69
CA TYR A 66 4.43 4.70 -5.39
C TYR A 66 4.12 3.43 -4.60
N CYS A 67 3.04 3.48 -3.81
CA CYS A 67 2.59 2.35 -2.98
C CYS A 67 3.26 1.03 -3.40
N ARG A 68 3.83 0.33 -2.42
CA ARG A 68 4.51 -0.93 -2.69
C ARG A 68 5.06 -1.55 -1.41
N ASN A 69 5.66 -2.73 -1.55
CA ASN A 69 6.23 -3.42 -0.40
C ASN A 69 7.64 -3.91 -0.73
N PRO A 70 8.57 -3.81 0.23
CA PRO A 70 9.97 -4.24 0.05
C PRO A 70 10.10 -5.74 -0.16
N ASP A 71 9.33 -6.51 0.61
CA ASP A 71 9.37 -7.97 0.50
C ASP A 71 8.14 -8.49 -0.23
N ALA A 72 7.20 -9.10 0.50
CA ALA A 72 5.98 -9.63 -0.11
C ALA A 72 4.88 -9.83 0.93
N GLU A 73 3.64 -9.73 0.50
CA GLU A 73 2.49 -9.89 1.38
C GLU A 73 1.18 -9.67 0.63
N ILE A 74 0.08 -10.12 1.21
CA ILE A 74 -1.23 -9.97 0.60
C ILE A 74 -1.50 -8.52 0.23
N ARG A 75 -1.15 -7.61 1.14
CA ARG A 75 -1.36 -6.19 0.91
C ARG A 75 -0.10 -5.41 1.30
N PRO A 76 0.41 -4.54 0.41
CA PRO A 76 1.61 -3.74 0.68
C PRO A 76 1.51 -3.01 2.01
N TRP A 77 2.55 -2.24 2.35
CA TRP A 77 2.59 -1.49 3.60
C TRP A 77 3.47 -0.27 3.48
N CYS A 78 2.84 0.89 3.30
CA CYS A 78 3.57 2.15 3.18
C CYS A 78 2.97 3.20 4.10
N TYR A 79 3.57 4.38 4.11
CA TYR A 79 3.10 5.48 4.95
C TYR A 79 2.06 6.32 4.19
N THR A 80 1.82 7.55 4.66
CA THR A 80 0.85 8.42 4.01
C THR A 80 1.28 9.88 4.14
N MET A 81 1.02 10.66 3.10
CA MET A 81 1.37 12.08 3.10
C MET A 81 0.90 12.76 4.39
N ASP A 82 -0.16 12.21 4.99
CA ASP A 82 -0.69 12.76 6.23
C ASP A 82 0.18 12.33 7.41
N PRO A 83 0.77 13.30 8.13
CA PRO A 83 1.63 13.02 9.29
C PRO A 83 0.87 12.40 10.47
N SER A 84 -0.45 12.32 10.35
CA SER A 84 -1.27 11.75 11.41
C SER A 84 -1.57 10.28 11.16
N VAL A 85 -0.59 9.57 10.63
CA VAL A 85 -0.74 8.14 10.34
C VAL A 85 0.54 7.37 10.62
N ARG A 86 1.57 7.65 9.83
CA ARG A 86 2.87 6.99 9.95
C ARG A 86 2.89 5.66 9.19
N TRP A 87 1.72 5.07 9.00
CA TRP A 87 1.62 3.79 8.28
C TRP A 87 0.17 3.52 7.87
N GLU A 88 0.00 2.92 6.70
CA GLU A 88 -1.35 2.61 6.20
C GLU A 88 -1.29 1.55 5.10
N TYR A 89 -2.43 0.94 4.83
CA TYR A 89 -2.50 -0.09 3.79
C TYR A 89 -2.86 0.53 2.46
N CYS A 90 -2.89 -0.29 1.41
CA CYS A 90 -3.21 0.21 0.07
C CYS A 90 -4.57 -0.34 -0.40
N ASN A 91 -5.13 0.30 -1.42
CA ASN A 91 -6.41 -0.13 -1.96
C ASN A 91 -6.28 -1.53 -2.55
N LEU A 92 -6.41 -2.53 -1.68
CA LEU A 92 -6.28 -3.92 -2.09
C LEU A 92 -6.94 -4.83 -1.05
N THR A 93 -8.01 -5.50 -1.46
CA THR A 93 -8.74 -6.40 -0.58
C THR A 93 -9.17 -7.65 -1.32
N ARG A 94 -9.46 -8.69 -0.57
CA ARG A 94 -9.88 -9.95 -1.16
C ARG A 94 -11.19 -9.78 -1.92
N CYS A 95 -11.11 -9.93 -3.24
CA CYS A 95 -12.30 -9.80 -4.09
C CYS A 95 -13.09 -11.10 -4.17
N PRO A 96 -12.48 -12.18 -4.71
CA PRO A 96 -13.14 -13.48 -4.82
C PRO A 96 -13.71 -13.97 -3.50
N VAL A 97 -15.02 -14.15 -3.44
CA VAL A 97 -15.68 -14.62 -2.23
C VAL A 97 -16.79 -15.61 -2.56
N THR A 98 -17.88 -15.11 -3.12
CA THR A 98 -19.02 -15.95 -3.49
C THR A 98 -19.56 -16.70 -2.28
N GLU A 99 -18.94 -17.84 -1.96
CA GLU A 99 -19.37 -18.65 -0.83
C GLU A 99 -18.46 -19.87 -0.66
N SER A 100 -17.33 -19.68 0.00
CA SER A 100 -16.37 -20.75 0.23
C SER A 100 -17.02 -21.90 0.99
N SER A 101 -16.75 -23.12 0.56
CA SER A 101 -17.30 -24.30 1.21
C SER A 101 -18.82 -24.30 1.14
N VAL A 102 -19.42 -25.49 1.22
CA VAL A 102 -20.86 -25.62 1.17
C VAL A 102 -21.45 -25.85 2.56
N ILE A 1 -7.34 -2.01 -5.76
CA ILE A 1 -7.93 -1.39 -6.98
C ILE A 1 -8.86 -0.25 -6.62
N GLU A 2 -8.29 0.83 -6.10
CA GLU A 2 -9.06 2.01 -5.71
C GLU A 2 -10.07 2.40 -6.79
N GLY A 3 -11.25 2.83 -6.37
CA GLY A 3 -12.27 3.23 -7.32
C GLY A 3 -13.26 4.21 -6.72
N ARG A 4 -14.47 3.72 -6.41
CA ARG A 4 -15.50 4.56 -5.83
C ARG A 4 -15.59 4.36 -4.32
N HIS A 5 -16.65 4.89 -3.72
CA HIS A 5 -16.86 4.76 -2.28
C HIS A 5 -15.74 5.46 -1.51
N MET A 6 -15.87 5.53 -0.19
CA MET A 6 -14.87 6.18 0.65
C MET A 6 -14.47 5.26 1.82
N ALA A 7 -15.31 5.24 2.85
CA ALA A 7 -15.04 4.42 4.02
C ALA A 7 -13.72 4.81 4.68
N PRO A 8 -13.76 5.73 5.67
CA PRO A 8 -12.57 6.18 6.38
C PRO A 8 -11.93 5.07 7.22
N THR A 9 -10.90 5.44 7.98
CA THR A 9 -10.20 4.47 8.83
C THR A 9 -9.52 3.40 7.98
N GLU A 10 -8.32 3.02 8.39
CA GLU A 10 -7.56 2.00 7.67
C GLU A 10 -7.59 0.67 8.42
N ASN A 11 -7.32 -0.41 7.71
CA ASN A 11 -7.31 -1.75 8.30
C ASN A 11 -8.72 -2.17 8.73
N SER A 12 -9.22 -1.54 9.79
CA SER A 12 -10.55 -1.85 10.30
C SER A 12 -11.49 -0.66 10.10
N THR A 13 -12.79 -0.95 10.04
CA THR A 13 -13.79 0.09 9.85
C THR A 13 -13.51 0.90 8.59
N GLY A 14 -12.94 0.25 7.59
CA GLY A 14 -12.63 0.93 6.34
C GLY A 14 -12.11 -0.01 5.28
N VAL A 15 -12.99 -0.86 4.77
CA VAL A 15 -12.61 -1.82 3.73
C VAL A 15 -13.51 -1.69 2.51
N GLN A 16 -12.93 -1.23 1.41
CA GLN A 16 -13.67 -1.06 0.17
C GLN A 16 -12.81 -1.43 -1.04
N ASP A 17 -11.67 -0.77 -1.18
CA ASP A 17 -10.76 -1.03 -2.28
C ASP A 17 -10.28 -2.48 -2.26
N CYS A 18 -10.63 -3.24 -3.29
CA CYS A 18 -10.26 -4.64 -3.39
C CYS A 18 -9.09 -4.80 -4.35
N TYR A 19 -8.28 -5.83 -4.13
CA TYR A 19 -7.11 -6.10 -4.96
C TYR A 19 -7.38 -7.27 -5.91
N ARG A 20 -6.38 -7.64 -6.69
CA ARG A 20 -6.51 -8.76 -7.62
C ARG A 20 -5.17 -9.42 -7.89
N GLY A 21 -5.21 -10.63 -8.41
CA GLY A 21 -3.98 -11.36 -8.70
C GLY A 21 -3.06 -11.44 -7.50
N ASP A 22 -2.15 -10.48 -7.40
CA ASP A 22 -1.21 -10.44 -6.29
C ASP A 22 -1.33 -9.12 -5.54
N GLY A 23 -2.22 -9.07 -4.57
CA GLY A 23 -2.42 -7.86 -3.78
C GLY A 23 -1.10 -7.21 -3.38
N GLN A 24 -0.06 -8.05 -3.23
CA GLN A 24 1.26 -7.57 -2.85
C GLN A 24 1.69 -6.38 -3.72
N SER A 25 1.93 -6.65 -5.00
CA SER A 25 2.34 -5.61 -5.94
C SER A 25 3.49 -4.78 -5.37
N TYR A 26 4.71 -5.14 -5.74
CA TYR A 26 5.89 -4.41 -5.28
C TYR A 26 6.36 -3.40 -6.32
N ARG A 27 5.41 -2.90 -7.12
CA ARG A 27 5.72 -1.93 -8.16
C ARG A 27 4.46 -1.53 -8.91
N GLY A 28 3.35 -1.40 -8.18
CA GLY A 28 2.10 -1.03 -8.79
C GLY A 28 2.16 0.31 -9.51
N THR A 29 1.04 0.75 -10.05
CA THR A 29 0.96 2.01 -10.76
C THR A 29 0.29 3.10 -9.91
N LEU A 30 -0.44 2.67 -8.89
CA LEU A 30 -1.13 3.62 -8.01
C LEU A 30 -0.23 4.02 -6.84
N SER A 31 -0.44 5.23 -6.33
CA SER A 31 0.34 5.73 -5.20
C SER A 31 -0.56 5.97 -3.99
N THR A 32 -1.87 5.79 -4.17
CA THR A 32 -2.83 5.99 -3.10
C THR A 32 -2.85 4.79 -2.17
N THR A 33 -3.49 4.95 -1.03
CA THR A 33 -3.58 3.89 -0.05
C THR A 33 -4.74 4.15 0.92
N ILE A 34 -5.73 3.27 0.88
CA ILE A 34 -6.91 3.36 1.74
C ILE A 34 -8.00 4.24 1.14
N THR A 35 -7.76 5.54 1.07
CA THR A 35 -8.76 6.45 0.52
C THR A 35 -8.15 7.74 0.00
N GLY A 36 -7.74 8.60 0.92
CA GLY A 36 -7.16 9.88 0.53
C GLY A 36 -5.75 10.06 1.05
N ARG A 37 -4.94 9.01 0.94
CA ARG A 37 -3.56 9.06 1.40
C ARG A 37 -2.65 8.29 0.44
N THR A 38 -1.38 8.67 0.40
CA THR A 38 -0.43 8.01 -0.48
C THR A 38 0.39 6.97 0.26
N CYS A 39 1.31 6.37 -0.47
CA CYS A 39 2.20 5.35 0.09
C CYS A 39 3.43 5.99 0.75
N GLN A 40 3.67 7.26 0.45
CA GLN A 40 4.82 7.97 1.01
C GLN A 40 6.11 7.46 0.38
N SER A 41 6.81 8.35 -0.30
CA SER A 41 8.06 7.98 -0.94
C SER A 41 9.06 7.48 0.08
N TRP A 42 9.88 6.52 -0.31
CA TRP A 42 10.88 5.96 0.58
C TRP A 42 12.11 6.88 0.67
N SER A 43 11.97 8.10 0.16
CA SER A 43 13.06 9.06 0.18
C SER A 43 12.61 10.39 0.79
N SER A 44 11.32 10.50 1.11
CA SER A 44 10.79 11.73 1.70
C SER A 44 11.10 11.79 3.20
N MET A 45 12.21 12.44 3.53
CA MET A 45 12.62 12.58 4.93
C MET A 45 12.41 14.01 5.42
N THR A 46 11.17 14.34 5.77
CA THR A 46 10.84 15.67 6.25
C THR A 46 9.66 15.63 7.22
N PRO A 47 8.45 15.27 6.75
CA PRO A 47 7.26 15.19 7.60
C PRO A 47 7.31 13.99 8.56
N HIS A 48 7.71 12.85 8.03
CA HIS A 48 7.80 11.63 8.83
C HIS A 48 8.81 10.66 8.23
N TRP A 49 9.70 10.14 9.08
CA TRP A 49 10.72 9.20 8.62
C TRP A 49 10.09 7.99 7.94
N HIS A 50 10.85 7.36 7.06
CA HIS A 50 10.38 6.18 6.33
C HIS A 50 11.26 4.97 6.64
N ARG A 51 10.99 3.86 5.95
CA ARG A 51 11.76 2.64 6.15
C ARG A 51 13.15 2.76 5.55
N ARG A 52 13.86 1.63 5.45
CA ARG A 52 15.20 1.61 4.90
C ARG A 52 15.24 2.38 3.58
N ILE A 53 16.15 3.34 3.49
CA ILE A 53 16.27 4.16 2.29
C ILE A 53 17.37 3.67 1.38
N PRO A 54 17.31 4.10 0.10
CA PRO A 54 18.28 3.73 -0.93
C PRO A 54 19.73 4.06 -0.55
N LEU A 55 20.21 3.43 0.51
CA LEU A 55 21.56 3.66 0.97
C LEU A 55 22.16 2.40 1.62
N TYR A 56 21.33 1.68 2.36
CA TYR A 56 21.76 0.46 3.03
C TYR A 56 21.58 -0.74 2.13
N TYR A 57 20.44 -0.81 1.45
CA TYR A 57 20.16 -1.91 0.55
C TYR A 57 20.67 -1.62 -0.85
N PRO A 58 20.93 -2.66 -1.66
CA PRO A 58 21.44 -2.49 -3.03
C PRO A 58 20.42 -1.88 -3.99
N ASN A 59 19.85 -0.74 -3.58
CA ASN A 59 18.86 -0.03 -4.40
C ASN A 59 17.97 -0.99 -5.19
N ALA A 60 16.92 -1.50 -4.53
CA ALA A 60 16.00 -2.43 -5.16
C ALA A 60 15.37 -1.80 -6.41
N GLY A 61 14.70 -0.67 -6.23
CA GLY A 61 14.07 0.00 -7.36
C GLY A 61 12.67 0.49 -7.02
N LEU A 62 12.51 1.07 -5.85
CA LEU A 62 11.22 1.60 -5.42
C LEU A 62 10.80 2.78 -6.28
N THR A 63 9.52 2.82 -6.65
CA THR A 63 9.00 3.90 -7.48
C THR A 63 8.56 5.09 -6.62
N ARG A 64 9.48 5.57 -5.79
CA ARG A 64 9.19 6.70 -4.91
C ARG A 64 8.03 6.38 -3.95
N ASN A 65 6.92 7.10 -4.07
CA ASN A 65 5.76 6.88 -3.22
C ASN A 65 4.71 6.06 -3.96
N TYR A 66 5.17 5.08 -4.73
CA TYR A 66 4.28 4.24 -5.51
C TYR A 66 3.83 3.01 -4.74
N CYS A 67 2.73 3.14 -4.00
CA CYS A 67 2.16 2.04 -3.20
C CYS A 67 2.82 0.70 -3.54
N ARG A 68 3.43 0.06 -2.55
CA ARG A 68 4.08 -1.23 -2.78
C ARG A 68 4.61 -1.84 -1.48
N ASN A 69 5.23 -3.01 -1.61
CA ASN A 69 5.78 -3.72 -0.45
C ASN A 69 6.95 -4.59 -0.87
N PRO A 70 8.09 -4.51 -0.16
CA PRO A 70 9.28 -5.31 -0.47
C PRO A 70 9.00 -6.81 -0.43
N ASP A 71 8.86 -7.35 0.78
CA ASP A 71 8.58 -8.77 0.95
C ASP A 71 7.12 -9.06 0.60
N ALA A 72 6.82 -9.05 -0.70
CA ALA A 72 5.46 -9.29 -1.17
C ALA A 72 4.85 -10.55 -0.55
N GLU A 73 3.80 -10.35 0.24
CA GLU A 73 3.10 -11.44 0.90
C GLU A 73 1.70 -11.60 0.32
N ILE A 74 0.82 -10.67 0.67
CA ILE A 74 -0.56 -10.67 0.18
C ILE A 74 -1.02 -9.26 -0.17
N ARG A 75 -0.73 -8.33 0.74
CA ARG A 75 -1.10 -6.94 0.54
C ARG A 75 0.10 -6.02 0.76
N PRO A 76 0.04 -4.78 0.25
CA PRO A 76 1.11 -3.80 0.40
C PRO A 76 1.15 -3.23 1.81
N TRP A 77 2.25 -2.56 2.15
CA TRP A 77 2.38 -1.95 3.47
C TRP A 77 3.44 -0.87 3.51
N CYS A 78 2.98 0.37 3.56
CA CYS A 78 3.87 1.51 3.62
C CYS A 78 3.17 2.66 4.35
N TYR A 79 3.85 3.79 4.46
CA TYR A 79 3.28 4.95 5.14
C TYR A 79 2.51 5.84 4.16
N THR A 80 2.27 7.09 4.55
CA THR A 80 1.52 8.01 3.70
C THR A 80 2.03 9.45 3.86
N MET A 81 1.60 10.31 2.96
CA MET A 81 1.97 11.71 2.99
C MET A 81 1.27 12.43 4.13
N ASP A 82 0.08 11.93 4.49
CA ASP A 82 -0.71 12.52 5.56
C ASP A 82 0.00 12.34 6.91
N PRO A 83 0.41 13.46 7.55
CA PRO A 83 1.09 13.42 8.85
C PRO A 83 0.14 13.06 9.99
N SER A 84 -0.60 11.96 9.83
CA SER A 84 -1.54 11.51 10.84
C SER A 84 -1.88 10.04 10.63
N VAL A 85 -0.87 9.26 10.24
CA VAL A 85 -1.04 7.84 9.99
C VAL A 85 0.19 7.05 10.37
N ARG A 86 1.27 7.28 9.62
CA ARG A 86 2.54 6.59 9.83
C ARG A 86 2.54 5.25 9.09
N TRP A 87 1.37 4.64 8.94
CA TRP A 87 1.25 3.37 8.25
C TRP A 87 -0.21 3.06 7.92
N GLU A 88 -0.45 2.49 6.75
CA GLU A 88 -1.81 2.14 6.34
C GLU A 88 -1.78 1.13 5.18
N TYR A 89 -2.88 0.40 5.00
CA TYR A 89 -2.96 -0.61 3.93
C TYR A 89 -3.51 -0.02 2.63
N CYS A 90 -2.68 -0.07 1.59
CA CYS A 90 -3.04 0.44 0.27
C CYS A 90 -4.48 0.09 -0.11
N ASN A 91 -4.99 0.77 -1.15
CA ASN A 91 -6.34 0.54 -1.63
C ASN A 91 -6.44 -0.84 -2.30
N LEU A 92 -6.17 -1.87 -1.53
CA LEU A 92 -6.21 -3.23 -2.01
C LEU A 92 -6.74 -4.16 -0.91
N THR A 93 -7.80 -4.89 -1.21
CA THR A 93 -8.41 -5.79 -0.24
C THR A 93 -8.84 -7.09 -0.90
N ARG A 94 -8.99 -8.12 -0.09
CA ARG A 94 -9.40 -9.42 -0.59
C ARG A 94 -10.80 -9.36 -1.20
N CYS A 95 -10.87 -9.57 -2.52
CA CYS A 95 -12.14 -9.53 -3.23
C CYS A 95 -12.89 -10.85 -3.06
N PRO A 96 -14.24 -10.80 -3.04
CA PRO A 96 -15.08 -11.99 -2.88
C PRO A 96 -15.03 -12.90 -4.11
N VAL A 97 -14.91 -14.20 -3.87
CA VAL A 97 -14.85 -15.18 -4.95
C VAL A 97 -15.23 -16.56 -4.46
N THR A 98 -16.10 -16.62 -3.45
CA THR A 98 -16.54 -17.89 -2.89
C THR A 98 -17.95 -18.24 -3.36
N GLU A 99 -18.56 -19.24 -2.73
CA GLU A 99 -19.91 -19.67 -3.09
C GLU A 99 -19.92 -20.33 -4.46
N SER A 100 -19.64 -19.56 -5.50
CA SER A 100 -19.62 -20.07 -6.86
C SER A 100 -18.60 -21.19 -7.01
N SER A 101 -19.08 -22.42 -7.10
CA SER A 101 -18.20 -23.57 -7.25
C SER A 101 -17.28 -23.72 -6.05
N VAL A 102 -16.85 -24.95 -5.77
CA VAL A 102 -15.97 -25.22 -4.65
C VAL A 102 -14.52 -24.87 -4.99
N ILE A 1 -8.34 -2.29 -8.39
CA ILE A 1 -7.05 -1.58 -8.19
C ILE A 1 -7.25 -0.07 -8.19
N GLU A 2 -7.43 0.50 -7.00
CA GLU A 2 -7.64 1.94 -6.86
C GLU A 2 -8.93 2.37 -7.54
N GLY A 3 -9.77 3.09 -6.80
CA GLY A 3 -11.03 3.56 -7.35
C GLY A 3 -12.18 3.40 -6.38
N ARG A 4 -13.12 4.34 -6.43
CA ARG A 4 -14.28 4.32 -5.54
C ARG A 4 -13.85 4.42 -4.08
N HIS A 5 -14.20 5.52 -3.44
CA HIS A 5 -13.85 5.74 -2.03
C HIS A 5 -15.10 5.80 -1.16
N MET A 6 -15.37 4.70 -0.45
CA MET A 6 -16.53 4.63 0.43
C MET A 6 -16.17 3.95 1.75
N ALA A 7 -16.14 4.74 2.82
CA ALA A 7 -15.81 4.22 4.14
C ALA A 7 -14.41 3.58 4.15
N PRO A 8 -13.39 4.36 3.78
CA PRO A 8 -12.01 3.87 3.74
C PRO A 8 -11.43 3.67 5.14
N THR A 9 -10.81 2.51 5.36
CA THR A 9 -10.22 2.19 6.64
C THR A 9 -9.21 1.04 6.51
N GLU A 10 -8.02 1.24 7.06
CA GLU A 10 -6.97 0.24 7.00
C GLU A 10 -7.43 -1.07 7.65
N ASN A 11 -7.29 -2.18 6.92
CA ASN A 11 -7.70 -3.48 7.43
C ASN A 11 -9.21 -3.52 7.66
N SER A 12 -9.66 -4.39 8.57
CA SER A 12 -11.08 -4.51 8.88
C SER A 12 -11.74 -3.14 9.05
N THR A 13 -13.06 -3.12 9.08
CA THR A 13 -13.81 -1.88 9.24
C THR A 13 -13.47 -0.91 8.12
N GLY A 14 -13.10 -1.45 6.96
CA GLY A 14 -12.76 -0.62 5.82
C GLY A 14 -12.95 -1.34 4.50
N VAL A 15 -11.87 -1.92 3.99
CA VAL A 15 -11.91 -2.66 2.72
C VAL A 15 -12.74 -1.94 1.66
N GLN A 16 -12.07 -1.18 0.80
CA GLN A 16 -12.74 -0.44 -0.26
C GLN A 16 -12.43 -1.06 -1.62
N ASP A 17 -11.28 -0.72 -2.18
CA ASP A 17 -10.86 -1.26 -3.47
C ASP A 17 -10.39 -2.70 -3.34
N CYS A 18 -10.63 -3.49 -4.39
CA CYS A 18 -10.23 -4.89 -4.39
C CYS A 18 -8.98 -5.10 -5.22
N TYR A 19 -8.21 -6.14 -4.88
CA TYR A 19 -6.98 -6.44 -5.60
C TYR A 19 -7.18 -7.66 -6.51
N ARG A 20 -6.11 -8.09 -7.16
CA ARG A 20 -6.18 -9.24 -8.04
C ARG A 20 -4.91 -10.08 -7.97
N GLY A 21 -5.06 -11.39 -8.15
CA GLY A 21 -3.92 -12.29 -8.10
C GLY A 21 -3.11 -12.11 -6.83
N ASP A 22 -1.89 -11.60 -6.97
CA ASP A 22 -1.02 -11.36 -5.82
C ASP A 22 -1.02 -9.89 -5.45
N GLY A 23 -1.96 -9.49 -4.61
CA GLY A 23 -2.04 -8.11 -4.18
C GLY A 23 -0.69 -7.50 -3.87
N GLN A 24 0.24 -8.35 -3.43
CA GLN A 24 1.59 -7.89 -3.11
C GLN A 24 2.21 -7.15 -4.30
N SER A 25 2.66 -7.90 -5.29
CA SER A 25 3.27 -7.32 -6.49
C SER A 25 4.18 -6.14 -6.15
N TYR A 26 5.45 -6.43 -5.93
CA TYR A 26 6.43 -5.39 -5.59
C TYR A 26 6.72 -4.52 -6.80
N ARG A 27 5.70 -3.84 -7.31
CA ARG A 27 5.85 -2.97 -8.47
C ARG A 27 4.52 -2.29 -8.82
N GLY A 28 3.76 -1.92 -7.80
CA GLY A 28 2.49 -1.27 -8.02
C GLY A 28 2.63 0.21 -8.32
N THR A 29 1.56 0.81 -8.84
CA THR A 29 1.57 2.22 -9.17
C THR A 29 0.30 2.92 -8.68
N LEU A 30 -0.03 2.70 -7.41
CA LEU A 30 -1.22 3.32 -6.83
C LEU A 30 -0.87 4.66 -6.20
N SER A 31 0.24 4.70 -5.47
CA SER A 31 0.68 5.93 -4.82
C SER A 31 -0.38 6.45 -3.85
N THR A 32 -1.27 5.56 -3.42
CA THR A 32 -2.33 5.93 -2.49
C THR A 32 -2.25 5.05 -1.25
N THR A 33 -3.36 4.86 -0.56
CA THR A 33 -3.39 4.04 0.64
C THR A 33 -4.78 3.48 0.91
N ILE A 34 -5.61 4.26 1.59
CA ILE A 34 -6.95 3.82 1.93
C ILE A 34 -7.95 4.98 1.84
N THR A 35 -7.55 6.15 2.33
CA THR A 35 -8.43 7.31 2.31
C THR A 35 -7.83 8.44 1.50
N GLY A 36 -7.14 8.09 0.42
CA GLY A 36 -6.54 9.10 -0.44
C GLY A 36 -5.07 9.35 -0.13
N ARG A 37 -4.67 9.07 1.10
CA ARG A 37 -3.28 9.26 1.50
C ARG A 37 -2.35 8.45 0.61
N THR A 38 -1.17 8.99 0.33
CA THR A 38 -0.20 8.31 -0.50
C THR A 38 0.59 7.28 0.30
N CYS A 39 1.49 6.60 -0.38
CA CYS A 39 2.33 5.59 0.25
C CYS A 39 3.58 6.22 0.87
N GLN A 40 3.87 7.47 0.52
CA GLN A 40 5.04 8.17 1.04
C GLN A 40 6.31 7.51 0.51
N SER A 41 6.98 8.18 -0.42
CA SER A 41 8.20 7.66 -1.01
C SER A 41 9.12 7.08 0.06
N TRP A 42 9.98 6.17 -0.34
CA TRP A 42 10.92 5.54 0.58
C TRP A 42 12.23 6.32 0.62
N SER A 43 12.17 7.59 0.20
CA SER A 43 13.35 8.44 0.19
C SER A 43 12.99 9.88 0.58
N SER A 44 11.74 10.11 0.97
CA SER A 44 11.29 11.44 1.35
C SER A 44 10.84 11.47 2.82
N MET A 45 11.80 11.68 3.72
CA MET A 45 11.50 11.72 5.15
C MET A 45 11.54 13.14 5.68
N THR A 46 10.61 13.97 5.19
CA THR A 46 10.54 15.37 5.61
C THR A 46 9.61 15.51 6.82
N PRO A 47 8.34 15.10 6.70
CA PRO A 47 7.38 15.20 7.80
C PRO A 47 7.49 14.02 8.76
N HIS A 48 7.74 12.84 8.22
CA HIS A 48 7.87 11.63 9.03
C HIS A 48 8.82 10.63 8.36
N TRP A 49 9.80 10.15 9.13
CA TRP A 49 10.77 9.20 8.61
C TRP A 49 10.08 7.94 8.08
N HIS A 50 9.91 7.87 6.77
CA HIS A 50 9.27 6.72 6.13
C HIS A 50 9.88 5.41 6.63
N ARG A 51 11.03 5.04 6.07
CA ARG A 51 11.71 3.82 6.47
C ARG A 51 13.01 3.63 5.71
N ARG A 52 14.12 3.63 6.44
CA ARG A 52 15.44 3.47 5.84
C ARG A 52 15.55 4.31 4.58
N ILE A 53 16.53 4.02 3.72
CA ILE A 53 16.70 4.79 2.49
C ILE A 53 17.60 4.10 1.48
N PRO A 54 17.57 4.57 0.22
CA PRO A 54 18.38 4.03 -0.87
C PRO A 54 19.87 4.14 -0.59
N LEU A 55 20.31 3.43 0.45
CA LEU A 55 21.72 3.43 0.84
C LEU A 55 22.07 2.08 1.48
N TYR A 56 21.16 1.56 2.30
CA TYR A 56 21.35 0.28 2.97
C TYR A 56 21.05 -0.86 2.01
N TYR A 57 19.94 -0.74 1.27
CA TYR A 57 19.55 -1.75 0.31
C TYR A 57 20.08 -1.42 -1.08
N PRO A 58 20.27 -2.43 -1.95
CA PRO A 58 20.79 -2.23 -3.31
C PRO A 58 19.80 -1.54 -4.24
N ASN A 59 19.12 -0.51 -3.73
CA ASN A 59 18.16 0.26 -4.53
C ASN A 59 17.42 -0.62 -5.55
N ALA A 60 16.56 -1.51 -5.04
CA ALA A 60 15.80 -2.41 -5.90
C ALA A 60 15.12 -1.65 -7.03
N GLY A 61 14.77 -0.39 -6.78
CA GLY A 61 14.12 0.42 -7.78
C GLY A 61 12.70 0.80 -7.39
N LEU A 62 12.55 1.32 -6.17
CA LEU A 62 11.24 1.74 -5.68
C LEU A 62 10.61 2.76 -6.62
N THR A 63 9.31 2.63 -6.84
CA THR A 63 8.59 3.53 -7.74
C THR A 63 8.25 4.85 -7.03
N ARG A 64 9.29 5.55 -6.58
CA ARG A 64 9.12 6.82 -5.89
C ARG A 64 8.27 6.65 -4.63
N ASN A 65 6.95 6.77 -4.77
CA ASN A 65 6.04 6.64 -3.64
C ASN A 65 4.76 5.93 -4.05
N TYR A 66 4.89 4.87 -4.83
CA TYR A 66 3.73 4.11 -5.29
C TYR A 66 3.40 2.99 -4.32
N CYS A 67 2.32 3.18 -3.56
CA CYS A 67 1.88 2.19 -2.57
C CYS A 67 2.10 0.76 -3.07
N ARG A 68 3.07 0.09 -2.45
CA ARG A 68 3.41 -1.28 -2.78
C ARG A 68 4.21 -1.92 -1.66
N ASN A 69 4.80 -3.08 -1.94
CA ASN A 69 5.60 -3.79 -0.94
C ASN A 69 6.76 -4.53 -1.60
N PRO A 70 7.95 -4.52 -0.96
CA PRO A 70 9.13 -5.20 -1.49
C PRO A 70 9.05 -6.70 -1.28
N ASP A 71 8.47 -7.10 -0.15
CA ASP A 71 8.31 -8.51 0.18
C ASP A 71 6.93 -9.00 -0.27
N ALA A 72 6.41 -10.02 0.41
CA ALA A 72 5.11 -10.56 0.06
C ALA A 72 4.22 -10.71 1.30
N GLU A 73 3.24 -9.82 1.41
CA GLU A 73 2.31 -9.84 2.55
C GLU A 73 0.94 -9.33 2.14
N ILE A 74 0.24 -10.14 1.34
CA ILE A 74 -1.11 -9.80 0.86
C ILE A 74 -1.20 -8.31 0.46
N ARG A 75 -1.86 -7.50 1.29
CA ARG A 75 -1.99 -6.07 1.01
C ARG A 75 -0.67 -5.35 1.25
N PRO A 76 -0.14 -4.64 0.23
CA PRO A 76 1.12 -3.92 0.37
C PRO A 76 1.17 -3.09 1.65
N TRP A 77 2.35 -2.56 1.98
CA TRP A 77 2.52 -1.78 3.20
C TRP A 77 3.32 -0.51 2.93
N CYS A 78 2.65 0.64 3.03
CA CYS A 78 3.31 1.92 2.81
C CYS A 78 2.83 2.96 3.82
N TYR A 79 3.52 4.11 3.84
CA TYR A 79 3.18 5.19 4.76
C TYR A 79 2.18 6.14 4.12
N THR A 80 2.02 7.34 4.69
CA THR A 80 1.08 8.32 4.17
C THR A 80 1.73 9.69 4.08
N MET A 81 1.01 10.64 3.48
CA MET A 81 1.51 12.01 3.32
C MET A 81 0.94 12.91 4.41
N ASP A 82 0.58 12.31 5.54
CA ASP A 82 0.01 13.06 6.66
C ASP A 82 0.72 12.68 7.96
N PRO A 83 1.03 13.68 8.81
CA PRO A 83 1.71 13.46 10.09
C PRO A 83 0.76 12.97 11.17
N SER A 84 0.01 11.91 10.87
CA SER A 84 -0.94 11.34 11.82
C SER A 84 -1.28 9.90 11.44
N VAL A 85 -0.35 9.22 10.78
CA VAL A 85 -0.57 7.84 10.35
C VAL A 85 0.68 7.00 10.61
N ARG A 86 1.75 7.32 9.88
CA ARG A 86 3.02 6.60 10.01
C ARG A 86 3.01 5.34 9.15
N TRP A 87 1.82 4.78 8.93
CA TRP A 87 1.68 3.57 8.14
C TRP A 87 0.21 3.39 7.70
N GLU A 88 0.01 2.81 6.53
CA GLU A 88 -1.33 2.58 6.01
C GLU A 88 -1.32 1.52 4.91
N TYR A 89 -2.48 0.98 4.61
CA TYR A 89 -2.61 -0.04 3.58
C TYR A 89 -2.90 0.61 2.22
N CYS A 90 -2.90 -0.19 1.17
CA CYS A 90 -3.17 0.31 -0.18
C CYS A 90 -4.49 -0.22 -0.70
N ASN A 91 -5.01 0.42 -1.75
CA ASN A 91 -6.28 0.00 -2.35
C ASN A 91 -6.14 -1.42 -2.92
N LEU A 92 -6.36 -2.40 -2.05
CA LEU A 92 -6.25 -3.80 -2.42
C LEU A 92 -7.01 -4.68 -1.44
N THR A 93 -8.07 -5.30 -1.92
CA THR A 93 -8.89 -6.18 -1.09
C THR A 93 -9.33 -7.40 -1.86
N ARG A 94 -9.70 -8.43 -1.14
CA ARG A 94 -10.13 -9.67 -1.75
C ARG A 94 -11.37 -9.45 -2.63
N CYS A 95 -11.19 -9.61 -3.94
CA CYS A 95 -12.28 -9.43 -4.89
C CYS A 95 -13.03 -10.74 -5.12
N PRO A 96 -14.37 -10.69 -5.22
CA PRO A 96 -15.19 -11.88 -5.44
C PRO A 96 -14.92 -12.53 -6.78
N VAL A 97 -13.99 -13.47 -6.80
CA VAL A 97 -13.63 -14.16 -8.04
C VAL A 97 -14.84 -14.88 -8.63
N THR A 98 -14.77 -15.15 -9.93
CA THR A 98 -15.85 -15.84 -10.63
C THR A 98 -15.34 -16.58 -11.85
N GLU A 99 -15.95 -17.71 -12.16
CA GLU A 99 -15.55 -18.52 -13.31
C GLU A 99 -14.12 -18.99 -13.17
N SER A 100 -13.93 -20.09 -12.44
CA SER A 100 -12.61 -20.64 -12.23
C SER A 100 -12.18 -21.52 -13.41
N SER A 101 -13.16 -22.15 -14.04
CA SER A 101 -12.89 -23.02 -15.19
C SER A 101 -11.98 -24.18 -14.80
N VAL A 102 -12.16 -24.68 -13.58
CA VAL A 102 -11.35 -25.78 -13.07
C VAL A 102 -12.13 -26.60 -12.04
N ILE A 1 -7.41 -9.67 2.13
CA ILE A 1 -8.34 -10.83 2.25
C ILE A 1 -9.78 -10.37 2.43
N GLU A 2 -10.05 -9.11 2.09
CA GLU A 2 -11.39 -8.55 2.21
C GLU A 2 -11.95 -8.75 3.61
N GLY A 3 -11.84 -7.72 4.44
CA GLY A 3 -12.35 -7.80 5.80
C GLY A 3 -13.64 -7.05 5.99
N ARG A 4 -14.28 -7.25 7.14
CA ARG A 4 -15.55 -6.58 7.44
C ARG A 4 -15.39 -5.61 8.60
N HIS A 5 -15.17 -6.15 9.80
CA HIS A 5 -15.02 -5.33 10.99
C HIS A 5 -13.98 -5.95 11.94
N MET A 6 -12.76 -5.43 11.90
CA MET A 6 -11.70 -5.93 12.77
C MET A 6 -11.23 -4.84 13.73
N ALA A 7 -10.54 -3.84 13.19
CA ALA A 7 -10.03 -2.74 14.01
C ALA A 7 -10.49 -1.39 13.46
N PRO A 8 -10.47 -0.34 14.29
CA PRO A 8 -10.88 1.00 13.88
C PRO A 8 -9.89 1.66 12.93
N THR A 9 -10.37 2.07 11.77
CA THR A 9 -9.52 2.71 10.76
C THR A 9 -8.44 1.75 10.27
N GLU A 10 -8.21 1.75 8.97
CA GLU A 10 -7.20 0.88 8.37
C GLU A 10 -7.50 -0.58 8.67
N ASN A 11 -6.67 -1.47 8.14
CA ASN A 11 -6.82 -2.92 8.35
C ASN A 11 -8.27 -3.35 8.17
N SER A 12 -8.59 -3.86 6.98
CA SER A 12 -9.94 -4.33 6.67
C SER A 12 -10.93 -3.17 6.69
N THR A 13 -11.31 -2.72 7.89
CA THR A 13 -12.26 -1.62 8.04
C THR A 13 -11.87 -0.43 7.16
N GLY A 14 -10.59 -0.08 7.18
CA GLY A 14 -10.11 1.03 6.39
C GLY A 14 -10.12 0.74 4.90
N VAL A 15 -9.44 -0.33 4.51
CA VAL A 15 -9.36 -0.72 3.11
C VAL A 15 -10.76 -0.98 2.54
N GLN A 16 -10.95 -0.62 1.27
CA GLN A 16 -12.23 -0.82 0.60
C GLN A 16 -12.05 -1.46 -0.77
N ASP A 17 -11.20 -0.84 -1.59
CA ASP A 17 -10.95 -1.34 -2.94
C ASP A 17 -10.47 -2.79 -2.91
N CYS A 18 -10.64 -3.49 -4.03
CA CYS A 18 -10.22 -4.88 -4.14
C CYS A 18 -8.92 -4.99 -4.94
N TYR A 19 -8.17 -6.05 -4.66
CA TYR A 19 -6.90 -6.28 -5.34
C TYR A 19 -7.02 -7.41 -6.36
N ARG A 20 -5.92 -7.75 -7.00
CA ARG A 20 -5.91 -8.83 -8.00
C ARG A 20 -4.62 -9.65 -7.90
N GLY A 21 -4.79 -10.97 -7.82
CA GLY A 21 -3.63 -11.85 -7.73
C GLY A 21 -2.72 -11.46 -6.58
N ASP A 22 -1.46 -11.19 -6.89
CA ASP A 22 -0.49 -10.81 -5.86
C ASP A 22 -0.49 -9.29 -5.70
N GLY A 23 -1.35 -8.81 -4.80
CA GLY A 23 -1.44 -7.38 -4.54
C GLY A 23 -0.11 -6.66 -4.63
N GLN A 24 0.95 -7.33 -4.22
CA GLN A 24 2.29 -6.75 -4.25
C GLN A 24 2.71 -6.45 -5.69
N SER A 25 3.16 -7.49 -6.39
CA SER A 25 3.60 -7.34 -7.78
C SER A 25 4.65 -6.25 -7.91
N TYR A 26 5.36 -5.97 -6.81
CA TYR A 26 6.39 -4.93 -6.81
C TYR A 26 5.80 -3.56 -7.08
N ARG A 27 5.44 -3.29 -8.33
CA ARG A 27 4.86 -2.01 -8.71
C ARG A 27 3.65 -1.67 -7.83
N GLY A 28 3.01 -0.54 -8.15
CA GLY A 28 1.85 -0.13 -7.38
C GLY A 28 0.79 0.55 -8.24
N THR A 29 1.19 1.61 -8.94
CA THR A 29 0.28 2.35 -9.82
C THR A 29 -0.71 3.18 -9.00
N LEU A 30 -1.51 2.52 -8.16
CA LEU A 30 -2.49 3.22 -7.33
C LEU A 30 -1.86 4.42 -6.62
N SER A 31 -0.71 4.20 -6.00
CA SER A 31 0.00 5.26 -5.30
C SER A 31 -0.89 5.91 -4.24
N THR A 32 -1.55 5.07 -3.45
CA THR A 32 -2.44 5.56 -2.39
C THR A 32 -2.23 4.74 -1.11
N THR A 33 -3.30 4.55 -0.34
CA THR A 33 -3.21 3.78 0.90
C THR A 33 -4.56 3.23 1.31
N ILE A 34 -5.38 4.06 1.94
CA ILE A 34 -6.68 3.64 2.41
C ILE A 34 -7.71 4.77 2.35
N THR A 35 -7.28 5.96 2.76
CA THR A 35 -8.17 7.12 2.76
C THR A 35 -7.66 8.23 1.83
N GLY A 36 -6.91 7.83 0.81
CA GLY A 36 -6.40 8.81 -0.15
C GLY A 36 -4.91 9.03 -0.01
N ARG A 37 -4.39 8.87 1.21
CA ARG A 37 -2.96 9.07 1.46
C ARG A 37 -2.11 8.22 0.50
N THR A 38 -0.87 8.63 0.29
CA THR A 38 0.01 7.90 -0.62
C THR A 38 0.84 6.85 0.09
N CYS A 39 1.61 6.12 -0.69
CA CYS A 39 2.49 5.07 -0.17
C CYS A 39 3.78 5.66 0.39
N GLN A 40 3.94 6.97 0.31
CA GLN A 40 5.14 7.65 0.80
C GLN A 40 6.34 7.33 -0.08
N SER A 41 6.88 8.36 -0.72
CA SER A 41 8.01 8.19 -1.61
C SER A 41 9.30 7.92 -0.82
N TRP A 42 9.41 6.69 -0.33
CA TRP A 42 10.58 6.25 0.47
C TRP A 42 11.83 7.05 0.10
N SER A 43 12.03 8.17 0.81
CA SER A 43 13.17 9.06 0.59
C SER A 43 12.77 10.51 0.89
N SER A 44 11.46 10.78 0.83
CA SER A 44 10.96 12.13 1.09
C SER A 44 10.87 12.40 2.58
N MET A 45 11.99 12.84 3.16
CA MET A 45 12.04 13.13 4.60
C MET A 45 11.69 14.59 4.86
N THR A 46 10.46 14.84 5.30
CA THR A 46 10.00 16.19 5.59
C THR A 46 8.94 16.19 6.69
N PRO A 47 7.74 15.60 6.43
CA PRO A 47 6.67 15.56 7.41
C PRO A 47 6.92 14.53 8.51
N HIS A 48 7.43 13.36 8.10
CA HIS A 48 7.72 12.29 9.06
C HIS A 48 8.90 11.45 8.56
N TRP A 49 9.58 10.78 9.48
CA TRP A 49 10.71 9.93 9.13
C TRP A 49 10.30 8.86 8.13
N HIS A 50 11.27 8.35 7.38
CA HIS A 50 11.01 7.31 6.39
C HIS A 50 11.49 5.95 6.89
N ARG A 51 11.40 4.95 6.01
CA ARG A 51 11.83 3.61 6.35
C ARG A 51 13.23 3.32 5.76
N ARG A 52 13.52 2.04 5.51
CA ARG A 52 14.82 1.67 4.96
C ARG A 52 14.98 2.21 3.54
N ILE A 53 15.15 3.52 3.43
CA ILE A 53 15.30 4.17 2.13
C ILE A 53 16.44 3.55 1.33
N PRO A 54 16.47 3.82 0.02
CA PRO A 54 17.51 3.30 -0.89
C PRO A 54 18.92 3.72 -0.49
N LEU A 55 19.36 3.23 0.67
CA LEU A 55 20.70 3.55 1.16
C LEU A 55 21.28 2.41 2.00
N TYR A 56 20.40 1.72 2.73
CA TYR A 56 20.83 0.60 3.57
C TYR A 56 20.52 -0.72 2.88
N TYR A 57 19.31 -0.85 2.36
CA TYR A 57 18.90 -2.09 1.68
C TYR A 57 19.40 -2.08 0.24
N PRO A 58 19.57 -3.27 -0.36
CA PRO A 58 20.03 -3.39 -1.74
C PRO A 58 19.15 -2.58 -2.70
N ASN A 59 19.74 -1.57 -3.33
CA ASN A 59 19.01 -0.71 -4.26
C ASN A 59 18.11 -1.53 -5.18
N ALA A 60 16.85 -1.67 -4.80
CA ALA A 60 15.88 -2.42 -5.58
C ALA A 60 15.30 -1.58 -6.71
N GLY A 61 14.55 -0.54 -6.35
CA GLY A 61 13.96 0.33 -7.35
C GLY A 61 12.57 0.81 -6.95
N LEU A 62 12.46 1.34 -5.74
CA LEU A 62 11.18 1.85 -5.25
C LEU A 62 10.67 2.99 -6.13
N THR A 63 9.52 2.78 -6.75
CA THR A 63 8.94 3.79 -7.64
C THR A 63 8.23 4.87 -6.84
N ARG A 64 8.99 5.57 -6.00
CA ARG A 64 8.44 6.64 -5.19
C ARG A 64 7.32 6.11 -4.28
N ASN A 65 6.20 6.83 -4.23
CA ASN A 65 5.07 6.42 -3.39
C ASN A 65 4.06 5.62 -4.19
N TYR A 66 4.56 4.66 -4.97
CA TYR A 66 3.69 3.82 -5.79
C TYR A 66 3.28 2.55 -5.04
N CYS A 67 2.36 2.69 -4.08
CA CYS A 67 1.85 1.55 -3.28
C CYS A 67 2.61 0.25 -3.58
N ARG A 68 3.45 -0.17 -2.64
CA ARG A 68 4.20 -1.41 -2.81
C ARG A 68 4.89 -1.84 -1.53
N ASN A 69 5.32 -3.10 -1.50
CA ASN A 69 5.99 -3.65 -0.32
C ASN A 69 7.31 -4.30 -0.71
N PRO A 70 8.26 -4.37 0.24
CA PRO A 70 9.57 -4.99 -0.01
C PRO A 70 9.47 -6.51 -0.08
N ASP A 71 8.45 -7.05 0.59
CA ASP A 71 8.22 -8.48 0.62
C ASP A 71 6.88 -8.81 -0.06
N ALA A 72 6.26 -9.90 0.36
CA ALA A 72 4.98 -10.31 -0.21
C ALA A 72 3.96 -10.64 0.87
N GLU A 73 2.89 -9.85 0.95
CA GLU A 73 1.84 -10.06 1.95
C GLU A 73 0.54 -9.39 1.53
N ILE A 74 -0.38 -10.19 0.97
CA ILE A 74 -1.68 -9.70 0.51
C ILE A 74 -1.56 -8.31 -0.15
N ARG A 75 -1.73 -7.25 0.63
CA ARG A 75 -1.63 -5.90 0.09
C ARG A 75 -0.39 -5.20 0.64
N PRO A 76 0.29 -4.39 -0.19
CA PRO A 76 1.49 -3.67 0.21
C PRO A 76 1.37 -3.03 1.59
N TRP A 77 2.50 -2.55 2.12
CA TRP A 77 2.52 -1.92 3.44
C TRP A 77 3.59 -0.85 3.51
N CYS A 78 3.17 0.39 3.37
CA CYS A 78 4.09 1.52 3.43
C CYS A 78 3.45 2.68 4.17
N TYR A 79 4.16 3.79 4.25
CA TYR A 79 3.65 4.97 4.94
C TYR A 79 2.83 5.83 3.98
N THR A 80 2.60 7.09 4.36
CA THR A 80 1.82 7.98 3.52
C THR A 80 2.30 9.42 3.64
N MET A 81 1.72 10.29 2.82
CA MET A 81 2.07 11.70 2.83
C MET A 81 1.19 12.47 3.80
N ASP A 82 1.04 11.93 5.00
CA ASP A 82 0.23 12.55 6.04
C ASP A 82 0.96 12.51 7.38
N PRO A 83 0.84 13.59 8.17
CA PRO A 83 1.49 13.68 9.48
C PRO A 83 0.68 13.00 10.59
N SER A 84 0.12 11.83 10.29
CA SER A 84 -0.68 11.09 11.26
C SER A 84 -0.78 9.62 10.87
N VAL A 85 0.21 9.13 10.13
CA VAL A 85 0.24 7.74 9.70
C VAL A 85 1.66 7.22 9.55
N ARG A 86 2.25 6.76 10.65
CA ARG A 86 3.60 6.23 10.62
C ARG A 86 3.67 5.05 9.64
N TRP A 87 2.51 4.46 9.37
CA TRP A 87 2.40 3.34 8.46
C TRP A 87 0.95 3.18 8.02
N GLU A 88 0.72 2.57 6.86
CA GLU A 88 -0.63 2.39 6.35
C GLU A 88 -0.69 1.32 5.28
N TYR A 89 -1.91 0.86 4.99
CA TYR A 89 -2.11 -0.17 3.98
C TYR A 89 -2.41 0.44 2.62
N CYS A 90 -2.66 -0.41 1.64
CA CYS A 90 -2.97 0.03 0.28
C CYS A 90 -4.33 -0.52 -0.15
N ASN A 91 -5.06 0.25 -0.96
CA ASN A 91 -6.36 -0.19 -1.44
C ASN A 91 -6.25 -1.56 -2.13
N LEU A 92 -6.51 -2.61 -1.37
CA LEU A 92 -6.42 -3.97 -1.86
C LEU A 92 -7.24 -4.92 -0.99
N THR A 93 -8.23 -5.55 -1.60
CA THR A 93 -9.10 -6.49 -0.91
C THR A 93 -9.45 -7.65 -1.84
N ARG A 94 -9.88 -8.75 -1.27
CA ARG A 94 -10.24 -9.91 -2.07
C ARG A 94 -11.41 -9.60 -2.99
N CYS A 95 -11.14 -9.59 -4.30
CA CYS A 95 -12.16 -9.30 -5.30
C CYS A 95 -12.85 -10.58 -5.75
N PRO A 96 -14.18 -10.54 -5.92
CA PRO A 96 -14.96 -11.71 -6.37
C PRO A 96 -14.57 -12.15 -7.77
N VAL A 97 -14.65 -13.45 -8.02
CA VAL A 97 -14.31 -14.01 -9.33
C VAL A 97 -15.56 -14.18 -10.20
N THR A 98 -16.61 -13.44 -9.88
CA THR A 98 -17.85 -13.51 -10.64
C THR A 98 -18.53 -14.87 -10.46
N GLU A 99 -17.92 -15.91 -11.02
CA GLU A 99 -18.46 -17.26 -10.92
C GLU A 99 -19.76 -17.39 -11.71
N SER A 100 -20.81 -16.73 -11.24
CA SER A 100 -22.11 -16.77 -11.92
C SER A 100 -22.59 -18.20 -12.08
N SER A 101 -22.21 -19.06 -11.14
CA SER A 101 -22.61 -20.47 -11.18
C SER A 101 -22.11 -21.22 -9.95
N VAL A 102 -22.34 -22.52 -9.92
CA VAL A 102 -21.90 -23.35 -8.80
C VAL A 102 -21.54 -24.75 -9.27
N ILE A 1 -5.83 -1.34 -8.12
CA ILE A 1 -6.73 -1.54 -9.28
C ILE A 1 -8.16 -1.13 -8.95
N GLU A 2 -8.51 -1.24 -7.67
CA GLU A 2 -9.86 -0.88 -7.22
C GLU A 2 -10.90 -1.84 -7.79
N GLY A 3 -12.12 -1.74 -7.28
CA GLY A 3 -13.19 -2.60 -7.75
C GLY A 3 -14.01 -3.18 -6.62
N ARG A 4 -15.31 -2.91 -6.62
CA ARG A 4 -16.20 -3.41 -5.58
C ARG A 4 -15.78 -2.89 -4.20
N HIS A 5 -16.61 -3.17 -3.20
CA HIS A 5 -16.33 -2.73 -1.84
C HIS A 5 -16.62 -3.84 -0.84
N MET A 6 -17.79 -4.48 -1.00
CA MET A 6 -18.21 -5.57 -0.11
C MET A 6 -17.96 -5.21 1.36
N ALA A 7 -18.06 -6.22 2.22
CA ALA A 7 -17.86 -6.03 3.65
C ALA A 7 -16.46 -5.49 3.94
N PRO A 8 -16.21 -5.00 5.16
CA PRO A 8 -14.91 -4.46 5.56
C PRO A 8 -13.84 -5.53 5.65
N THR A 9 -12.72 -5.31 4.95
CA THR A 9 -11.62 -6.26 4.95
C THR A 9 -10.28 -5.54 4.84
N GLU A 10 -10.22 -4.33 5.40
CA GLU A 10 -9.00 -3.53 5.37
C GLU A 10 -8.80 -2.81 6.70
N ASN A 11 -7.99 -1.75 6.67
CA ASN A 11 -7.71 -0.98 7.88
C ASN A 11 -8.95 -0.20 8.35
N SER A 12 -9.99 -0.94 8.74
CA SER A 12 -11.23 -0.34 9.20
C SER A 12 -11.77 0.69 8.21
N THR A 13 -11.31 1.95 8.34
CA THR A 13 -11.75 3.01 7.45
C THR A 13 -11.10 2.88 6.08
N GLY A 14 -11.86 2.35 5.12
CA GLY A 14 -11.34 2.18 3.78
C GLY A 14 -11.52 0.76 3.26
N VAL A 15 -12.41 0.60 2.28
CA VAL A 15 -12.67 -0.71 1.70
C VAL A 15 -13.46 -0.58 0.40
N GLN A 16 -12.96 0.27 -0.49
CA GLN A 16 -13.62 0.49 -1.78
C GLN A 16 -12.64 0.26 -2.93
N ASP A 17 -11.87 -0.81 -2.83
CA ASP A 17 -10.89 -1.14 -3.86
C ASP A 17 -10.38 -2.57 -3.68
N CYS A 18 -10.52 -3.38 -4.73
CA CYS A 18 -10.08 -4.77 -4.68
C CYS A 18 -8.77 -4.96 -5.44
N TYR A 19 -8.05 -6.02 -5.09
CA TYR A 19 -6.78 -6.33 -5.72
C TYR A 19 -6.93 -7.50 -6.68
N ARG A 20 -5.83 -7.93 -7.28
CA ARG A 20 -5.85 -9.06 -8.22
C ARG A 20 -4.57 -9.86 -8.13
N GLY A 21 -4.68 -11.17 -8.33
CA GLY A 21 -3.51 -12.04 -8.27
C GLY A 21 -2.79 -11.91 -6.94
N ASP A 22 -1.54 -11.48 -6.99
CA ASP A 22 -0.75 -11.31 -5.78
C ASP A 22 -0.53 -9.82 -5.50
N GLY A 23 -1.45 -9.20 -4.77
CA GLY A 23 -1.31 -7.80 -4.44
C GLY A 23 0.06 -7.51 -3.85
N GLN A 24 0.68 -8.54 -3.26
CA GLN A 24 1.99 -8.43 -2.66
C GLN A 24 3.09 -8.63 -3.69
N SER A 25 4.34 -8.68 -3.23
CA SER A 25 5.49 -8.88 -4.11
C SER A 25 5.62 -7.74 -5.10
N TYR A 26 4.83 -7.77 -6.16
CA TYR A 26 4.88 -6.74 -7.19
C TYR A 26 3.50 -6.11 -7.40
N ARG A 27 3.38 -4.83 -7.06
CA ARG A 27 2.12 -4.11 -7.21
C ARG A 27 2.23 -2.71 -6.64
N GLY A 28 2.96 -1.83 -7.34
CA GLY A 28 3.14 -0.47 -6.88
C GLY A 28 2.85 0.55 -7.95
N THR A 29 1.58 0.75 -8.27
CA THR A 29 1.17 1.72 -9.28
C THR A 29 -0.02 2.55 -8.81
N LEU A 30 -0.33 2.46 -7.52
CA LEU A 30 -1.44 3.21 -6.94
C LEU A 30 -0.98 4.57 -6.41
N SER A 31 0.10 4.55 -5.64
CA SER A 31 0.64 5.77 -5.06
C SER A 31 -0.33 6.39 -4.06
N THR A 32 -1.30 5.58 -3.62
CA THR A 32 -2.29 6.04 -2.65
C THR A 32 -2.28 5.12 -1.43
N THR A 33 -3.42 4.99 -0.76
CA THR A 33 -3.51 4.15 0.42
C THR A 33 -4.92 3.56 0.57
N ILE A 34 -5.80 4.31 1.22
CA ILE A 34 -7.16 3.86 1.45
C ILE A 34 -8.16 5.01 1.37
N THR A 35 -7.79 6.17 1.92
CA THR A 35 -8.68 7.33 1.92
C THR A 35 -8.00 8.55 1.28
N GLY A 36 -7.34 8.34 0.15
CA GLY A 36 -6.68 9.44 -0.53
C GLY A 36 -5.23 9.60 -0.14
N ARG A 37 -4.89 9.22 1.08
CA ARG A 37 -3.51 9.34 1.56
C ARG A 37 -2.56 8.56 0.67
N THR A 38 -1.30 8.98 0.62
CA THR A 38 -0.31 8.31 -0.20
C THR A 38 0.50 7.30 0.60
N CYS A 39 1.48 6.71 -0.05
CA CYS A 39 2.36 5.74 0.58
C CYS A 39 3.58 6.42 1.18
N GLN A 40 3.83 7.67 0.78
CA GLN A 40 4.98 8.42 1.27
C GLN A 40 6.27 7.84 0.69
N SER A 41 6.88 8.58 -0.22
CA SER A 41 8.12 8.14 -0.86
C SER A 41 9.12 7.64 0.17
N TRP A 42 10.05 6.82 -0.29
CA TRP A 42 11.08 6.26 0.59
C TRP A 42 12.30 7.17 0.65
N SER A 43 12.13 8.42 0.21
CA SER A 43 13.20 9.40 0.22
C SER A 43 12.70 10.78 0.64
N SER A 44 11.44 10.84 1.09
CA SER A 44 10.85 12.11 1.51
C SER A 44 11.05 12.32 3.01
N MET A 45 12.26 12.76 3.37
CA MET A 45 12.59 12.99 4.77
C MET A 45 12.26 14.43 5.18
N THR A 46 11.05 14.63 5.68
CA THR A 46 10.62 15.96 6.11
C THR A 46 9.59 15.85 7.25
N PRO A 47 8.40 15.29 6.98
CA PRO A 47 7.36 15.14 8.00
C PRO A 47 7.58 13.93 8.90
N HIS A 48 7.95 12.81 8.28
CA HIS A 48 8.20 11.58 9.02
C HIS A 48 9.06 10.61 8.20
N TRP A 49 9.98 9.93 8.87
CA TRP A 49 10.87 8.98 8.21
C TRP A 49 10.05 7.88 7.53
N HIS A 50 10.71 7.14 6.64
CA HIS A 50 10.04 6.05 5.92
C HIS A 50 10.67 4.70 6.26
N ARG A 51 11.90 4.49 5.78
CA ARG A 51 12.61 3.25 6.03
C ARG A 51 14.03 3.31 5.46
N ARG A 52 14.67 2.14 5.37
CA ARG A 52 16.03 2.06 4.84
C ARG A 52 16.11 2.70 3.45
N ILE A 53 16.38 4.00 3.42
CA ILE A 53 16.47 4.73 2.17
C ILE A 53 17.42 4.08 1.19
N PRO A 54 17.32 4.46 -0.09
CA PRO A 54 18.16 3.95 -1.18
C PRO A 54 19.66 4.13 -0.91
N LEU A 55 20.15 3.48 0.13
CA LEU A 55 21.55 3.57 0.50
C LEU A 55 22.02 2.27 1.16
N TYR A 56 21.13 1.65 1.94
CA TYR A 56 21.45 0.41 2.63
C TYR A 56 21.06 -0.79 1.78
N TYR A 57 19.86 -0.72 1.17
CA TYR A 57 19.39 -1.81 0.32
C TYR A 57 19.93 -1.68 -1.11
N PRO A 58 20.06 -2.80 -1.83
CA PRO A 58 20.58 -2.81 -3.21
C PRO A 58 19.64 -2.12 -4.21
N ASN A 59 19.35 -0.84 -3.97
CA ASN A 59 18.49 -0.04 -4.83
C ASN A 59 17.58 -0.89 -5.72
N ALA A 60 16.61 -1.56 -5.08
CA ALA A 60 15.68 -2.42 -5.80
C ALA A 60 14.94 -1.63 -6.88
N GLY A 61 14.76 -0.33 -6.65
CA GLY A 61 14.06 0.51 -7.61
C GLY A 61 12.66 0.85 -7.17
N LEU A 62 12.55 1.69 -6.16
CA LEU A 62 11.25 2.10 -5.64
C LEU A 62 10.67 3.24 -6.49
N THR A 63 9.37 3.14 -6.80
CA THR A 63 8.70 4.15 -7.60
C THR A 63 8.34 5.36 -6.74
N ARG A 64 9.34 6.17 -6.42
CA ARG A 64 9.14 7.37 -5.61
C ARG A 64 8.28 7.08 -4.38
N ASN A 65 6.96 7.24 -4.51
CA ASN A 65 6.04 6.99 -3.41
C ASN A 65 4.83 6.19 -3.89
N TYR A 66 5.09 5.13 -4.64
CA TYR A 66 4.02 4.28 -5.16
C TYR A 66 3.69 3.15 -4.19
N CYS A 67 2.63 3.34 -3.41
CA CYS A 67 2.19 2.33 -2.43
C CYS A 67 2.50 0.92 -2.89
N ARG A 68 3.51 0.32 -2.25
CA ARG A 68 3.93 -1.03 -2.58
C ARG A 68 4.60 -1.70 -1.38
N ASN A 69 5.09 -2.92 -1.58
CA ASN A 69 5.76 -3.66 -0.52
C ASN A 69 6.97 -4.43 -1.06
N PRO A 70 8.09 -4.45 -0.32
CA PRO A 70 9.29 -5.15 -0.74
C PRO A 70 9.18 -6.66 -0.51
N ASP A 71 8.48 -7.03 0.56
CA ASP A 71 8.28 -8.43 0.89
C ASP A 71 6.99 -8.95 0.25
N ALA A 72 6.40 -9.99 0.85
CA ALA A 72 5.17 -10.57 0.32
C ALA A 72 4.12 -10.73 1.41
N GLU A 73 3.14 -9.83 1.43
CA GLU A 73 2.07 -9.88 2.43
C GLU A 73 0.76 -9.38 1.84
N ILE A 74 0.00 -10.30 1.24
CA ILE A 74 -1.30 -9.97 0.63
C ILE A 74 -1.26 -8.61 -0.08
N ARG A 75 -1.64 -7.56 0.64
CA ARG A 75 -1.64 -6.22 0.06
C ARG A 75 -0.44 -5.44 0.57
N PRO A 76 0.11 -4.54 -0.25
CA PRO A 76 1.28 -3.74 0.11
C PRO A 76 1.10 -3.03 1.46
N TRP A 77 2.15 -2.34 1.90
CA TRP A 77 2.13 -1.63 3.18
C TRP A 77 3.06 -0.41 3.14
N CYS A 78 2.47 0.77 3.13
CA CYS A 78 3.25 2.01 3.10
C CYS A 78 2.70 3.02 4.09
N TYR A 79 3.39 4.14 4.23
CA TYR A 79 2.97 5.18 5.15
C TYR A 79 2.01 6.15 4.45
N THR A 80 1.90 7.38 4.96
CA THR A 80 1.01 8.37 4.37
C THR A 80 1.60 9.77 4.46
N MET A 81 1.21 10.62 3.52
CA MET A 81 1.68 12.01 3.49
C MET A 81 1.32 12.73 4.79
N ASP A 82 0.32 12.20 5.49
CA ASP A 82 -0.12 12.78 6.74
C ASP A 82 0.61 12.13 7.91
N PRO A 83 1.20 12.94 8.81
CA PRO A 83 1.92 12.44 9.98
C PRO A 83 1.02 11.77 11.01
N SER A 84 -0.30 11.83 10.78
CA SER A 84 -1.26 11.23 11.70
C SER A 84 -1.63 9.80 11.26
N VAL A 85 -0.65 9.08 10.71
CA VAL A 85 -0.86 7.71 10.26
C VAL A 85 0.38 6.87 10.49
N ARG A 86 1.43 7.18 9.72
CA ARG A 86 2.70 6.46 9.80
C ARG A 86 2.64 5.13 9.03
N TRP A 87 1.42 4.64 8.81
CA TRP A 87 1.24 3.38 8.09
C TRP A 87 -0.22 3.24 7.64
N GLU A 88 -0.42 2.67 6.46
CA GLU A 88 -1.77 2.46 5.93
C GLU A 88 -1.77 1.42 4.82
N TYR A 89 -2.95 0.87 4.54
CA TYR A 89 -3.08 -0.15 3.49
C TYR A 89 -3.41 0.49 2.16
N CYS A 90 -2.85 -0.05 1.09
CA CYS A 90 -3.10 0.48 -0.25
C CYS A 90 -4.40 -0.09 -0.81
N ASN A 91 -4.96 0.57 -1.82
CA ASN A 91 -6.20 0.13 -2.43
C ASN A 91 -6.05 -1.30 -2.97
N LEU A 92 -6.34 -2.28 -2.12
CA LEU A 92 -6.25 -3.67 -2.48
C LEU A 92 -7.08 -4.54 -1.53
N THR A 93 -8.09 -5.19 -2.08
CA THR A 93 -8.98 -6.06 -1.31
C THR A 93 -9.37 -7.28 -2.13
N ARG A 94 -9.81 -8.31 -1.44
CA ARG A 94 -10.20 -9.54 -2.11
C ARG A 94 -11.37 -9.29 -3.06
N CYS A 95 -11.10 -9.43 -4.36
CA CYS A 95 -12.12 -9.24 -5.39
C CYS A 95 -12.85 -10.54 -5.69
N PRO A 96 -14.19 -10.48 -5.87
CA PRO A 96 -15.00 -11.68 -6.17
C PRO A 96 -14.59 -12.33 -7.49
N VAL A 97 -15.43 -13.24 -7.97
CA VAL A 97 -15.17 -13.93 -9.23
C VAL A 97 -14.97 -12.96 -10.38
N THR A 98 -13.76 -12.91 -10.91
CA THR A 98 -13.44 -12.02 -12.03
C THR A 98 -12.56 -12.72 -13.05
N GLU A 99 -12.03 -11.94 -13.99
CA GLU A 99 -11.16 -12.49 -15.04
C GLU A 99 -11.92 -13.50 -15.89
N SER A 100 -13.22 -13.28 -16.04
CA SER A 100 -14.05 -14.18 -16.83
C SER A 100 -14.02 -15.59 -16.27
N SER A 101 -14.57 -16.54 -17.04
CA SER A 101 -14.61 -17.94 -16.61
C SER A 101 -14.32 -18.87 -17.78
N VAL A 102 -13.08 -19.33 -17.88
CA VAL A 102 -12.68 -20.23 -18.94
C VAL A 102 -11.57 -21.17 -18.49
N ILE A 1 -6.89 -5.34 -8.62
CA ILE A 1 -6.70 -3.91 -8.30
C ILE A 1 -7.95 -3.10 -8.61
N GLU A 2 -8.15 -2.00 -7.88
CA GLU A 2 -9.31 -1.15 -8.08
C GLU A 2 -10.60 -1.88 -7.69
N GLY A 3 -11.46 -1.18 -6.95
CA GLY A 3 -12.71 -1.77 -6.52
C GLY A 3 -13.67 -0.76 -5.93
N ARG A 4 -14.40 -1.15 -4.91
CA ARG A 4 -15.36 -0.26 -4.26
C ARG A 4 -14.71 0.50 -3.11
N HIS A 5 -15.52 1.24 -2.36
CA HIS A 5 -15.01 2.01 -1.23
C HIS A 5 -16.01 1.99 -0.07
N MET A 6 -15.73 1.14 0.92
CA MET A 6 -16.60 1.02 2.09
C MET A 6 -16.03 0.03 3.08
N ALA A 7 -15.55 0.53 4.22
CA ALA A 7 -14.97 -0.32 5.26
C ALA A 7 -14.59 0.50 6.48
N PRO A 8 -14.36 -0.17 7.63
CA PRO A 8 -13.98 0.49 8.87
C PRO A 8 -12.72 1.34 8.73
N THR A 9 -12.10 1.67 9.86
CA THR A 9 -10.88 2.48 9.86
C THR A 9 -9.89 2.02 8.77
N GLU A 10 -9.17 0.94 9.04
CA GLU A 10 -8.21 0.42 8.09
C GLU A 10 -7.58 -0.89 8.61
N ASN A 11 -6.52 -1.33 7.95
CA ASN A 11 -5.82 -2.56 8.34
C ASN A 11 -6.62 -3.79 7.95
N SER A 12 -6.18 -4.95 8.42
CA SER A 12 -6.86 -6.21 8.12
C SER A 12 -8.36 -6.11 8.40
N THR A 13 -8.72 -5.23 9.34
CA THR A 13 -10.13 -5.05 9.70
C THR A 13 -10.82 -4.08 8.74
N GLY A 14 -10.05 -3.16 8.18
CA GLY A 14 -10.60 -2.19 7.24
C GLY A 14 -9.76 -2.02 6.01
N VAL A 15 -10.37 -2.19 4.84
CA VAL A 15 -9.66 -2.05 3.57
C VAL A 15 -10.64 -1.83 2.42
N GLN A 16 -10.45 -0.75 1.68
CA GLN A 16 -11.32 -0.43 0.56
C GLN A 16 -10.67 -0.86 -0.76
N ASP A 17 -11.45 -0.77 -1.84
CA ASP A 17 -10.97 -1.16 -3.17
C ASP A 17 -10.98 -2.68 -3.33
N CYS A 18 -10.10 -3.20 -4.17
CA CYS A 18 -10.00 -4.64 -4.39
C CYS A 18 -8.71 -5.00 -5.12
N TYR A 19 -8.03 -6.03 -4.65
CA TYR A 19 -6.78 -6.48 -5.24
C TYR A 19 -7.01 -7.78 -6.01
N ARG A 20 -5.95 -8.29 -6.63
CA ARG A 20 -6.04 -9.54 -7.38
C ARG A 20 -4.68 -10.21 -7.50
N GLY A 21 -4.47 -11.26 -6.72
CA GLY A 21 -3.21 -11.97 -6.75
C GLY A 21 -2.16 -11.29 -5.88
N ASP A 22 -0.91 -11.33 -6.32
CA ASP A 22 0.17 -10.71 -5.58
C ASP A 22 0.36 -9.27 -6.03
N GLY A 23 -0.65 -8.43 -5.78
CA GLY A 23 -0.59 -7.04 -6.16
C GLY A 23 0.62 -6.33 -5.59
N GLN A 24 1.04 -6.75 -4.40
CA GLN A 24 2.19 -6.17 -3.73
C GLN A 24 3.49 -6.52 -4.45
N SER A 25 3.48 -7.67 -5.12
CA SER A 25 4.66 -8.12 -5.87
C SER A 25 5.00 -7.16 -6.99
N TYR A 26 5.63 -6.05 -6.64
CA TYR A 26 6.02 -5.04 -7.63
C TYR A 26 4.85 -4.68 -8.55
N ARG A 27 3.89 -3.95 -8.01
CA ARG A 27 2.72 -3.54 -8.79
C ARG A 27 1.83 -2.61 -7.97
N GLY A 28 1.21 -1.64 -8.66
CA GLY A 28 0.34 -0.69 -7.99
C GLY A 28 0.77 0.74 -8.23
N THR A 29 0.28 1.33 -9.31
CA THR A 29 0.61 2.71 -9.65
C THR A 29 -0.49 3.67 -9.19
N LEU A 30 -1.21 3.28 -8.13
CA LEU A 30 -2.28 4.11 -7.60
C LEU A 30 -1.72 5.14 -6.63
N SER A 31 -0.63 4.79 -5.97
CA SER A 31 0.02 5.70 -5.01
C SER A 31 -0.96 6.15 -3.93
N THR A 32 -1.66 5.21 -3.33
CA THR A 32 -2.61 5.53 -2.27
C THR A 32 -2.49 4.56 -1.10
N THR A 33 -3.43 4.61 -0.18
CA THR A 33 -3.42 3.72 0.98
C THR A 33 -4.80 3.14 1.24
N ILE A 34 -5.65 3.90 1.92
CA ILE A 34 -6.99 3.43 2.24
C ILE A 34 -8.01 4.56 2.13
N THR A 35 -7.66 5.74 2.62
CA THR A 35 -8.56 6.90 2.57
C THR A 35 -7.98 8.01 1.70
N GLY A 36 -7.29 7.62 0.64
CA GLY A 36 -6.70 8.62 -0.26
C GLY A 36 -5.26 8.94 0.09
N ARG A 37 -4.90 8.75 1.36
CA ARG A 37 -3.53 9.03 1.81
C ARG A 37 -2.53 8.25 0.97
N THR A 38 -1.54 8.95 0.44
CA THR A 38 -0.51 8.33 -0.39
C THR A 38 0.31 7.33 0.40
N CYS A 39 1.34 6.80 -0.24
CA CYS A 39 2.24 5.85 0.38
C CYS A 39 3.50 6.54 0.89
N GLN A 40 3.79 7.73 0.35
CA GLN A 40 5.00 8.46 0.73
C GLN A 40 6.23 7.71 0.31
N SER A 41 7.01 8.32 -0.59
CA SER A 41 8.22 7.69 -1.10
C SER A 41 9.04 7.10 0.04
N TRP A 42 9.88 6.14 -0.30
CA TRP A 42 10.73 5.48 0.69
C TRP A 42 12.06 6.24 0.83
N SER A 43 12.11 7.43 0.26
CA SER A 43 13.30 8.26 0.31
C SER A 43 12.95 9.73 0.57
N SER A 44 11.66 10.01 0.84
CA SER A 44 11.22 11.37 1.12
C SER A 44 11.34 11.70 2.60
N MET A 45 12.56 12.03 3.03
CA MET A 45 12.81 12.35 4.43
C MET A 45 12.66 13.84 4.69
N THR A 46 11.45 14.25 5.07
CA THR A 46 11.17 15.66 5.35
C THR A 46 10.08 15.80 6.40
N PRO A 47 8.82 15.43 6.06
CA PRO A 47 7.70 15.52 7.00
C PRO A 47 7.79 14.49 8.11
N HIS A 48 8.09 13.24 7.74
CA HIS A 48 8.20 12.16 8.71
C HIS A 48 9.20 11.11 8.21
N TRP A 49 9.90 10.48 9.15
CA TRP A 49 10.88 9.45 8.81
C TRP A 49 10.21 8.21 8.24
N HIS A 50 10.18 8.12 6.91
CA HIS A 50 9.58 6.97 6.23
C HIS A 50 10.27 5.68 6.66
N ARG A 51 10.07 4.60 5.91
CA ARG A 51 10.68 3.32 6.24
C ARG A 51 11.90 3.02 5.38
N ARG A 52 13.02 2.76 6.06
CA ARG A 52 14.28 2.44 5.39
C ARG A 52 14.59 3.45 4.30
N ILE A 53 15.76 3.30 3.69
CA ILE A 53 16.19 4.19 2.62
C ILE A 53 17.24 3.54 1.74
N PRO A 54 17.44 4.10 0.54
CA PRO A 54 18.42 3.61 -0.44
C PRO A 54 19.85 3.53 0.12
N LEU A 55 20.04 2.69 1.12
CA LEU A 55 21.36 2.52 1.73
C LEU A 55 21.50 1.15 2.39
N TYR A 56 20.47 0.75 3.13
CA TYR A 56 20.48 -0.54 3.81
C TYR A 56 20.06 -1.66 2.87
N TYR A 57 19.19 -1.35 1.93
CA TYR A 57 18.71 -2.34 0.97
C TYR A 57 19.37 -2.14 -0.40
N PRO A 58 19.47 -3.22 -1.20
CA PRO A 58 20.10 -3.16 -2.53
C PRO A 58 19.27 -2.35 -3.53
N ASN A 59 19.06 -1.07 -3.22
CA ASN A 59 18.29 -0.14 -4.06
C ASN A 59 17.57 -0.85 -5.21
N ALA A 60 16.60 -1.68 -4.86
CA ALA A 60 15.83 -2.42 -5.86
C ALA A 60 15.31 -1.49 -6.96
N GLY A 61 14.44 -0.55 -6.58
CA GLY A 61 13.90 0.38 -7.55
C GLY A 61 12.46 0.77 -7.24
N LEU A 62 12.29 1.64 -6.26
CA LEU A 62 10.95 2.11 -5.88
C LEU A 62 10.48 3.21 -6.83
N THR A 63 9.23 3.12 -7.24
CA THR A 63 8.66 4.11 -8.15
C THR A 63 8.18 5.35 -7.41
N ARG A 64 9.12 6.11 -6.87
CA ARG A 64 8.80 7.32 -6.13
C ARG A 64 8.04 7.02 -4.84
N ASN A 65 6.71 7.08 -4.90
CA ASN A 65 5.89 6.82 -3.72
C ASN A 65 4.59 6.10 -4.09
N TYR A 66 4.71 5.08 -4.94
CA TYR A 66 3.55 4.31 -5.36
C TYR A 66 3.28 3.13 -4.44
N CYS A 67 2.34 3.30 -3.50
CA CYS A 67 1.99 2.25 -2.54
C CYS A 67 2.59 0.90 -2.93
N ARG A 68 3.50 0.41 -2.10
CA ARG A 68 4.18 -0.85 -2.35
C ARG A 68 4.80 -1.42 -1.06
N ASN A 69 5.56 -2.49 -1.21
CA ASN A 69 6.22 -3.13 -0.08
C ASN A 69 7.58 -3.68 -0.49
N PRO A 70 8.54 -3.76 0.46
CA PRO A 70 9.87 -4.28 0.19
C PRO A 70 9.90 -5.79 0.13
N ASP A 71 8.95 -6.42 0.81
CA ASP A 71 8.85 -7.87 0.83
C ASP A 71 7.55 -8.33 0.17
N ALA A 72 7.11 -9.54 0.49
CA ALA A 72 5.88 -10.08 -0.09
C ALA A 72 4.83 -10.35 0.98
N GLU A 73 3.60 -9.95 0.71
CA GLU A 73 2.49 -10.15 1.64
C GLU A 73 1.20 -9.58 1.09
N ILE A 74 0.52 -10.36 0.24
CA ILE A 74 -0.75 -9.96 -0.38
C ILE A 74 -0.71 -8.51 -0.86
N ARG A 75 -1.04 -7.57 0.02
CA ARG A 75 -1.03 -6.16 -0.32
C ARG A 75 0.17 -5.46 0.31
N PRO A 76 0.59 -4.30 -0.22
CA PRO A 76 1.74 -3.56 0.31
C PRO A 76 1.49 -3.05 1.73
N TRP A 77 2.49 -2.37 2.28
CA TRP A 77 2.39 -1.83 3.64
C TRP A 77 3.40 -0.71 3.87
N CYS A 78 2.98 0.51 3.58
CA CYS A 78 3.84 1.67 3.78
C CYS A 78 3.08 2.79 4.47
N TYR A 79 3.74 3.92 4.65
CA TYR A 79 3.12 5.07 5.32
C TYR A 79 2.37 5.94 4.32
N THR A 80 2.26 7.23 4.61
CA THR A 80 1.55 8.15 3.73
C THR A 80 2.16 9.54 3.78
N MET A 81 1.60 10.47 2.99
CA MET A 81 2.08 11.84 2.97
C MET A 81 1.57 12.62 4.17
N ASP A 82 0.41 12.23 4.67
CA ASP A 82 -0.19 12.89 5.82
C ASP A 82 0.50 12.44 7.11
N PRO A 83 1.22 13.36 7.79
CA PRO A 83 1.92 13.04 9.03
C PRO A 83 0.96 12.76 10.19
N SER A 84 0.14 11.73 10.03
CA SER A 84 -0.83 11.35 11.06
C SER A 84 -1.28 9.91 10.87
N VAL A 85 -0.41 9.09 10.30
CA VAL A 85 -0.73 7.68 10.06
C VAL A 85 0.35 6.76 10.63
N ARG A 86 1.57 6.96 10.14
CA ARG A 86 2.73 6.16 10.56
C ARG A 86 2.82 4.88 9.71
N TRP A 87 1.66 4.30 9.40
CA TRP A 87 1.59 3.10 8.59
C TRP A 87 0.16 2.86 8.10
N GLU A 88 0.03 2.35 6.88
CA GLU A 88 -1.29 2.09 6.31
C GLU A 88 -1.20 1.12 5.14
N TYR A 89 -2.32 0.51 4.79
CA TYR A 89 -2.37 -0.42 3.67
C TYR A 89 -2.73 0.32 2.40
N CYS A 90 -2.65 -0.37 1.25
CA CYS A 90 -2.98 0.23 -0.02
C CYS A 90 -4.30 -0.31 -0.55
N ASN A 91 -4.98 0.47 -1.38
CA ASN A 91 -6.26 0.04 -1.97
C ASN A 91 -6.10 -1.32 -2.62
N LEU A 92 -6.31 -2.37 -1.85
CA LEU A 92 -6.17 -3.74 -2.32
C LEU A 92 -6.91 -4.72 -1.41
N THR A 93 -8.06 -5.19 -1.87
CA THR A 93 -8.87 -6.12 -1.09
C THR A 93 -9.32 -7.30 -1.94
N ARG A 94 -9.37 -8.46 -1.31
CA ARG A 94 -9.78 -9.66 -2.00
C ARG A 94 -11.23 -9.54 -2.48
N CYS A 95 -11.41 -9.50 -3.79
CA CYS A 95 -12.74 -9.38 -4.37
C CYS A 95 -13.34 -10.76 -4.65
N PRO A 96 -14.68 -10.86 -4.65
CA PRO A 96 -15.37 -12.12 -4.91
C PRO A 96 -15.23 -12.59 -6.36
N VAL A 97 -14.35 -13.57 -6.58
CA VAL A 97 -14.12 -14.10 -7.91
C VAL A 97 -15.32 -14.89 -8.41
N THR A 98 -15.92 -15.67 -7.50
CA THR A 98 -17.08 -16.48 -7.85
C THR A 98 -18.34 -15.62 -7.92
N GLU A 99 -19.24 -15.96 -8.83
CA GLU A 99 -20.49 -15.23 -8.99
C GLU A 99 -21.69 -16.17 -8.98
N SER A 100 -22.50 -16.08 -7.93
CA SER A 100 -23.67 -16.92 -7.79
C SER A 100 -24.64 -16.69 -8.95
N SER A 101 -25.61 -17.59 -9.10
CA SER A 101 -26.59 -17.49 -10.17
C SER A 101 -28.01 -17.68 -9.62
N VAL A 102 -28.55 -16.62 -9.03
CA VAL A 102 -29.89 -16.66 -8.47
C VAL A 102 -30.95 -16.56 -9.56
N ILE A 1 -9.21 -4.96 -9.66
CA ILE A 1 -8.46 -3.84 -9.05
C ILE A 1 -9.22 -2.53 -9.18
N GLU A 2 -9.11 -1.67 -8.16
CA GLU A 2 -9.78 -0.38 -8.18
C GLU A 2 -11.30 -0.57 -8.19
N GLY A 3 -11.95 -0.10 -7.13
CA GLY A 3 -13.40 -0.23 -7.04
C GLY A 3 -14.07 1.07 -6.61
N ARG A 4 -15.17 0.94 -5.88
CA ARG A 4 -15.91 2.10 -5.40
C ARG A 4 -16.13 2.02 -3.89
N HIS A 5 -16.97 2.91 -3.37
CA HIS A 5 -17.27 2.93 -1.95
C HIS A 5 -16.03 3.24 -1.14
N MET A 6 -16.21 3.88 0.01
CA MET A 6 -15.09 4.23 0.89
C MET A 6 -15.54 4.29 2.34
N ALA A 7 -14.61 4.64 3.23
CA ALA A 7 -14.91 4.73 4.65
C ALA A 7 -13.73 5.34 5.42
N PRO A 8 -13.98 5.82 6.65
CA PRO A 8 -12.94 6.42 7.48
C PRO A 8 -11.93 5.39 7.98
N THR A 9 -12.43 4.26 8.46
CA THR A 9 -11.57 3.19 8.95
C THR A 9 -10.74 2.59 7.83
N GLU A 10 -9.42 2.66 7.97
CA GLU A 10 -8.51 2.12 6.97
C GLU A 10 -8.80 0.65 6.70
N ASN A 11 -8.00 0.04 5.82
CA ASN A 11 -8.16 -1.37 5.49
C ASN A 11 -9.42 -1.59 4.66
N SER A 12 -9.76 -2.85 4.43
CA SER A 12 -10.95 -3.19 3.65
C SER A 12 -12.17 -2.39 4.10
N THR A 13 -12.19 -2.01 5.37
CA THR A 13 -13.29 -1.24 5.93
C THR A 13 -13.41 0.14 5.27
N GLY A 14 -12.28 0.64 4.75
CA GLY A 14 -12.29 1.94 4.10
C GLY A 14 -11.29 2.03 2.97
N VAL A 15 -11.62 1.41 1.84
CA VAL A 15 -10.75 1.42 0.67
C VAL A 15 -11.55 1.30 -0.62
N GLN A 16 -10.85 1.27 -1.75
CA GLN A 16 -11.50 1.15 -3.05
C GLN A 16 -10.95 -0.03 -3.85
N ASP A 17 -9.62 -0.09 -3.96
CA ASP A 17 -8.97 -1.17 -4.70
C ASP A 17 -9.45 -2.53 -4.22
N CYS A 18 -9.50 -3.51 -5.13
CA CYS A 18 -9.95 -4.85 -4.77
C CYS A 18 -8.74 -5.79 -4.66
N TYR A 19 -8.99 -7.05 -4.34
CA TYR A 19 -7.91 -8.02 -4.17
C TYR A 19 -7.85 -8.98 -5.36
N ARG A 20 -6.70 -9.03 -6.01
CA ARG A 20 -6.52 -9.93 -7.15
C ARG A 20 -5.12 -10.52 -7.16
N GLY A 21 -4.93 -11.58 -6.39
CA GLY A 21 -3.64 -12.24 -6.31
C GLY A 21 -2.98 -12.02 -4.96
N ASP A 22 -2.02 -11.11 -4.91
CA ASP A 22 -1.32 -10.80 -3.67
C ASP A 22 -0.85 -9.35 -3.68
N GLY A 23 -1.70 -8.47 -4.21
CA GLY A 23 -1.36 -7.05 -4.27
C GLY A 23 0.02 -6.82 -4.86
N GLN A 24 0.66 -5.72 -4.43
CA GLN A 24 2.01 -5.35 -4.89
C GLN A 24 2.35 -5.94 -6.26
N SER A 25 2.86 -7.17 -6.27
CA SER A 25 3.23 -7.84 -7.52
C SER A 25 4.52 -7.26 -8.09
N TYR A 26 5.39 -6.80 -7.20
CA TYR A 26 6.67 -6.21 -7.61
C TYR A 26 6.46 -5.12 -8.65
N ARG A 27 5.32 -4.44 -8.57
CA ARG A 27 5.01 -3.37 -9.52
C ARG A 27 4.53 -2.12 -8.78
N GLY A 28 3.35 -2.20 -8.16
CA GLY A 28 2.81 -1.08 -7.43
C GLY A 28 1.81 -0.29 -8.25
N THR A 29 2.30 0.64 -9.06
CA THR A 29 1.44 1.48 -9.91
C THR A 29 0.64 2.47 -9.07
N LEU A 30 -0.18 1.96 -8.14
CA LEU A 30 -0.99 2.82 -7.29
C LEU A 30 -0.14 3.41 -6.17
N SER A 31 0.01 4.73 -6.17
CA SER A 31 0.78 5.42 -5.15
C SER A 31 -0.11 5.82 -3.97
N THR A 32 -1.31 5.28 -3.92
CA THR A 32 -2.25 5.57 -2.84
C THR A 32 -1.90 4.77 -1.60
N THR A 33 -2.85 4.66 -0.67
CA THR A 33 -2.63 3.91 0.56
C THR A 33 -3.95 3.55 1.24
N ILE A 34 -4.98 4.38 1.04
CA ILE A 34 -6.28 4.11 1.65
C ILE A 34 -7.41 4.70 0.80
N THR A 35 -7.48 6.03 0.74
CA THR A 35 -8.50 6.71 -0.03
C THR A 35 -7.96 7.97 -0.69
N GLY A 36 -7.23 8.77 0.09
CA GLY A 36 -6.67 9.99 -0.44
C GLY A 36 -5.17 10.09 -0.20
N ARG A 37 -4.70 9.58 0.93
CA ARG A 37 -3.28 9.62 1.26
C ARG A 37 -2.46 8.81 0.26
N THR A 38 -1.17 8.69 0.53
CA THR A 38 -0.27 7.95 -0.36
C THR A 38 0.56 6.95 0.44
N CYS A 39 1.57 6.40 -0.22
CA CYS A 39 2.47 5.43 0.40
C CYS A 39 3.70 6.14 0.98
N GLN A 40 3.88 7.41 0.62
CA GLN A 40 5.02 8.19 1.09
C GLN A 40 6.31 7.66 0.48
N SER A 41 7.01 8.51 -0.26
CA SER A 41 8.26 8.12 -0.89
C SER A 41 9.25 7.67 0.17
N TRP A 42 10.19 6.83 -0.24
CA TRP A 42 11.20 6.32 0.67
C TRP A 42 12.38 7.28 0.78
N SER A 43 12.15 8.53 0.38
CA SER A 43 13.19 9.55 0.42
C SER A 43 12.60 10.90 0.82
N SER A 44 11.34 10.90 1.25
CA SER A 44 10.68 12.14 1.65
C SER A 44 10.78 12.36 3.16
N MET A 45 11.93 12.87 3.59
CA MET A 45 12.16 13.13 5.01
C MET A 45 11.70 14.53 5.41
N THR A 46 10.44 14.63 5.83
CA THR A 46 9.88 15.91 6.23
C THR A 46 8.79 15.73 7.29
N PRO A 47 7.66 15.08 6.96
CA PRO A 47 6.57 14.87 7.91
C PRO A 47 6.86 13.70 8.86
N HIS A 48 7.40 12.62 8.32
CA HIS A 48 7.72 11.45 9.12
C HIS A 48 8.76 10.57 8.42
N TRP A 49 9.71 10.05 9.20
CA TRP A 49 10.75 9.19 8.65
C TRP A 49 10.15 7.96 8.00
N HIS A 50 11.00 7.13 7.39
CA HIS A 50 10.54 5.92 6.73
C HIS A 50 11.58 4.81 6.86
N ARG A 51 11.33 3.69 6.18
CA ARG A 51 12.23 2.54 6.23
C ARG A 51 13.60 2.88 5.67
N ARG A 52 14.49 1.87 5.66
CA ARG A 52 15.85 2.04 5.16
C ARG A 52 15.83 2.70 3.78
N ILE A 53 15.99 4.01 3.76
CA ILE A 53 15.98 4.77 2.52
C ILE A 53 16.98 4.22 1.51
N PRO A 54 16.80 4.62 0.24
CA PRO A 54 17.66 4.20 -0.88
C PRO A 54 19.14 4.54 -0.65
N LEU A 55 19.72 3.96 0.38
CA LEU A 55 21.13 4.19 0.69
C LEU A 55 21.75 2.95 1.33
N TYR A 56 20.97 2.24 2.13
CA TYR A 56 21.45 1.03 2.79
C TYR A 56 21.16 -0.20 1.95
N TYR A 57 19.93 -0.29 1.42
CA TYR A 57 19.55 -1.43 0.59
C TYR A 57 20.06 -1.25 -0.84
N PRO A 58 20.30 -2.37 -1.56
CA PRO A 58 20.81 -2.34 -2.93
C PRO A 58 19.80 -1.75 -3.93
N ASN A 59 19.40 -0.50 -3.70
CA ASN A 59 18.44 0.21 -4.56
C ASN A 59 17.61 -0.75 -5.42
N ALA A 60 16.70 -1.48 -4.78
CA ALA A 60 15.84 -2.43 -5.48
C ALA A 60 15.16 -1.77 -6.68
N GLY A 61 14.61 -0.58 -6.47
CA GLY A 61 13.94 0.12 -7.55
C GLY A 61 12.60 0.68 -7.13
N LEU A 62 12.54 1.26 -5.94
CA LEU A 62 11.30 1.83 -5.43
C LEU A 62 10.82 2.97 -6.32
N THR A 63 9.56 2.92 -6.71
CA THR A 63 8.97 3.94 -7.57
C THR A 63 8.60 5.19 -6.76
N ARG A 64 9.61 5.87 -6.25
CA ARG A 64 9.39 7.09 -5.45
C ARG A 64 8.48 6.80 -4.26
N ASN A 65 7.18 7.05 -4.41
CA ASN A 65 6.22 6.82 -3.33
C ASN A 65 5.05 5.97 -3.83
N TYR A 66 5.38 4.93 -4.59
CA TYR A 66 4.36 4.04 -5.13
C TYR A 66 4.08 2.88 -4.19
N CYS A 67 2.96 2.98 -3.46
CA CYS A 67 2.55 1.93 -2.52
C CYS A 67 2.90 0.54 -3.06
N ARG A 68 3.85 -0.10 -2.43
CA ARG A 68 4.30 -1.43 -2.85
C ARG A 68 4.68 -2.30 -1.65
N ASN A 69 5.15 -3.51 -1.94
CA ASN A 69 5.56 -4.44 -0.89
C ASN A 69 7.01 -4.87 -1.10
N PRO A 70 7.89 -4.62 -0.11
CA PRO A 70 9.31 -4.98 -0.20
C PRO A 70 9.52 -6.50 -0.24
N ASP A 71 8.57 -7.23 0.34
CA ASP A 71 8.67 -8.70 0.37
C ASP A 71 7.47 -9.33 -0.35
N ALA A 72 6.50 -9.83 0.40
CA ALA A 72 5.32 -10.47 -0.20
C ALA A 72 4.16 -10.54 0.80
N GLU A 73 2.96 -10.19 0.33
CA GLU A 73 1.78 -10.22 1.16
C GLU A 73 0.56 -9.75 0.39
N ILE A 74 -0.64 -10.14 0.86
CA ILE A 74 -1.89 -9.76 0.21
C ILE A 74 -1.90 -8.29 -0.16
N ARG A 75 -1.58 -7.45 0.82
CA ARG A 75 -1.55 -6.01 0.62
C ARG A 75 -0.21 -5.42 1.01
N PRO A 76 0.36 -4.54 0.18
CA PRO A 76 1.64 -3.90 0.47
C PRO A 76 1.58 -3.09 1.75
N TRP A 77 2.72 -2.54 2.17
CA TRP A 77 2.75 -1.75 3.39
C TRP A 77 3.65 -0.53 3.24
N CYS A 78 3.02 0.63 3.11
CA CYS A 78 3.72 1.89 2.97
C CYS A 78 3.18 2.91 3.96
N TYR A 79 3.78 4.09 3.96
CA TYR A 79 3.37 5.16 4.87
C TYR A 79 2.28 6.01 4.21
N THR A 80 2.07 7.23 4.69
CA THR A 80 1.06 8.11 4.12
C THR A 80 1.50 9.56 4.15
N MET A 81 0.74 10.41 3.44
CA MET A 81 1.04 11.83 3.39
C MET A 81 0.34 12.58 4.52
N ASP A 82 0.44 12.03 5.73
CA ASP A 82 -0.19 12.64 6.89
C ASP A 82 0.66 12.40 8.14
N PRO A 83 0.78 13.41 9.02
CA PRO A 83 1.57 13.30 10.24
C PRO A 83 0.79 12.65 11.38
N SER A 84 0.10 11.56 11.07
CA SER A 84 -0.68 10.83 12.07
C SER A 84 -0.97 9.41 11.60
N VAL A 85 -0.07 8.86 10.80
CA VAL A 85 -0.23 7.51 10.28
C VAL A 85 1.12 6.82 10.13
N ARG A 86 1.86 7.19 9.09
CA ARG A 86 3.18 6.61 8.82
C ARG A 86 3.06 5.17 8.33
N TRP A 87 1.83 4.69 8.17
CA TRP A 87 1.61 3.32 7.71
C TRP A 87 0.15 3.13 7.26
N GLU A 88 -0.05 2.48 6.12
CA GLU A 88 -1.40 2.24 5.60
C GLU A 88 -1.43 1.12 4.59
N TYR A 89 -2.60 0.51 4.44
CA TYR A 89 -2.80 -0.59 3.50
C TYR A 89 -3.28 -0.09 2.13
N CYS A 90 -2.38 -0.10 1.14
CA CYS A 90 -2.69 0.36 -0.23
C CYS A 90 -4.16 0.73 -0.39
N ASN A 91 -5.03 -0.27 -0.52
CA ASN A 91 -6.48 -0.03 -0.65
C ASN A 91 -7.22 -1.20 -1.30
N LEU A 92 -6.61 -2.38 -1.28
CA LEU A 92 -7.22 -3.57 -1.88
C LEU A 92 -8.28 -4.16 -0.94
N THR A 93 -9.25 -4.82 -1.55
CA THR A 93 -10.35 -5.47 -0.86
C THR A 93 -10.72 -6.74 -1.58
N ARG A 94 -11.15 -7.76 -0.85
CA ARG A 94 -11.53 -9.00 -1.48
C ARG A 94 -12.72 -8.78 -2.41
N CYS A 95 -12.45 -8.91 -3.72
CA CYS A 95 -13.48 -8.72 -4.74
C CYS A 95 -14.15 -10.05 -5.08
N PRO A 96 -15.47 -10.17 -4.84
CA PRO A 96 -16.21 -11.40 -5.12
C PRO A 96 -16.38 -11.63 -6.62
N VAL A 97 -15.43 -12.35 -7.21
CA VAL A 97 -15.48 -12.64 -8.64
C VAL A 97 -14.42 -13.67 -9.02
N THR A 98 -14.73 -14.50 -10.01
CA THR A 98 -13.81 -15.53 -10.47
C THR A 98 -13.12 -15.11 -11.76
N GLU A 99 -12.15 -15.91 -12.21
CA GLU A 99 -11.42 -15.62 -13.44
C GLU A 99 -11.08 -16.90 -14.18
N SER A 100 -10.46 -16.75 -15.35
CA SER A 100 -10.08 -17.89 -16.16
C SER A 100 -8.91 -17.55 -17.08
N SER A 101 -8.60 -18.44 -18.00
CA SER A 101 -7.51 -18.23 -18.94
C SER A 101 -6.18 -18.08 -18.21
N VAL A 102 -5.08 -18.27 -18.93
CA VAL A 102 -3.75 -18.15 -18.34
C VAL A 102 -3.26 -16.71 -18.41
N ILE A 1 -8.87 -4.83 -8.39
CA ILE A 1 -8.57 -3.45 -8.89
C ILE A 1 -9.81 -2.58 -8.84
N GLU A 2 -9.88 -1.68 -7.85
CA GLU A 2 -11.02 -0.79 -7.71
C GLU A 2 -12.27 -1.55 -7.28
N GLY A 3 -12.99 -1.00 -6.30
CA GLY A 3 -14.19 -1.63 -5.83
C GLY A 3 -15.29 -0.63 -5.49
N ARG A 4 -15.49 -0.40 -4.20
CA ARG A 4 -16.51 0.54 -3.75
C ARG A 4 -16.50 0.68 -2.23
N HIS A 5 -17.56 1.27 -1.69
CA HIS A 5 -17.66 1.46 -0.24
C HIS A 5 -16.57 2.40 0.27
N MET A 6 -16.90 3.14 1.33
CA MET A 6 -15.93 4.08 1.91
C MET A 6 -14.85 3.34 2.68
N ALA A 7 -13.97 4.10 3.33
CA ALA A 7 -12.88 3.51 4.11
C ALA A 7 -13.03 3.83 5.59
N PRO A 8 -14.07 3.27 6.24
CA PRO A 8 -14.32 3.50 7.67
C PRO A 8 -13.28 2.81 8.55
N THR A 9 -12.98 1.56 8.24
CA THR A 9 -12.01 0.78 9.00
C THR A 9 -10.89 0.27 8.10
N GLU A 10 -9.71 0.90 8.23
CA GLU A 10 -8.55 0.51 7.42
C GLU A 10 -8.28 -0.99 7.53
N ASN A 11 -7.58 -1.53 6.55
CA ASN A 11 -7.24 -2.95 6.54
C ASN A 11 -8.50 -3.79 6.31
N SER A 12 -9.38 -3.82 7.29
CA SER A 12 -10.62 -4.56 7.19
C SER A 12 -11.54 -3.94 6.14
N THR A 13 -12.85 -3.98 6.37
CA THR A 13 -13.81 -3.40 5.43
C THR A 13 -13.70 -1.88 5.42
N GLY A 14 -12.57 -1.38 4.95
CA GLY A 14 -12.35 0.05 4.89
C GLY A 14 -11.01 0.42 4.29
N VAL A 15 -10.65 -0.29 3.22
CA VAL A 15 -9.37 -0.05 2.56
C VAL A 15 -9.58 0.47 1.13
N GLN A 16 -10.80 0.33 0.61
CA GLN A 16 -11.13 0.79 -0.74
C GLN A 16 -10.47 -0.10 -1.79
N ASP A 17 -10.94 0.01 -3.03
CA ASP A 17 -10.41 -0.78 -4.13
C ASP A 17 -10.60 -2.27 -3.86
N CYS A 18 -10.49 -3.09 -4.89
CA CYS A 18 -10.65 -4.54 -4.76
C CYS A 18 -9.29 -5.24 -4.81
N TYR A 19 -9.32 -6.55 -4.62
CA TYR A 19 -8.11 -7.37 -4.63
C TYR A 19 -8.08 -8.24 -5.88
N ARG A 20 -6.88 -8.62 -6.31
CA ARG A 20 -6.75 -9.45 -7.51
C ARG A 20 -5.40 -10.14 -7.54
N GLY A 21 -5.42 -11.47 -7.55
CA GLY A 21 -4.18 -12.24 -7.59
C GLY A 21 -3.29 -11.94 -6.40
N ASP A 22 -2.47 -10.91 -6.53
CA ASP A 22 -1.57 -10.51 -5.46
C ASP A 22 -1.31 -9.01 -5.52
N GLY A 23 -2.06 -8.25 -4.72
CA GLY A 23 -1.91 -6.81 -4.69
C GLY A 23 -0.46 -6.37 -4.76
N GLN A 24 0.43 -7.18 -4.19
CA GLN A 24 1.86 -6.87 -4.21
C GLN A 24 2.38 -6.71 -5.63
N SER A 25 2.40 -7.81 -6.39
CA SER A 25 2.87 -7.80 -7.76
C SER A 25 4.27 -7.16 -7.88
N TYR A 26 5.01 -7.17 -6.77
CA TYR A 26 6.35 -6.59 -6.76
C TYR A 26 6.36 -5.17 -7.30
N ARG A 27 5.20 -4.50 -7.23
CA ARG A 27 5.07 -3.14 -7.72
C ARG A 27 3.64 -2.64 -7.56
N GLY A 28 3.39 -1.41 -8.02
CA GLY A 28 2.06 -0.84 -7.92
C GLY A 28 2.02 0.61 -8.35
N THR A 29 1.31 0.88 -9.44
CA THR A 29 1.19 2.24 -9.96
C THR A 29 0.44 3.13 -8.97
N LEU A 30 -0.52 2.54 -8.27
CA LEU A 30 -1.32 3.28 -7.30
C LEU A 30 -0.45 3.76 -6.14
N SER A 31 -0.28 5.08 -6.06
CA SER A 31 0.52 5.68 -5.00
C SER A 31 -0.28 5.87 -3.72
N THR A 32 -1.57 5.54 -3.77
CA THR A 32 -2.44 5.64 -2.61
C THR A 32 -2.23 4.47 -1.67
N THR A 33 -3.10 4.36 -0.66
CA THR A 33 -3.00 3.28 0.31
C THR A 33 -4.38 2.87 0.83
N ILE A 34 -5.27 3.84 1.02
CA ILE A 34 -6.60 3.54 1.52
C ILE A 34 -7.67 4.33 0.77
N THR A 35 -7.74 5.63 1.03
CA THR A 35 -8.72 6.49 0.38
C THR A 35 -8.05 7.71 -0.23
N GLY A 36 -7.18 8.35 0.55
CA GLY A 36 -6.48 9.53 0.08
C GLY A 36 -5.00 9.50 0.42
N ARG A 37 -4.64 8.75 1.46
CA ARG A 37 -3.24 8.64 1.88
C ARG A 37 -2.39 8.07 0.76
N THR A 38 -1.08 8.08 0.95
CA THR A 38 -0.16 7.56 -0.04
C THR A 38 0.80 6.54 0.56
N CYS A 39 1.86 6.22 -0.19
CA CYS A 39 2.86 5.27 0.25
C CYS A 39 4.07 5.98 0.85
N GLN A 40 4.09 7.31 0.81
CA GLN A 40 5.20 8.08 1.34
C GLN A 40 6.50 7.71 0.63
N SER A 41 6.98 8.63 -0.19
CA SER A 41 8.21 8.39 -0.94
C SER A 41 9.32 7.88 -0.02
N TRP A 42 10.14 6.98 -0.53
CA TRP A 42 11.24 6.41 0.25
C TRP A 42 12.42 7.38 0.30
N SER A 43 12.22 8.60 -0.18
CA SER A 43 13.27 9.62 -0.18
C SER A 43 12.79 10.91 0.49
N SER A 44 11.50 10.97 0.85
CA SER A 44 10.95 12.15 1.50
C SER A 44 10.83 11.94 3.01
N MET A 45 11.87 12.33 3.74
CA MET A 45 11.88 12.19 5.19
C MET A 45 11.73 13.55 5.86
N THR A 46 10.78 14.35 5.38
CA THR A 46 10.53 15.67 5.93
C THR A 46 9.51 15.60 7.06
N PRO A 47 8.25 15.21 6.77
CA PRO A 47 7.20 15.11 7.78
C PRO A 47 7.42 13.95 8.73
N HIS A 48 7.81 12.81 8.17
CA HIS A 48 8.06 11.61 8.97
C HIS A 48 8.94 10.62 8.21
N TRP A 49 9.93 10.07 8.89
CA TRP A 49 10.84 9.11 8.27
C TRP A 49 10.07 7.94 7.67
N HIS A 50 10.68 7.27 6.70
CA HIS A 50 10.04 6.13 6.04
C HIS A 50 10.77 4.83 6.37
N ARG A 51 11.89 4.58 5.70
CA ARG A 51 12.67 3.38 5.92
C ARG A 51 14.08 3.52 5.40
N ARG A 52 14.85 2.43 5.42
CA ARG A 52 16.21 2.43 4.95
C ARG A 52 16.28 2.95 3.51
N ILE A 53 16.46 4.26 3.37
CA ILE A 53 16.52 4.90 2.06
C ILE A 53 17.51 4.21 1.14
N PRO A 54 17.39 4.47 -0.16
CA PRO A 54 18.27 3.89 -1.20
C PRO A 54 19.74 4.22 -0.99
N LEU A 55 20.30 3.74 0.11
CA LEU A 55 21.70 3.99 0.43
C LEU A 55 22.31 2.82 1.20
N TYR A 56 21.51 2.20 2.07
CA TYR A 56 21.98 1.07 2.86
C TYR A 56 21.53 -0.25 2.24
N TYR A 57 20.27 -0.32 1.84
CA TYR A 57 19.73 -1.53 1.24
C TYR A 57 20.04 -1.57 -0.26
N PRO A 58 20.15 -2.77 -0.84
CA PRO A 58 20.43 -2.92 -2.26
C PRO A 58 19.40 -2.20 -3.12
N ASN A 59 19.83 -1.16 -3.83
CA ASN A 59 18.95 -0.38 -4.68
C ASN A 59 18.01 -1.27 -5.49
N ALA A 60 16.82 -1.51 -4.95
CA ALA A 60 15.84 -2.35 -5.62
C ALA A 60 15.08 -1.58 -6.68
N GLY A 61 14.94 -0.28 -6.49
CA GLY A 61 14.23 0.55 -7.45
C GLY A 61 12.81 0.85 -7.03
N LEU A 62 12.68 1.65 -5.98
CA LEU A 62 11.35 2.02 -5.47
C LEU A 62 10.79 3.20 -6.25
N THR A 63 9.52 3.10 -6.65
CA THR A 63 8.87 4.17 -7.40
C THR A 63 8.41 5.29 -6.48
N ARG A 64 9.38 6.02 -5.93
CA ARG A 64 9.09 7.14 -5.03
C ARG A 64 8.08 6.73 -3.95
N ASN A 65 6.84 7.17 -4.08
CA ASN A 65 5.80 6.84 -3.10
C ASN A 65 4.71 6.00 -3.75
N TYR A 66 5.11 5.01 -4.54
CA TYR A 66 4.17 4.15 -5.22
C TYR A 66 3.82 2.92 -4.39
N CYS A 67 2.71 3.00 -3.66
CA CYS A 67 2.22 1.89 -2.82
C CYS A 67 2.90 0.57 -3.16
N ARG A 68 3.87 0.17 -2.35
CA ARG A 68 4.61 -1.07 -2.58
C ARG A 68 5.02 -1.73 -1.27
N ASN A 69 5.67 -2.89 -1.39
CA ASN A 69 6.13 -3.63 -0.21
C ASN A 69 7.43 -4.38 -0.54
N PRO A 70 8.43 -4.32 0.35
CA PRO A 70 9.72 -4.99 0.14
C PRO A 70 9.62 -6.51 0.17
N ASP A 71 9.07 -7.04 1.27
CA ASP A 71 8.93 -8.49 1.41
C ASP A 71 7.80 -9.03 0.53
N ALA A 72 6.58 -9.04 1.05
CA ALA A 72 5.44 -9.54 0.29
C ALA A 72 4.11 -9.04 0.86
N GLU A 73 3.53 -9.82 1.78
CA GLU A 73 2.26 -9.44 2.40
C GLU A 73 1.16 -9.35 1.36
N ILE A 74 -0.09 -9.54 1.79
CA ILE A 74 -1.24 -9.48 0.88
C ILE A 74 -1.13 -8.28 -0.06
N ARG A 75 -0.89 -7.10 0.50
CA ARG A 75 -0.74 -5.89 -0.30
C ARG A 75 0.29 -4.95 0.30
N PRO A 76 0.80 -4.00 -0.49
CA PRO A 76 1.81 -3.03 -0.04
C PRO A 76 1.55 -2.51 1.37
N TRP A 77 2.63 -2.23 2.09
CA TRP A 77 2.54 -1.71 3.46
C TRP A 77 3.62 -0.67 3.69
N CYS A 78 3.24 0.58 3.53
CA CYS A 78 4.16 1.69 3.72
C CYS A 78 3.46 2.82 4.45
N TYR A 79 4.17 3.92 4.64
CA TYR A 79 3.61 5.07 5.34
C TYR A 79 2.79 5.93 4.39
N THR A 80 2.15 6.96 4.93
CA THR A 80 1.32 7.85 4.12
C THR A 80 1.81 9.29 4.21
N MET A 81 1.29 10.13 3.32
CA MET A 81 1.66 11.54 3.29
C MET A 81 1.12 12.25 4.53
N ASP A 82 0.19 11.61 5.23
CA ASP A 82 -0.40 12.18 6.43
C ASP A 82 0.38 11.74 7.67
N PRO A 83 0.92 12.69 8.43
CA PRO A 83 1.69 12.39 9.65
C PRO A 83 0.83 11.74 10.74
N SER A 84 -0.49 11.75 10.54
CA SER A 84 -1.40 11.15 11.51
C SER A 84 -1.46 9.64 11.35
N VAL A 85 -1.25 9.16 10.13
CA VAL A 85 -1.28 7.73 9.86
C VAL A 85 0.10 7.11 10.02
N ARG A 86 1.00 7.43 9.09
CA ARG A 86 2.36 6.91 9.10
C ARG A 86 2.42 5.48 8.54
N TRP A 87 1.26 4.83 8.40
CA TRP A 87 1.23 3.47 7.87
C TRP A 87 -0.19 3.08 7.48
N GLU A 88 -0.31 2.35 6.36
CA GLU A 88 -1.63 1.92 5.88
C GLU A 88 -1.50 0.77 4.88
N TYR A 89 -2.59 0.03 4.74
CA TYR A 89 -2.65 -1.10 3.82
C TYR A 89 -3.17 -0.68 2.46
N CYS A 90 -2.38 -0.95 1.41
CA CYS A 90 -2.77 -0.59 0.04
C CYS A 90 -4.26 -0.86 -0.21
N ASN A 91 -4.92 0.08 -0.88
CA ASN A 91 -6.34 -0.05 -1.16
C ASN A 91 -6.64 -1.26 -2.04
N LEU A 92 -7.16 -2.31 -1.42
CA LEU A 92 -7.50 -3.54 -2.12
C LEU A 92 -8.48 -4.37 -1.30
N THR A 93 -9.67 -4.58 -1.86
CA THR A 93 -10.71 -5.35 -1.22
C THR A 93 -10.96 -6.66 -1.96
N ARG A 94 -11.17 -7.72 -1.22
CA ARG A 94 -11.41 -9.02 -1.81
C ARG A 94 -12.67 -9.00 -2.65
N CYS A 95 -12.49 -9.15 -3.97
CA CYS A 95 -13.60 -9.15 -4.91
C CYS A 95 -14.27 -10.52 -4.97
N PRO A 96 -15.47 -10.59 -5.58
CA PRO A 96 -16.21 -11.85 -5.70
C PRO A 96 -15.55 -12.82 -6.67
N VAL A 97 -15.23 -14.02 -6.20
CA VAL A 97 -14.59 -15.04 -7.02
C VAL A 97 -15.47 -15.38 -8.23
N THR A 98 -14.85 -15.95 -9.26
CA THR A 98 -15.56 -16.33 -10.47
C THR A 98 -16.28 -15.14 -11.09
N GLU A 99 -15.73 -14.62 -12.19
CA GLU A 99 -16.33 -13.48 -12.86
C GLU A 99 -15.72 -13.31 -14.26
N SER A 100 -14.39 -13.30 -14.33
CA SER A 100 -13.70 -13.14 -15.59
C SER A 100 -12.19 -13.26 -15.41
N SER A 101 -11.70 -14.49 -15.31
CA SER A 101 -10.27 -14.72 -15.13
C SER A 101 -9.77 -14.11 -13.83
N VAL A 102 -9.39 -14.96 -12.89
CA VAL A 102 -8.89 -14.50 -11.59
C VAL A 102 -7.61 -13.69 -11.75
N ILE A 1 -8.28 -11.08 5.97
CA ILE A 1 -8.34 -10.57 4.58
C ILE A 1 -9.68 -9.90 4.28
N GLU A 2 -9.70 -9.04 3.28
CA GLU A 2 -10.93 -8.34 2.91
C GLU A 2 -11.45 -7.49 4.06
N GLY A 3 -12.25 -6.49 3.74
CA GLY A 3 -12.81 -5.63 4.76
C GLY A 3 -13.89 -6.31 5.58
N ARG A 4 -13.95 -5.98 6.86
CA ARG A 4 -14.94 -6.58 7.75
C ARG A 4 -14.85 -5.97 9.15
N HIS A 5 -15.52 -6.59 10.11
CA HIS A 5 -15.50 -6.12 11.49
C HIS A 5 -14.34 -6.72 12.27
N MET A 6 -13.14 -6.58 11.72
CA MET A 6 -11.94 -7.10 12.37
C MET A 6 -10.68 -6.45 11.79
N ALA A 7 -9.53 -6.88 12.29
CA ALA A 7 -8.26 -6.34 11.82
C ALA A 7 -7.27 -7.46 11.49
N PRO A 8 -7.69 -8.40 10.63
CA PRO A 8 -6.84 -9.53 10.22
C PRO A 8 -5.60 -9.07 9.46
N THR A 9 -5.81 -8.33 8.39
CA THR A 9 -4.71 -7.82 7.57
C THR A 9 -5.17 -6.66 6.69
N GLU A 10 -5.31 -5.49 7.28
CA GLU A 10 -5.74 -4.30 6.54
C GLU A 10 -5.74 -3.08 7.45
N ASN A 11 -6.31 -1.98 6.96
CA ASN A 11 -6.38 -0.74 7.73
C ASN A 11 -7.45 -0.81 8.81
N SER A 12 -8.19 -1.92 8.86
CA SER A 12 -9.25 -2.09 9.84
C SER A 12 -10.37 -1.07 9.63
N THR A 13 -11.59 -1.56 9.44
CA THR A 13 -12.74 -0.70 9.21
C THR A 13 -12.42 0.39 8.19
N GLY A 14 -11.53 0.07 7.27
CA GLY A 14 -11.13 1.03 6.25
C GLY A 14 -10.61 0.36 4.99
N VAL A 15 -11.44 0.34 3.95
CA VAL A 15 -11.07 -0.28 2.68
C VAL A 15 -11.87 0.31 1.53
N GLN A 16 -11.63 -0.19 0.32
CA GLN A 16 -12.35 0.29 -0.85
C GLN A 16 -12.02 -0.54 -2.09
N ASP A 17 -10.87 -0.26 -2.71
CA ASP A 17 -10.47 -0.98 -3.92
C ASP A 17 -10.17 -2.44 -3.61
N CYS A 18 -10.15 -3.26 -4.67
CA CYS A 18 -9.89 -4.68 -4.54
C CYS A 18 -8.48 -5.03 -4.97
N TYR A 19 -7.96 -6.14 -4.46
CA TYR A 19 -6.62 -6.59 -4.79
C TYR A 19 -6.68 -7.92 -5.53
N ARG A 20 -5.54 -8.38 -6.03
CA ARG A 20 -5.49 -9.64 -6.75
C ARG A 20 -4.05 -10.19 -6.79
N GLY A 21 -3.93 -11.50 -6.65
CA GLY A 21 -2.62 -12.13 -6.67
C GLY A 21 -1.87 -11.92 -5.37
N ASP A 22 -0.66 -11.38 -5.47
CA ASP A 22 0.16 -11.13 -4.28
C ASP A 22 0.03 -9.66 -3.86
N GLY A 23 -1.15 -9.10 -4.09
CA GLY A 23 -1.38 -7.72 -3.73
C GLY A 23 -0.79 -6.75 -4.73
N GLN A 24 0.40 -6.23 -4.42
CA GLN A 24 1.07 -5.28 -5.29
C GLN A 24 1.41 -5.92 -6.64
N SER A 25 1.53 -7.25 -6.66
CA SER A 25 1.84 -7.98 -7.88
C SER A 25 2.93 -7.28 -8.70
N TYR A 26 3.96 -6.80 -8.01
CA TYR A 26 5.06 -6.10 -8.65
C TYR A 26 4.58 -4.86 -9.39
N ARG A 27 4.00 -5.05 -10.57
CA ARG A 27 3.49 -3.94 -11.37
C ARG A 27 2.36 -3.22 -10.63
N GLY A 28 1.62 -2.39 -11.36
CA GLY A 28 0.53 -1.65 -10.76
C GLY A 28 1.00 -0.55 -9.83
N THR A 29 0.69 0.69 -10.18
CA THR A 29 1.10 1.84 -9.38
C THR A 29 -0.07 2.78 -9.11
N LEU A 30 -0.77 2.54 -8.00
CA LEU A 30 -1.90 3.37 -7.63
C LEU A 30 -1.46 4.54 -6.76
N SER A 31 -0.38 4.34 -6.01
CA SER A 31 0.18 5.37 -5.15
C SER A 31 -0.84 5.86 -4.12
N THR A 32 -1.50 4.93 -3.45
CA THR A 32 -2.49 5.28 -2.43
C THR A 32 -2.41 4.36 -1.22
N THR A 33 -3.32 4.58 -0.27
CA THR A 33 -3.35 3.76 0.94
C THR A 33 -4.72 3.15 1.18
N ILE A 34 -5.59 3.90 1.85
CA ILE A 34 -6.93 3.42 2.16
C ILE A 34 -8.01 4.46 1.84
N THR A 35 -7.67 5.75 2.00
CA THR A 35 -8.63 6.81 1.73
C THR A 35 -7.99 7.96 0.95
N GLY A 36 -7.23 7.62 -0.08
CA GLY A 36 -6.60 8.65 -0.89
C GLY A 36 -5.15 8.90 -0.53
N ARG A 37 -4.85 8.83 0.77
CA ARG A 37 -3.48 9.05 1.24
C ARG A 37 -2.52 8.09 0.57
N THR A 38 -1.39 8.62 0.08
CA THR A 38 -0.40 7.79 -0.58
C THR A 38 0.52 7.12 0.43
N CYS A 39 1.67 6.67 -0.06
CA CYS A 39 2.67 6.02 0.76
C CYS A 39 3.98 6.80 0.72
N GLN A 40 4.14 7.73 1.67
CA GLN A 40 5.35 8.57 1.75
C GLN A 40 6.57 7.88 1.14
N SER A 41 7.28 8.62 0.29
CA SER A 41 8.46 8.09 -0.37
C SER A 41 9.38 7.39 0.62
N TRP A 42 10.15 6.45 0.12
CA TRP A 42 11.08 5.70 0.96
C TRP A 42 12.36 6.50 1.18
N SER A 43 12.41 7.71 0.62
CA SER A 43 13.57 8.57 0.76
C SER A 43 13.15 10.02 1.03
N SER A 44 11.86 10.24 1.29
CA SER A 44 11.35 11.59 1.56
C SER A 44 11.46 11.93 3.04
N MET A 45 12.62 12.44 3.45
CA MET A 45 12.84 12.81 4.84
C MET A 45 12.49 14.28 5.08
N THR A 46 11.22 14.54 5.39
CA THR A 46 10.76 15.91 5.64
C THR A 46 9.59 15.91 6.63
N PRO A 47 8.43 15.35 6.24
CA PRO A 47 7.25 15.31 7.13
C PRO A 47 7.39 14.26 8.22
N HIS A 48 7.77 13.05 7.83
CA HIS A 48 7.93 11.95 8.77
C HIS A 48 8.83 10.87 8.18
N TRP A 49 9.63 10.24 9.03
CA TRP A 49 10.53 9.17 8.59
C TRP A 49 9.78 8.12 7.79
N HIS A 50 10.52 7.33 7.03
CA HIS A 50 9.92 6.27 6.20
C HIS A 50 10.43 4.90 6.64
N ARG A 51 11.64 4.55 6.20
CA ARG A 51 12.24 3.27 6.54
C ARG A 51 13.67 3.17 5.98
N ARG A 52 14.15 1.95 5.82
CA ARG A 52 15.49 1.73 5.29
C ARG A 52 15.69 2.46 3.96
N ILE A 53 16.09 3.71 4.03
CA ILE A 53 16.32 4.52 2.84
C ILE A 53 17.32 3.89 1.90
N PRO A 54 17.35 4.36 0.64
CA PRO A 54 18.27 3.85 -0.40
C PRO A 54 19.73 3.92 0.03
N LEU A 55 20.07 3.16 1.06
CA LEU A 55 21.44 3.12 1.58
C LEU A 55 21.76 1.77 2.19
N TYR A 56 20.76 1.16 2.82
CA TYR A 56 20.94 -0.15 3.45
C TYR A 56 20.53 -1.26 2.50
N TYR A 57 19.38 -1.12 1.86
CA TYR A 57 18.90 -2.13 0.92
C TYR A 57 19.59 -1.99 -0.43
N PRO A 58 19.68 -3.09 -1.20
CA PRO A 58 20.35 -3.09 -2.52
C PRO A 58 19.59 -2.27 -3.56
N ASN A 59 19.39 -0.98 -3.28
CA ASN A 59 18.69 -0.06 -4.19
C ASN A 59 17.81 -0.79 -5.21
N ALA A 60 16.70 -1.36 -4.72
CA ALA A 60 15.79 -2.08 -5.59
C ALA A 60 15.30 -1.21 -6.74
N GLY A 61 14.31 -0.36 -6.45
CA GLY A 61 13.77 0.52 -7.48
C GLY A 61 12.47 1.19 -7.04
N LEU A 62 12.45 1.68 -5.81
CA LEU A 62 11.26 2.35 -5.30
C LEU A 62 10.87 3.50 -6.22
N THR A 63 9.70 3.38 -6.84
CA THR A 63 9.22 4.38 -7.77
C THR A 63 8.61 5.58 -7.04
N ARG A 64 9.43 6.27 -6.26
CA ARG A 64 9.00 7.47 -5.53
C ARG A 64 8.27 7.14 -4.22
N ASN A 65 6.99 7.51 -4.10
CA ASN A 65 6.23 7.27 -2.89
C ASN A 65 4.91 6.58 -3.20
N TYR A 66 4.87 5.86 -4.31
CA TYR A 66 3.66 5.17 -4.71
C TYR A 66 3.53 3.85 -3.96
N CYS A 67 2.49 3.75 -3.13
CA CYS A 67 2.23 2.53 -2.34
C CYS A 67 2.81 1.29 -3.01
N ARG A 68 3.29 0.34 -2.20
CA ARG A 68 3.85 -0.89 -2.73
C ARG A 68 4.35 -1.81 -1.62
N ASN A 69 4.92 -2.94 -2.01
CA ASN A 69 5.46 -3.91 -1.06
C ASN A 69 6.95 -4.08 -1.25
N PRO A 70 7.76 -3.91 -0.18
CA PRO A 70 9.21 -4.05 -0.26
C PRO A 70 9.64 -5.49 -0.53
N ASP A 71 8.76 -6.43 -0.22
CA ASP A 71 9.05 -7.85 -0.45
C ASP A 71 7.85 -8.56 -1.06
N ALA A 72 6.87 -8.88 -0.22
CA ALA A 72 5.66 -9.56 -0.69
C ALA A 72 4.51 -9.37 0.29
N GLU A 73 3.60 -10.36 0.36
CA GLU A 73 2.44 -10.33 1.25
C GLU A 73 1.18 -9.96 0.49
N ILE A 74 0.02 -10.35 1.02
CA ILE A 74 -1.26 -10.08 0.39
C ILE A 74 -1.47 -8.58 0.16
N ARG A 75 -1.16 -7.78 1.17
CA ARG A 75 -1.32 -6.33 1.08
C ARG A 75 -0.05 -5.61 1.49
N PRO A 76 0.30 -4.52 0.78
CA PRO A 76 1.50 -3.73 1.09
C PRO A 76 1.42 -3.10 2.47
N TRP A 77 2.44 -2.33 2.83
CA TRP A 77 2.48 -1.68 4.13
C TRP A 77 3.45 -0.51 4.11
N CYS A 78 2.94 0.67 3.82
CA CYS A 78 3.75 1.86 3.77
C CYS A 78 3.01 3.03 4.42
N TYR A 79 3.76 4.03 4.87
CA TYR A 79 3.18 5.20 5.51
C TYR A 79 2.28 5.96 4.53
N THR A 80 2.19 7.28 4.68
CA THR A 80 1.37 8.08 3.79
C THR A 80 1.83 9.54 3.78
N MET A 81 1.38 10.29 2.78
CA MET A 81 1.74 11.69 2.65
C MET A 81 1.30 12.48 3.88
N ASP A 82 0.34 11.93 4.63
CA ASP A 82 -0.17 12.58 5.83
C ASP A 82 0.62 12.11 7.05
N PRO A 83 1.22 13.07 7.80
CA PRO A 83 2.00 12.75 8.99
C PRO A 83 1.14 12.26 10.15
N SER A 84 -0.17 12.26 9.97
CA SER A 84 -1.09 11.81 11.02
C SER A 84 -1.45 10.34 10.85
N VAL A 85 -0.53 9.56 10.30
CA VAL A 85 -0.75 8.13 10.08
C VAL A 85 0.42 7.31 10.59
N ARG A 86 1.57 7.47 9.95
CA ARG A 86 2.78 6.74 10.31
C ARG A 86 2.82 5.38 9.63
N TRP A 87 1.63 4.83 9.34
CA TRP A 87 1.53 3.52 8.69
C TRP A 87 0.12 3.30 8.16
N GLU A 88 0.02 2.70 6.97
CA GLU A 88 -1.28 2.43 6.37
C GLU A 88 -1.15 1.40 5.24
N TYR A 89 -2.27 0.75 4.92
CA TYR A 89 -2.29 -0.24 3.86
C TYR A 89 -2.64 0.43 2.54
N CYS A 90 -2.56 -0.32 1.44
CA CYS A 90 -2.89 0.24 0.14
C CYS A 90 -4.20 -0.33 -0.39
N ASN A 91 -4.84 0.40 -1.30
CA ASN A 91 -6.10 -0.03 -1.90
C ASN A 91 -6.02 -1.50 -2.32
N LEU A 92 -6.51 -2.39 -1.47
CA LEU A 92 -6.47 -3.81 -1.73
C LEU A 92 -7.53 -4.56 -0.91
N THR A 93 -8.45 -5.21 -1.61
CA THR A 93 -9.51 -5.99 -0.96
C THR A 93 -9.78 -7.26 -1.73
N ARG A 94 -9.93 -8.36 -1.01
CA ARG A 94 -10.18 -9.65 -1.63
C ARG A 94 -11.53 -9.65 -2.34
N CYS A 95 -11.49 -9.74 -3.67
CA CYS A 95 -12.71 -9.75 -4.46
C CYS A 95 -13.20 -11.18 -4.69
N PRO A 96 -14.52 -11.37 -4.82
CA PRO A 96 -15.11 -12.70 -5.04
C PRO A 96 -14.82 -13.23 -6.44
N VAL A 97 -14.67 -14.54 -6.55
CA VAL A 97 -14.38 -15.18 -7.83
C VAL A 97 -15.64 -15.27 -8.68
N THR A 98 -15.47 -15.22 -10.00
CA THR A 98 -16.59 -15.30 -10.92
C THR A 98 -16.13 -15.78 -12.29
N GLU A 99 -16.83 -16.77 -12.84
CA GLU A 99 -16.50 -17.31 -14.15
C GLU A 99 -17.50 -18.38 -14.57
N SER A 100 -17.71 -19.36 -13.70
CA SER A 100 -18.65 -20.45 -13.98
C SER A 100 -18.24 -21.20 -15.23
N SER A 101 -17.38 -22.19 -15.07
CA SER A 101 -16.90 -23.00 -16.19
C SER A 101 -16.18 -24.25 -15.69
N VAL A 102 -16.63 -24.77 -14.56
CA VAL A 102 -16.03 -25.97 -13.97
C VAL A 102 -16.99 -26.66 -13.01
N ILE A 1 -12.90 -3.26 -8.58
CA ILE A 1 -12.27 -2.18 -9.38
C ILE A 1 -12.64 -0.81 -8.85
N GLU A 2 -11.88 -0.33 -7.87
CA GLU A 2 -12.12 0.98 -7.27
C GLU A 2 -13.48 1.01 -6.59
N GLY A 3 -13.78 2.13 -5.94
CA GLY A 3 -15.05 2.26 -5.25
C GLY A 3 -15.32 3.68 -4.79
N ARG A 4 -16.25 3.83 -3.86
CA ARG A 4 -16.60 5.14 -3.32
C ARG A 4 -16.83 5.08 -1.82
N HIS A 5 -17.40 6.14 -1.26
CA HIS A 5 -17.67 6.21 0.18
C HIS A 5 -16.36 6.16 0.97
N MET A 6 -16.10 7.21 1.73
CA MET A 6 -14.90 7.30 2.55
C MET A 6 -14.86 6.17 3.57
N ALA A 7 -13.68 5.93 4.14
CA ALA A 7 -13.52 4.89 5.14
C ALA A 7 -12.08 4.87 5.69
N PRO A 8 -11.88 5.39 6.92
CA PRO A 8 -10.56 5.43 7.55
C PRO A 8 -10.04 4.05 7.90
N THR A 9 -8.88 4.00 8.56
CA THR A 9 -8.27 2.74 8.95
C THR A 9 -7.95 1.88 7.73
N GLU A 10 -7.14 0.85 7.94
CA GLU A 10 -6.74 -0.04 6.85
C GLU A 10 -7.64 -1.27 6.81
N ASN A 11 -7.28 -2.23 5.95
CA ASN A 11 -8.05 -3.47 5.82
C ASN A 11 -9.38 -3.21 5.10
N SER A 12 -10.28 -4.17 5.19
CA SER A 12 -11.59 -4.05 4.55
C SER A 12 -12.27 -2.74 4.92
N THR A 13 -11.99 -2.25 6.12
CA THR A 13 -12.58 -1.00 6.60
C THR A 13 -12.22 0.16 5.66
N GLY A 14 -10.96 0.21 5.25
CA GLY A 14 -10.51 1.26 4.36
C GLY A 14 -9.87 0.72 3.10
N VAL A 15 -10.57 0.86 1.98
CA VAL A 15 -10.06 0.37 0.70
C VAL A 15 -10.75 1.06 -0.47
N GLN A 16 -10.11 1.02 -1.64
CA GLN A 16 -10.66 1.65 -2.83
C GLN A 16 -10.56 0.72 -4.03
N ASP A 17 -9.33 0.53 -4.52
CA ASP A 17 -9.10 -0.34 -5.67
C ASP A 17 -9.50 -1.78 -5.36
N CYS A 18 -9.16 -2.69 -6.27
CA CYS A 18 -9.46 -4.12 -6.11
C CYS A 18 -8.16 -4.91 -5.97
N TYR A 19 -8.28 -6.20 -5.67
CA TYR A 19 -7.14 -7.09 -5.51
C TYR A 19 -7.04 -8.01 -6.72
N ARG A 20 -5.95 -8.76 -6.83
CA ARG A 20 -5.78 -9.67 -7.95
C ARG A 20 -4.84 -10.82 -7.59
N GLY A 21 -3.54 -10.61 -7.79
CA GLY A 21 -2.57 -11.66 -7.48
C GLY A 21 -2.38 -11.83 -5.99
N ASP A 22 -1.49 -11.03 -5.42
CA ASP A 22 -1.22 -11.10 -3.99
C ASP A 22 -0.79 -9.73 -3.47
N GLY A 23 -1.29 -8.67 -4.10
CA GLY A 23 -0.95 -7.32 -3.70
C GLY A 23 0.52 -7.01 -3.88
N GLN A 24 1.38 -7.72 -3.14
CA GLN A 24 2.82 -7.52 -3.20
C GLN A 24 3.34 -7.67 -4.64
N SER A 25 4.64 -7.87 -4.77
CA SER A 25 5.27 -8.02 -6.08
C SER A 25 5.24 -6.72 -6.86
N TYR A 26 5.03 -5.61 -6.14
CA TYR A 26 4.98 -4.28 -6.76
C TYR A 26 4.18 -4.29 -8.06
N ARG A 27 2.89 -4.01 -7.97
CA ARG A 27 2.02 -3.99 -9.14
C ARG A 27 0.69 -3.31 -8.82
N GLY A 28 0.70 -1.99 -8.80
CA GLY A 28 -0.51 -1.24 -8.51
C GLY A 28 -0.56 0.09 -9.24
N THR A 29 0.57 0.81 -9.24
CA THR A 29 0.65 2.10 -9.90
C THR A 29 -0.36 3.09 -9.32
N LEU A 30 -0.82 2.83 -8.10
CA LEU A 30 -1.79 3.70 -7.45
C LEU A 30 -1.07 4.79 -6.65
N SER A 31 -0.03 4.39 -5.92
CA SER A 31 0.74 5.31 -5.09
C SER A 31 -0.06 5.79 -3.88
N THR A 32 -1.23 5.20 -3.67
CA THR A 32 -2.06 5.55 -2.54
C THR A 32 -1.75 4.63 -1.36
N THR A 33 -2.71 4.45 -0.45
CA THR A 33 -2.47 3.58 0.70
C THR A 33 -3.79 3.13 1.33
N ILE A 34 -4.83 3.94 1.26
CA ILE A 34 -6.12 3.58 1.84
C ILE A 34 -7.29 4.21 1.09
N THR A 35 -7.58 5.47 1.39
CA THR A 35 -8.68 6.18 0.73
C THR A 35 -8.42 7.68 0.69
N GLY A 36 -7.17 8.06 0.42
CA GLY A 36 -6.83 9.47 0.35
C GLY A 36 -5.47 9.78 0.96
N ARG A 37 -4.56 8.82 0.91
CA ARG A 37 -3.22 9.01 1.45
C ARG A 37 -2.21 8.13 0.73
N THR A 38 -1.04 8.69 0.43
CA THR A 38 0.00 7.94 -0.28
C THR A 38 0.70 6.96 0.64
N CYS A 39 1.81 6.41 0.16
CA CYS A 39 2.59 5.45 0.94
C CYS A 39 3.97 6.03 1.29
N GLN A 40 4.10 7.35 1.17
CA GLN A 40 5.36 8.02 1.48
C GLN A 40 6.49 7.53 0.58
N SER A 41 7.17 8.46 -0.07
CA SER A 41 8.28 8.13 -0.96
C SER A 41 9.52 7.73 -0.16
N TRP A 42 10.11 6.61 -0.53
CA TRP A 42 11.31 6.12 0.16
C TRP A 42 12.49 7.04 -0.12
N SER A 43 12.47 8.20 0.52
CA SER A 43 13.52 9.20 0.36
C SER A 43 13.02 10.57 0.81
N SER A 44 11.70 10.75 0.77
CA SER A 44 11.10 12.01 1.17
C SER A 44 11.00 12.10 2.69
N MET A 45 12.11 12.45 3.33
CA MET A 45 12.16 12.57 4.79
C MET A 45 11.81 13.99 5.22
N THR A 46 10.58 14.15 5.73
CA THR A 46 10.11 15.46 6.19
C THR A 46 9.11 15.30 7.33
N PRO A 47 7.91 14.75 7.04
CA PRO A 47 6.86 14.56 8.06
C PRO A 47 7.20 13.41 9.00
N HIS A 48 7.67 12.31 8.43
CA HIS A 48 8.02 11.12 9.21
C HIS A 48 9.11 10.32 8.51
N TRP A 49 10.02 9.75 9.29
CA TRP A 49 11.11 8.96 8.74
C TRP A 49 10.59 7.85 7.83
N HIS A 50 11.50 7.18 7.14
CA HIS A 50 11.13 6.10 6.22
C HIS A 50 11.96 4.85 6.49
N ARG A 51 11.59 3.75 5.86
CA ARG A 51 12.31 2.50 6.03
C ARG A 51 13.70 2.59 5.40
N ARG A 52 14.33 1.45 5.16
CA ARG A 52 15.66 1.43 4.56
C ARG A 52 15.64 2.09 3.19
N ILE A 53 15.75 3.41 3.19
CA ILE A 53 15.74 4.19 1.95
C ILE A 53 16.74 3.67 0.94
N PRO A 54 16.57 4.07 -0.34
CA PRO A 54 17.46 3.66 -1.45
C PRO A 54 18.92 3.99 -1.19
N LEU A 55 19.49 3.39 -0.16
CA LEU A 55 20.89 3.61 0.19
C LEU A 55 21.49 2.36 0.82
N TYR A 56 20.70 1.65 1.61
CA TYR A 56 21.16 0.43 2.27
C TYR A 56 20.88 -0.78 1.40
N TYR A 57 19.69 -0.85 0.81
CA TYR A 57 19.32 -1.98 -0.04
C TYR A 57 19.84 -1.76 -1.46
N PRO A 58 20.08 -2.86 -2.20
CA PRO A 58 20.59 -2.78 -3.59
C PRO A 58 19.57 -2.22 -4.57
N ASN A 59 19.10 -0.99 -4.31
CA ASN A 59 18.13 -0.30 -5.17
C ASN A 59 17.29 -1.28 -6.01
N ALA A 60 16.40 -2.00 -5.35
CA ALA A 60 15.53 -2.95 -6.04
C ALA A 60 14.75 -2.30 -7.15
N GLY A 61 14.27 -1.08 -6.89
CA GLY A 61 13.50 -0.35 -7.89
C GLY A 61 12.16 0.11 -7.37
N LEU A 62 12.20 0.96 -6.34
CA LEU A 62 10.98 1.49 -5.75
C LEU A 62 10.49 2.72 -6.51
N THR A 63 9.21 2.75 -6.86
CA THR A 63 8.65 3.88 -7.59
C THR A 63 8.33 5.04 -6.65
N ARG A 64 9.38 5.56 -6.01
CA ARG A 64 9.24 6.69 -5.09
C ARG A 64 8.24 6.37 -3.96
N ASN A 65 6.99 6.82 -4.11
CA ASN A 65 5.97 6.58 -3.11
C ASN A 65 4.82 5.73 -3.67
N TYR A 66 5.17 4.71 -4.43
CA TYR A 66 4.17 3.84 -5.03
C TYR A 66 3.81 2.68 -4.12
N CYS A 67 2.71 2.83 -3.37
CA CYS A 67 2.21 1.80 -2.44
C CYS A 67 2.85 0.45 -2.73
N ARG A 68 3.70 0.01 -1.81
CA ARG A 68 4.39 -1.28 -1.97
C ARG A 68 5.07 -1.71 -0.68
N ASN A 69 5.65 -2.91 -0.71
CA ASN A 69 6.35 -3.46 0.45
C ASN A 69 7.73 -3.98 0.06
N PRO A 70 8.73 -3.82 0.94
CA PRO A 70 10.10 -4.27 0.67
C PRO A 70 10.17 -5.79 0.53
N ASP A 71 9.23 -6.49 1.15
CA ASP A 71 9.19 -7.95 1.09
C ASP A 71 7.92 -8.44 0.41
N ALA A 72 7.04 -9.10 1.15
CA ALA A 72 5.80 -9.62 0.58
C ALA A 72 4.76 -9.91 1.68
N GLU A 73 3.53 -9.46 1.46
CA GLU A 73 2.45 -9.67 2.41
C GLU A 73 1.17 -9.03 1.93
N ILE A 74 0.47 -9.72 1.01
CA ILE A 74 -0.78 -9.22 0.44
C ILE A 74 -0.75 -7.70 0.24
N ARG A 75 -1.30 -6.96 1.20
CA ARG A 75 -1.32 -5.51 1.13
C ARG A 75 0.02 -4.95 1.60
N PRO A 76 0.65 -4.07 0.80
CA PRO A 76 1.92 -3.46 1.18
C PRO A 76 1.81 -2.78 2.53
N TRP A 77 2.91 -2.22 3.02
CA TRP A 77 2.90 -1.56 4.31
C TRP A 77 3.87 -0.38 4.35
N CYS A 78 3.31 0.82 4.19
CA CYS A 78 4.09 2.04 4.22
C CYS A 78 3.33 3.12 4.99
N TYR A 79 3.90 4.31 5.05
CA TYR A 79 3.26 5.42 5.76
C TYR A 79 2.34 6.18 4.81
N THR A 80 2.06 7.44 5.12
CA THR A 80 1.18 8.25 4.28
C THR A 80 1.51 9.74 4.42
N MET A 81 1.20 10.50 3.38
CA MET A 81 1.45 11.94 3.38
C MET A 81 0.66 12.62 4.50
N ASP A 82 -0.52 12.06 4.79
CA ASP A 82 -1.38 12.60 5.83
C ASP A 82 -0.69 12.52 7.20
N PRO A 83 -0.31 13.68 7.79
CA PRO A 83 0.36 13.72 9.08
C PRO A 83 -0.57 13.33 10.23
N SER A 84 -1.20 12.17 10.11
CA SER A 84 -2.11 11.68 11.14
C SER A 84 -2.31 10.17 11.01
N VAL A 85 -1.29 9.49 10.50
CA VAL A 85 -1.35 8.05 10.31
C VAL A 85 -0.10 7.37 10.83
N ARG A 86 1.02 7.61 10.14
CA ARG A 86 2.31 7.03 10.49
C ARG A 86 2.51 5.68 9.79
N TRP A 87 1.40 5.01 9.46
CA TRP A 87 1.48 3.71 8.77
C TRP A 87 0.13 3.34 8.15
N GLU A 88 0.19 2.67 7.00
CA GLU A 88 -1.01 2.24 6.29
C GLU A 88 -0.70 1.03 5.41
N TYR A 89 -1.74 0.38 4.94
CA TYR A 89 -1.58 -0.79 4.09
C TYR A 89 -1.59 -0.40 2.61
N CYS A 90 -2.78 -0.40 2.02
CA CYS A 90 -2.95 -0.05 0.60
C CYS A 90 -4.44 0.00 0.28
N ASN A 91 -4.77 0.12 -0.99
CA ASN A 91 -6.18 0.19 -1.39
C ASN A 91 -6.47 -0.75 -2.57
N LEU A 92 -6.96 -1.94 -2.24
CA LEU A 92 -7.30 -2.96 -3.22
C LEU A 92 -8.26 -3.99 -2.63
N THR A 93 -9.50 -3.97 -3.10
CA THR A 93 -10.54 -4.88 -2.67
C THR A 93 -10.41 -6.20 -3.39
N ARG A 94 -10.57 -7.27 -2.68
CA ARG A 94 -10.48 -8.58 -3.28
C ARG A 94 -11.57 -8.76 -4.33
N CYS A 95 -11.14 -8.84 -5.59
CA CYS A 95 -12.06 -8.98 -6.71
C CYS A 95 -12.50 -10.43 -6.89
N PRO A 96 -11.56 -11.34 -7.24
CA PRO A 96 -11.86 -12.76 -7.43
C PRO A 96 -12.61 -13.36 -6.25
N VAL A 97 -13.20 -14.53 -6.46
CA VAL A 97 -13.94 -15.21 -5.40
C VAL A 97 -15.14 -14.37 -4.95
N THR A 98 -15.79 -13.70 -5.90
CA THR A 98 -16.95 -12.87 -5.60
C THR A 98 -18.20 -13.71 -5.45
N GLU A 99 -18.65 -14.30 -6.56
CA GLU A 99 -19.85 -15.14 -6.55
C GLU A 99 -20.09 -15.74 -7.94
N SER A 100 -19.99 -14.91 -8.97
CA SER A 100 -20.20 -15.36 -10.34
C SER A 100 -19.27 -14.63 -11.30
N SER A 101 -18.02 -15.08 -11.37
CA SER A 101 -17.04 -14.47 -12.26
C SER A 101 -16.81 -15.32 -13.50
N VAL A 102 -16.39 -14.68 -14.59
CA VAL A 102 -16.15 -15.38 -15.83
C VAL A 102 -15.05 -16.43 -15.67
N ILE A 1 -5.25 -3.88 -7.11
CA ILE A 1 -4.59 -2.68 -7.69
C ILE A 1 -5.56 -1.87 -8.52
N GLU A 2 -6.83 -1.88 -8.12
CA GLU A 2 -7.86 -1.15 -8.85
C GLU A 2 -8.35 0.05 -8.02
N GLY A 3 -9.36 0.75 -8.54
CA GLY A 3 -9.90 1.90 -7.84
C GLY A 3 -11.40 1.81 -7.65
N ARG A 4 -11.85 2.13 -6.45
CA ARG A 4 -13.28 2.09 -6.14
C ARG A 4 -13.61 2.99 -4.95
N HIS A 5 -14.87 2.99 -4.53
CA HIS A 5 -15.30 3.80 -3.40
C HIS A 5 -16.52 3.18 -2.72
N MET A 6 -16.58 3.31 -1.40
CA MET A 6 -17.68 2.77 -0.62
C MET A 6 -17.54 3.13 0.85
N ALA A 7 -16.54 2.55 1.51
CA ALA A 7 -16.29 2.82 2.92
C ALA A 7 -14.82 3.11 3.16
N PRO A 8 -14.51 4.05 4.08
CA PRO A 8 -13.13 4.42 4.39
C PRO A 8 -12.38 3.31 5.14
N THR A 9 -12.41 3.35 6.47
CA THR A 9 -11.75 2.35 7.29
C THR A 9 -10.26 2.23 6.92
N GLU A 10 -9.50 1.54 7.77
CA GLU A 10 -8.08 1.35 7.54
C GLU A 10 -7.61 0.02 8.13
N ASN A 11 -6.59 -0.57 7.50
CA ASN A 11 -6.05 -1.85 7.97
C ASN A 11 -7.14 -2.93 7.94
N SER A 12 -6.89 -4.03 8.64
CA SER A 12 -7.84 -5.15 8.68
C SER A 12 -9.22 -4.66 9.11
N THR A 13 -10.21 -5.54 8.99
CA THR A 13 -11.58 -5.20 9.37
C THR A 13 -11.99 -3.84 8.84
N GLY A 14 -11.41 -3.46 7.70
CA GLY A 14 -11.72 -2.16 7.10
C GLY A 14 -11.48 -2.15 5.61
N VAL A 15 -10.44 -1.44 5.18
CA VAL A 15 -10.08 -1.33 3.76
C VAL A 15 -11.31 -1.12 2.88
N GLN A 16 -11.11 -1.12 1.56
CA GLN A 16 -12.21 -0.92 0.62
C GLN A 16 -11.90 -1.51 -0.76
N ASP A 17 -11.13 -0.77 -1.56
CA ASP A 17 -10.77 -1.21 -2.91
C ASP A 17 -10.34 -2.67 -2.91
N CYS A 18 -10.57 -3.36 -4.03
CA CYS A 18 -10.20 -4.77 -4.15
C CYS A 18 -8.93 -4.93 -4.98
N TYR A 19 -8.14 -5.96 -4.66
CA TYR A 19 -6.89 -6.23 -5.34
C TYR A 19 -7.03 -7.43 -6.28
N ARG A 20 -6.00 -7.68 -7.07
CA ARG A 20 -6.01 -8.81 -8.00
C ARG A 20 -4.71 -9.59 -7.90
N GLY A 21 -4.79 -10.81 -7.39
CA GLY A 21 -3.61 -11.64 -7.25
C GLY A 21 -2.73 -11.18 -6.10
N ASP A 22 -1.42 -11.34 -6.26
CA ASP A 22 -0.48 -10.91 -5.23
C ASP A 22 -0.06 -9.47 -5.46
N GLY A 23 -0.91 -8.53 -5.04
CA GLY A 23 -0.60 -7.13 -5.20
C GLY A 23 0.55 -6.68 -4.33
N GLN A 24 1.73 -7.22 -4.59
CA GLN A 24 2.92 -6.88 -3.82
C GLN A 24 4.18 -7.38 -4.53
N SER A 25 4.13 -7.46 -5.85
CA SER A 25 5.27 -7.92 -6.63
C SER A 25 5.95 -6.73 -7.32
N TYR A 26 6.36 -5.76 -6.52
CA TYR A 26 7.02 -4.57 -7.04
C TYR A 26 6.11 -3.82 -8.00
N ARG A 27 6.53 -2.62 -8.40
CA ARG A 27 5.74 -1.81 -9.32
C ARG A 27 4.39 -1.43 -8.70
N GLY A 28 3.49 -0.90 -9.54
CA GLY A 28 2.18 -0.52 -9.05
C GLY A 28 1.88 0.95 -9.32
N THR A 29 0.71 1.21 -9.91
CA THR A 29 0.31 2.57 -10.23
C THR A 29 -0.25 3.29 -8.99
N LEU A 30 -1.44 2.88 -8.56
CA LEU A 30 -2.07 3.48 -7.39
C LEU A 30 -1.10 3.64 -6.22
N SER A 31 -0.75 4.90 -5.95
CA SER A 31 0.18 5.21 -4.86
C SER A 31 -0.59 5.60 -3.60
N THR A 32 -1.87 5.26 -3.55
CA THR A 32 -2.71 5.59 -2.40
C THR A 32 -2.49 4.60 -1.26
N THR A 33 -3.38 4.62 -0.28
CA THR A 33 -3.27 3.74 0.87
C THR A 33 -4.59 3.04 1.16
N ILE A 34 -5.53 3.75 1.78
CA ILE A 34 -6.82 3.16 2.11
C ILE A 34 -7.95 4.18 2.00
N THR A 35 -7.76 5.35 2.60
CA THR A 35 -8.78 6.39 2.56
C THR A 35 -8.17 7.75 2.87
N GLY A 36 -6.90 7.91 2.56
CA GLY A 36 -6.22 9.17 2.83
C GLY A 36 -5.48 9.71 1.62
N ARG A 37 -4.16 9.69 1.70
CA ARG A 37 -3.32 10.18 0.61
C ARG A 37 -2.38 9.08 0.12
N THR A 38 -1.25 9.48 -0.47
CA THR A 38 -0.29 8.53 -1.00
C THR A 38 0.16 7.54 0.06
N CYS A 39 1.20 6.77 -0.25
CA CYS A 39 1.74 5.80 0.69
C CYS A 39 3.17 6.17 1.07
N GLN A 40 3.51 7.45 0.96
CA GLN A 40 4.85 7.94 1.30
C GLN A 40 5.90 7.32 0.40
N SER A 41 6.89 8.12 0.02
CA SER A 41 7.97 7.65 -0.84
C SER A 41 9.12 7.12 -0.01
N TRP A 42 9.84 6.16 -0.57
CA TRP A 42 10.99 5.57 0.11
C TRP A 42 12.22 6.42 -0.10
N SER A 43 12.13 7.67 0.36
CA SER A 43 13.22 8.63 0.23
C SER A 43 12.72 10.06 0.48
N SER A 44 11.41 10.26 0.36
CA SER A 44 10.83 11.58 0.56
C SER A 44 10.70 11.88 2.06
N MET A 45 11.78 12.36 2.65
CA MET A 45 11.80 12.69 4.07
C MET A 45 11.39 14.14 4.30
N THR A 46 10.16 14.34 4.75
CA THR A 46 9.65 15.68 5.01
C THR A 46 8.61 15.67 6.14
N PRO A 47 7.46 15.00 5.92
CA PRO A 47 6.40 14.92 6.94
C PRO A 47 6.72 13.93 8.04
N HIS A 48 7.38 12.83 7.66
CA HIS A 48 7.74 11.80 8.63
C HIS A 48 8.85 10.91 8.08
N TRP A 49 9.52 10.19 8.98
CA TRP A 49 10.62 9.31 8.57
C TRP A 49 10.08 7.97 8.10
N HIS A 50 9.75 7.89 6.81
CA HIS A 50 9.22 6.67 6.22
C HIS A 50 10.09 5.46 6.56
N ARG A 51 11.36 5.53 6.20
CA ARG A 51 12.31 4.46 6.46
C ARG A 51 13.72 4.87 6.09
N ARG A 52 14.68 3.98 6.35
CA ARG A 52 16.08 4.25 6.03
C ARG A 52 16.18 4.91 4.65
N ILE A 53 16.37 4.08 3.61
CA ILE A 53 16.45 4.56 2.23
C ILE A 53 17.22 3.58 1.35
N PRO A 54 17.06 3.72 0.03
CA PRO A 54 17.74 2.88 -0.96
C PRO A 54 19.25 2.89 -0.78
N LEU A 55 19.70 2.46 0.40
CA LEU A 55 21.12 2.40 0.73
C LEU A 55 21.39 1.17 1.60
N TYR A 56 20.49 0.90 2.54
CA TYR A 56 20.61 -0.25 3.43
C TYR A 56 20.17 -1.52 2.72
N TYR A 57 19.11 -1.40 1.92
CA TYR A 57 18.59 -2.54 1.17
C TYR A 57 18.98 -2.46 -0.30
N PRO A 58 19.08 -3.61 -0.98
CA PRO A 58 19.43 -3.65 -2.40
C PRO A 58 18.48 -2.80 -3.24
N ASN A 59 18.99 -1.68 -3.75
CA ASN A 59 18.20 -0.77 -4.56
C ASN A 59 17.33 -1.53 -5.56
N ALA A 60 16.08 -1.76 -5.19
CA ALA A 60 15.15 -2.48 -6.05
C ALA A 60 14.36 -1.54 -6.95
N GLY A 61 14.85 -0.32 -7.10
CA GLY A 61 14.17 0.66 -7.95
C GLY A 61 12.74 0.90 -7.54
N LEU A 62 12.54 1.32 -6.29
CA LEU A 62 11.21 1.60 -5.79
C LEU A 62 10.56 2.72 -6.60
N THR A 63 9.26 2.59 -6.85
CA THR A 63 8.53 3.59 -7.63
C THR A 63 8.17 4.81 -6.78
N ARG A 64 9.19 5.53 -6.34
CA ARG A 64 8.99 6.74 -5.52
C ARG A 64 8.15 6.45 -4.29
N ASN A 65 6.82 6.50 -4.44
CA ASN A 65 5.91 6.24 -3.33
C ASN A 65 4.75 5.34 -3.74
N TYR A 66 4.81 4.81 -4.96
CA TYR A 66 3.76 3.93 -5.45
C TYR A 66 3.55 2.76 -4.51
N CYS A 67 2.64 2.94 -3.55
CA CYS A 67 2.33 1.92 -2.54
C CYS A 67 2.90 0.55 -2.90
N ARG A 68 3.71 0.01 -2.00
CA ARG A 68 4.35 -1.29 -2.22
C ARG A 68 5.00 -1.80 -0.95
N ASN A 69 5.50 -3.04 -0.99
CA ASN A 69 6.14 -3.64 0.16
C ASN A 69 7.47 -4.29 -0.23
N PRO A 70 8.47 -4.26 0.66
CA PRO A 70 9.79 -4.85 0.38
C PRO A 70 9.71 -6.37 0.28
N ASP A 71 8.73 -6.96 0.95
CA ASP A 71 8.54 -8.40 0.93
C ASP A 71 7.34 -8.78 0.06
N ALA A 72 6.49 -9.69 0.55
CA ALA A 72 5.31 -10.10 -0.21
C ALA A 72 4.22 -10.64 0.73
N GLU A 73 3.07 -9.97 0.71
CA GLU A 73 1.94 -10.38 1.55
C GLU A 73 0.68 -9.62 1.17
N ILE A 74 -0.25 -10.32 0.51
CA ILE A 74 -1.51 -9.72 0.06
C ILE A 74 -1.30 -8.31 -0.49
N ARG A 75 -1.50 -7.29 0.35
CA ARG A 75 -1.32 -5.91 -0.07
C ARG A 75 -0.08 -5.33 0.60
N PRO A 76 0.51 -4.25 0.04
CA PRO A 76 1.71 -3.62 0.60
C PRO A 76 1.49 -3.02 1.98
N TRP A 77 2.54 -2.42 2.52
CA TRP A 77 2.49 -1.80 3.85
C TRP A 77 3.47 -0.64 3.94
N CYS A 78 2.97 0.55 3.65
CA CYS A 78 3.78 1.76 3.70
C CYS A 78 3.03 2.87 4.44
N TYR A 79 3.66 4.04 4.53
CA TYR A 79 3.04 5.17 5.22
C TYR A 79 2.13 5.93 4.26
N THR A 80 2.02 7.26 4.44
CA THR A 80 1.17 8.07 3.56
C THR A 80 1.69 9.50 3.49
N MET A 81 0.92 10.38 2.87
CA MET A 81 1.31 11.77 2.74
C MET A 81 0.78 12.61 3.92
N ASP A 82 0.96 12.08 5.12
CA ASP A 82 0.51 12.77 6.33
C ASP A 82 1.25 12.25 7.56
N PRO A 83 1.58 13.14 8.52
CA PRO A 83 2.29 12.78 9.74
C PRO A 83 1.36 12.33 10.86
N SER A 84 0.15 11.90 10.50
CA SER A 84 -0.82 11.46 11.49
C SER A 84 -1.10 9.96 11.36
N VAL A 85 -0.66 9.38 10.26
CA VAL A 85 -0.87 7.94 10.02
C VAL A 85 0.26 7.11 10.57
N ARG A 86 1.47 7.34 10.04
CA ARG A 86 2.67 6.61 10.45
C ARG A 86 2.80 5.32 9.65
N TRP A 87 1.67 4.70 9.34
CA TRP A 87 1.65 3.46 8.57
C TRP A 87 0.24 3.19 8.03
N GLU A 88 0.16 2.62 6.82
CA GLU A 88 -1.13 2.32 6.22
C GLU A 88 -0.98 1.31 5.09
N TYR A 89 -2.08 0.65 4.75
CA TYR A 89 -2.08 -0.32 3.67
C TYR A 89 -2.45 0.35 2.36
N CYS A 90 -2.43 -0.41 1.26
CA CYS A 90 -2.78 0.14 -0.04
C CYS A 90 -4.12 -0.44 -0.50
N ASN A 91 -4.92 0.38 -1.18
CA ASN A 91 -6.24 -0.07 -1.66
C ASN A 91 -6.13 -1.44 -2.32
N LEU A 92 -6.33 -2.48 -1.52
CA LEU A 92 -6.25 -3.85 -2.00
C LEU A 92 -7.06 -4.79 -1.11
N THR A 93 -8.13 -5.34 -1.66
CA THR A 93 -8.99 -6.27 -0.95
C THR A 93 -9.50 -7.35 -1.88
N ARG A 94 -9.94 -8.46 -1.30
CA ARG A 94 -10.47 -9.56 -2.10
C ARG A 94 -11.70 -9.12 -2.86
N CYS A 95 -11.59 -9.06 -4.19
CA CYS A 95 -12.71 -8.65 -5.04
C CYS A 95 -13.91 -9.57 -4.84
N PRO A 96 -15.13 -9.06 -5.09
CA PRO A 96 -16.36 -9.85 -4.94
C PRO A 96 -16.42 -11.01 -5.93
N VAL A 97 -16.28 -12.23 -5.41
CA VAL A 97 -16.32 -13.42 -6.25
C VAL A 97 -17.65 -13.53 -6.98
N THR A 98 -17.66 -14.30 -8.07
CA THR A 98 -18.87 -14.48 -8.86
C THR A 98 -19.88 -15.35 -8.13
N GLU A 99 -20.93 -14.73 -7.62
CA GLU A 99 -21.97 -15.45 -6.89
C GLU A 99 -23.20 -15.66 -7.77
N SER A 100 -23.35 -16.88 -8.26
CA SER A 100 -24.48 -17.23 -9.12
C SER A 100 -24.38 -16.53 -10.47
N SER A 101 -24.54 -15.21 -10.46
CA SER A 101 -24.47 -14.42 -11.68
C SER A 101 -23.65 -13.15 -11.46
N VAL A 102 -23.95 -12.44 -10.38
CA VAL A 102 -23.24 -11.21 -10.05
C VAL A 102 -22.05 -11.48 -9.14
N ILE A 1 -4.96 -4.85 -7.13
CA ILE A 1 -3.90 -3.92 -7.61
C ILE A 1 -4.45 -3.00 -8.72
N GLU A 2 -5.65 -2.49 -8.51
CA GLU A 2 -6.29 -1.60 -9.47
C GLU A 2 -7.64 -1.12 -8.96
N GLY A 3 -7.90 0.18 -9.15
CA GLY A 3 -9.16 0.74 -8.70
C GLY A 3 -8.97 2.04 -7.95
N ARG A 4 -9.95 2.94 -8.07
CA ARG A 4 -9.89 4.24 -7.40
C ARG A 4 -11.23 4.59 -6.77
N HIS A 5 -11.44 4.12 -5.55
CA HIS A 5 -12.68 4.37 -4.83
C HIS A 5 -12.53 5.55 -3.88
N MET A 6 -13.57 5.83 -3.11
CA MET A 6 -13.54 6.94 -2.15
C MET A 6 -12.43 6.74 -1.12
N ALA A 7 -12.35 7.68 -0.17
CA ALA A 7 -11.33 7.61 0.87
C ALA A 7 -11.97 7.37 2.24
N PRO A 8 -12.46 6.15 2.49
CA PRO A 8 -13.10 5.80 3.76
C PRO A 8 -12.14 5.90 4.95
N THR A 9 -11.34 4.86 5.16
CA THR A 9 -10.38 4.85 6.27
C THR A 9 -9.48 3.63 6.19
N GLU A 10 -8.65 3.45 7.23
CA GLU A 10 -7.72 2.32 7.27
C GLU A 10 -8.44 1.00 7.02
N ASN A 11 -7.70 0.00 6.55
CA ASN A 11 -8.27 -1.31 6.26
C ASN A 11 -9.15 -1.80 7.41
N SER A 12 -9.89 -2.88 7.16
CA SER A 12 -10.77 -3.44 8.18
C SER A 12 -11.83 -2.42 8.59
N THR A 13 -13.03 -2.57 8.03
CA THR A 13 -14.13 -1.67 8.33
C THR A 13 -13.81 -0.26 7.83
N GLY A 14 -13.03 -0.18 6.76
CA GLY A 14 -12.67 1.12 6.21
C GLY A 14 -12.46 1.06 4.71
N VAL A 15 -11.40 0.40 4.28
CA VAL A 15 -11.07 0.27 2.87
C VAL A 15 -12.24 -0.35 2.09
N GLN A 16 -12.24 -0.14 0.78
CA GLN A 16 -13.29 -0.67 -0.08
C GLN A 16 -12.70 -1.40 -1.28
N ASP A 17 -11.67 -0.81 -1.88
CA ASP A 17 -11.00 -1.39 -3.04
C ASP A 17 -10.55 -2.82 -2.75
N CYS A 18 -10.84 -3.73 -3.67
CA CYS A 18 -10.47 -5.13 -3.53
C CYS A 18 -9.26 -5.46 -4.39
N TYR A 19 -8.48 -6.45 -3.96
CA TYR A 19 -7.28 -6.86 -4.68
C TYR A 19 -7.51 -8.18 -5.41
N ARG A 20 -6.49 -8.64 -6.13
CA ARG A 20 -6.59 -9.90 -6.86
C ARG A 20 -5.27 -10.67 -6.80
N GLY A 21 -5.28 -11.78 -6.09
CA GLY A 21 -4.07 -12.59 -5.95
C GLY A 21 -3.07 -11.96 -5.01
N ASP A 22 -1.79 -12.13 -5.31
CA ASP A 22 -0.73 -11.57 -4.47
C ASP A 22 -0.37 -10.17 -4.96
N GLY A 23 -1.18 -9.19 -4.57
CA GLY A 23 -0.94 -7.82 -4.97
C GLY A 23 0.41 -7.31 -4.52
N GLN A 24 1.35 -7.20 -5.45
CA GLN A 24 2.69 -6.71 -5.14
C GLN A 24 3.58 -6.76 -6.38
N SER A 25 4.18 -7.92 -6.64
CA SER A 25 5.05 -8.10 -7.79
C SER A 25 6.16 -7.04 -7.80
N TYR A 26 6.49 -6.53 -6.62
CA TYR A 26 7.52 -5.52 -6.50
C TYR A 26 7.21 -4.30 -7.37
N ARG A 27 5.92 -4.03 -7.57
CA ARG A 27 5.48 -2.91 -8.38
C ARG A 27 4.18 -2.31 -7.84
N GLY A 28 3.59 -1.41 -8.61
CA GLY A 28 2.35 -0.78 -8.19
C GLY A 28 2.12 0.55 -8.88
N THR A 29 0.96 0.69 -9.52
CA THR A 29 0.63 1.93 -10.24
C THR A 29 -0.52 2.66 -9.55
N LEU A 30 -0.67 2.44 -8.24
CA LEU A 30 -1.73 3.07 -7.47
C LEU A 30 -1.24 4.40 -6.89
N SER A 31 -0.06 4.37 -6.28
CA SER A 31 0.52 5.56 -5.68
C SER A 31 -0.40 6.19 -4.65
N THR A 32 -1.32 5.38 -4.11
CA THR A 32 -2.26 5.85 -3.12
C THR A 32 -2.13 5.04 -1.83
N THR A 33 -3.23 4.79 -1.14
CA THR A 33 -3.20 4.02 0.09
C THR A 33 -4.60 3.49 0.44
N ILE A 34 -5.38 4.32 1.12
CA ILE A 34 -6.73 3.93 1.51
C ILE A 34 -7.65 5.15 1.60
N THR A 35 -7.12 6.27 2.11
CA THR A 35 -7.90 7.48 2.25
C THR A 35 -7.29 8.63 1.45
N GLY A 36 -6.99 8.37 0.19
CA GLY A 36 -6.44 9.39 -0.67
C GLY A 36 -5.02 9.78 -0.29
N ARG A 37 -4.40 9.04 0.62
CA ARG A 37 -3.04 9.34 1.04
C ARG A 37 -2.03 8.72 0.06
N THR A 38 -0.75 8.94 0.32
CA THR A 38 0.29 8.42 -0.55
C THR A 38 1.36 7.66 0.22
N CYS A 39 1.99 6.73 -0.45
CA CYS A 39 3.05 5.94 0.14
C CYS A 39 4.20 6.83 0.63
N GLN A 40 4.25 8.07 0.17
CA GLN A 40 5.30 9.00 0.55
C GLN A 40 6.64 8.52 0.03
N SER A 41 7.38 9.42 -0.62
CA SER A 41 8.68 9.07 -1.16
C SER A 41 9.59 8.53 -0.07
N TRP A 42 10.10 7.33 -0.29
CA TRP A 42 11.00 6.70 0.67
C TRP A 42 12.19 7.59 0.97
N SER A 43 12.41 8.60 0.12
CA SER A 43 13.51 9.54 0.30
C SER A 43 13.03 10.83 0.97
N SER A 44 11.71 11.04 0.98
CA SER A 44 11.14 12.24 1.58
C SER A 44 11.06 12.09 3.10
N MET A 45 12.17 12.34 3.78
CA MET A 45 12.24 12.23 5.23
C MET A 45 11.88 13.55 5.90
N THR A 46 10.61 13.69 6.26
CA THR A 46 10.13 14.91 6.92
C THR A 46 8.97 14.61 7.86
N PRO A 47 7.81 14.16 7.33
CA PRO A 47 6.64 13.85 8.16
C PRO A 47 6.86 12.63 9.05
N HIS A 48 7.57 11.64 8.51
CA HIS A 48 7.85 10.42 9.26
C HIS A 48 9.06 9.68 8.68
N TRP A 49 9.83 9.03 9.55
CA TRP A 49 11.01 8.30 9.12
C TRP A 49 10.63 7.02 8.38
N HIS A 50 10.57 7.12 7.05
CA HIS A 50 10.22 5.97 6.22
C HIS A 50 11.11 4.77 6.51
N ARG A 51 10.93 3.69 5.75
CA ARG A 51 11.72 2.49 5.94
C ARG A 51 13.17 2.68 5.52
N ARG A 52 13.93 1.59 5.52
CA ARG A 52 15.34 1.64 5.13
C ARG A 52 15.52 2.34 3.79
N ILE A 53 15.73 3.65 3.85
CA ILE A 53 15.90 4.45 2.65
C ILE A 53 16.92 3.84 1.68
N PRO A 54 16.89 4.30 0.43
CA PRO A 54 17.79 3.83 -0.64
C PRO A 54 19.27 3.98 -0.27
N LEU A 55 19.68 3.28 0.78
CA LEU A 55 21.07 3.32 1.23
C LEU A 55 21.47 1.98 1.85
N TYR A 56 20.54 1.35 2.56
CA TYR A 56 20.80 0.07 3.20
C TYR A 56 20.46 -1.08 2.24
N TYR A 57 19.35 -0.96 1.53
CA TYR A 57 18.93 -2.00 0.60
C TYR A 57 19.52 -1.72 -0.80
N PRO A 58 19.71 -2.78 -1.60
CA PRO A 58 20.28 -2.66 -2.95
C PRO A 58 19.36 -1.95 -3.94
N ASN A 59 18.98 -0.71 -3.60
CA ASN A 59 18.10 0.12 -4.44
C ASN A 59 17.27 -0.72 -5.41
N ALA A 60 16.33 -1.50 -4.88
CA ALA A 60 15.47 -2.35 -5.69
C ALA A 60 14.82 -1.55 -6.82
N GLY A 61 14.62 -0.26 -6.58
CA GLY A 61 14.00 0.59 -7.58
C GLY A 61 12.65 1.11 -7.16
N LEU A 62 12.56 1.54 -5.91
CA LEU A 62 11.31 2.07 -5.37
C LEU A 62 10.81 3.24 -6.22
N THR A 63 9.51 3.27 -6.48
CA THR A 63 8.92 4.31 -7.29
C THR A 63 8.48 5.50 -6.42
N ARG A 64 9.45 6.10 -5.72
CA ARG A 64 9.19 7.25 -4.87
C ARG A 64 8.06 6.97 -3.86
N ASN A 65 6.86 7.45 -4.14
CA ASN A 65 5.73 7.26 -3.24
C ASN A 65 4.64 6.41 -3.88
N TYR A 66 5.07 5.39 -4.61
CA TYR A 66 4.13 4.49 -5.28
C TYR A 66 3.73 3.31 -4.41
N CYS A 67 2.63 3.45 -3.67
CA CYS A 67 2.15 2.37 -2.78
C CYS A 67 2.45 1.01 -3.38
N ARG A 68 3.40 0.31 -2.80
CA ARG A 68 3.80 -1.01 -3.28
C ARG A 68 4.20 -1.92 -2.14
N ASN A 69 4.72 -3.10 -2.49
CA ASN A 69 5.15 -4.08 -1.49
C ASN A 69 6.66 -4.30 -1.55
N PRO A 70 7.38 -4.02 -0.45
CA PRO A 70 8.83 -4.19 -0.40
C PRO A 70 9.25 -5.66 -0.42
N ASP A 71 8.36 -6.54 0.02
CA ASP A 71 8.63 -7.97 0.04
C ASP A 71 7.40 -8.77 -0.42
N ALA A 72 6.66 -9.35 0.52
CA ALA A 72 5.48 -10.14 0.18
C ALA A 72 4.56 -10.29 1.39
N GLU A 73 3.26 -10.04 1.17
CA GLU A 73 2.27 -10.15 2.23
C GLU A 73 0.90 -9.66 1.75
N ILE A 74 0.11 -10.57 1.19
CA ILE A 74 -1.22 -10.23 0.69
C ILE A 74 -1.22 -8.90 -0.08
N ARG A 75 -1.50 -7.80 0.62
CA ARG A 75 -1.53 -6.49 0.00
C ARG A 75 -0.32 -5.67 0.45
N PRO A 76 0.13 -4.72 -0.38
CA PRO A 76 1.28 -3.87 -0.07
C PRO A 76 1.05 -3.01 1.17
N TRP A 77 2.13 -2.46 1.71
CA TRP A 77 2.06 -1.62 2.90
C TRP A 77 2.99 -0.42 2.75
N CYS A 78 2.39 0.76 2.64
CA CYS A 78 3.15 1.98 2.48
C CYS A 78 2.66 3.05 3.46
N TYR A 79 3.30 4.21 3.42
CA TYR A 79 2.95 5.31 4.31
C TYR A 79 1.88 6.21 3.71
N THR A 80 1.68 7.37 4.32
CA THR A 80 0.68 8.34 3.87
C THR A 80 1.29 9.74 3.78
N MET A 81 0.55 10.64 3.13
CA MET A 81 1.01 12.02 3.00
C MET A 81 0.44 12.89 4.12
N ASP A 82 0.12 12.25 5.24
CA ASP A 82 -0.45 12.95 6.39
C ASP A 82 0.36 12.63 7.65
N PRO A 83 0.67 13.66 8.47
CA PRO A 83 1.45 13.47 9.70
C PRO A 83 0.58 12.95 10.85
N SER A 84 -0.15 11.86 10.60
CA SER A 84 -1.00 11.25 11.60
C SER A 84 -1.32 9.81 11.24
N VAL A 85 -0.36 9.13 10.62
CA VAL A 85 -0.53 7.75 10.21
C VAL A 85 0.76 6.96 10.38
N ARG A 86 1.77 7.34 9.59
CA ARG A 86 3.08 6.67 9.62
C ARG A 86 3.07 5.42 8.74
N TRP A 87 1.89 4.83 8.57
CA TRP A 87 1.76 3.64 7.74
C TRP A 87 0.29 3.41 7.37
N GLU A 88 0.06 2.80 6.21
CA GLU A 88 -1.30 2.52 5.75
C GLU A 88 -1.30 1.47 4.65
N TYR A 89 -2.46 0.87 4.42
CA TYR A 89 -2.61 -0.16 3.39
C TYR A 89 -3.03 0.46 2.06
N CYS A 90 -2.62 -0.18 0.96
CA CYS A 90 -2.99 0.30 -0.36
C CYS A 90 -4.31 -0.33 -0.78
N ASN A 91 -5.07 0.37 -1.62
CA ASN A 91 -6.37 -0.15 -2.07
C ASN A 91 -6.25 -1.60 -2.53
N LEU A 92 -6.43 -2.53 -1.60
CA LEU A 92 -6.34 -3.95 -1.87
C LEU A 92 -7.05 -4.75 -0.79
N THR A 93 -8.18 -5.34 -1.15
CA THR A 93 -8.98 -6.14 -0.22
C THR A 93 -9.59 -7.34 -0.91
N ARG A 94 -9.97 -8.33 -0.12
CA ARG A 94 -10.57 -9.54 -0.66
C ARG A 94 -11.90 -9.21 -1.35
N CYS A 95 -11.94 -9.37 -2.67
CA CYS A 95 -13.15 -9.08 -3.44
C CYS A 95 -14.32 -9.93 -2.95
N PRO A 96 -14.15 -11.27 -2.93
CA PRO A 96 -15.22 -12.19 -2.49
C PRO A 96 -15.70 -11.87 -1.07
N VAL A 97 -16.40 -12.82 -0.46
CA VAL A 97 -16.92 -12.65 0.89
C VAL A 97 -18.14 -11.75 0.90
N THR A 98 -18.92 -11.81 1.96
CA THR A 98 -20.13 -10.99 2.10
C THR A 98 -21.19 -11.44 1.10
N GLU A 99 -21.82 -12.58 1.37
CA GLU A 99 -22.86 -13.11 0.50
C GLU A 99 -23.50 -14.34 1.11
N SER A 100 -24.83 -14.42 1.03
CA SER A 100 -25.57 -15.55 1.59
C SER A 100 -26.16 -16.40 0.47
N SER A 101 -25.38 -16.62 -0.59
CA SER A 101 -25.82 -17.42 -1.72
C SER A 101 -24.87 -18.57 -1.99
N VAL A 102 -25.23 -19.76 -1.54
CA VAL A 102 -24.40 -20.95 -1.73
C VAL A 102 -24.91 -21.79 -2.90
N ILE A 1 -10.00 -7.52 1.45
CA ILE A 1 -10.23 -8.37 2.64
C ILE A 1 -9.39 -7.91 3.83
N GLU A 2 -8.25 -7.30 3.54
CA GLU A 2 -7.36 -6.80 4.58
C GLU A 2 -6.71 -7.96 5.34
N GLY A 3 -7.53 -8.71 6.08
CA GLY A 3 -7.01 -9.84 6.84
C GLY A 3 -8.00 -10.98 6.91
N ARG A 4 -7.61 -12.05 7.61
CA ARG A 4 -8.48 -13.21 7.75
C ARG A 4 -8.29 -13.85 9.13
N HIS A 5 -7.04 -14.12 9.49
CA HIS A 5 -6.73 -14.73 10.78
C HIS A 5 -6.63 -13.67 11.88
N MET A 6 -5.86 -12.63 11.61
CA MET A 6 -5.67 -11.56 12.58
C MET A 6 -4.81 -10.45 11.98
N ALA A 7 -5.44 -9.40 11.47
CA ALA A 7 -4.73 -8.28 10.88
C ALA A 7 -5.01 -6.99 11.64
N PRO A 8 -4.62 -6.94 12.93
CA PRO A 8 -4.83 -5.76 13.77
C PRO A 8 -3.94 -4.59 13.35
N THR A 9 -4.33 -3.93 12.26
CA THR A 9 -3.58 -2.79 11.75
C THR A 9 -4.26 -2.19 10.52
N GLU A 10 -4.82 -3.05 9.68
CA GLU A 10 -5.50 -2.60 8.47
C GLU A 10 -6.56 -1.56 8.79
N ASN A 11 -6.88 -0.72 7.81
CA ASN A 11 -7.89 0.32 8.00
C ASN A 11 -9.29 -0.27 8.05
N SER A 12 -9.95 -0.11 9.20
CA SER A 12 -11.31 -0.63 9.38
C SER A 12 -12.30 0.10 8.48
N THR A 13 -12.28 1.43 8.53
CA THR A 13 -13.17 2.25 7.71
C THR A 13 -12.46 2.75 6.47
N GLY A 14 -11.44 2.00 6.02
CA GLY A 14 -10.70 2.38 4.83
C GLY A 14 -10.88 1.40 3.69
N VAL A 15 -11.23 0.16 4.02
CA VAL A 15 -11.44 -0.88 3.02
C VAL A 15 -12.49 -0.45 1.98
N GLN A 16 -12.17 -0.64 0.71
CA GLN A 16 -13.08 -0.28 -0.37
C GLN A 16 -12.50 -0.66 -1.74
N ASP A 17 -11.19 -0.48 -1.89
CA ASP A 17 -10.53 -0.80 -3.14
C ASP A 17 -10.17 -2.28 -3.22
N CYS A 18 -10.38 -2.87 -4.39
CA CYS A 18 -10.08 -4.29 -4.60
C CYS A 18 -8.75 -4.44 -5.35
N TYR A 19 -7.99 -5.46 -4.99
CA TYR A 19 -6.70 -5.73 -5.60
C TYR A 19 -6.78 -6.91 -6.56
N ARG A 20 -5.81 -7.00 -7.47
CA ARG A 20 -5.78 -8.08 -8.44
C ARG A 20 -4.47 -8.85 -8.37
N GLY A 21 -4.53 -10.15 -8.63
CA GLY A 21 -3.34 -10.97 -8.58
C GLY A 21 -2.70 -10.97 -7.20
N ASP A 22 -1.45 -10.53 -7.12
CA ASP A 22 -0.74 -10.47 -5.85
C ASP A 22 -0.51 -9.02 -5.43
N GLY A 23 -1.50 -8.42 -4.78
CA GLY A 23 -1.39 -7.06 -4.33
C GLY A 23 -0.05 -6.79 -3.64
N GLN A 24 0.52 -7.84 -3.05
CA GLN A 24 1.79 -7.73 -2.37
C GLN A 24 2.93 -7.49 -3.35
N SER A 25 2.97 -8.30 -4.40
CA SER A 25 4.01 -8.17 -5.42
C SER A 25 4.01 -6.77 -6.04
N TYR A 26 5.16 -6.09 -5.96
CA TYR A 26 5.28 -4.75 -6.51
C TYR A 26 4.90 -4.71 -7.98
N ARG A 27 3.63 -4.45 -8.26
CA ARG A 27 3.13 -4.39 -9.63
C ARG A 27 1.81 -3.62 -9.71
N GLY A 28 1.59 -2.72 -8.77
CA GLY A 28 0.37 -1.94 -8.75
C GLY A 28 0.58 -0.54 -9.29
N THR A 29 1.62 0.13 -8.80
CA THR A 29 1.94 1.48 -9.23
C THR A 29 0.75 2.43 -9.05
N LEU A 30 0.06 2.29 -7.92
CA LEU A 30 -1.09 3.13 -7.63
C LEU A 30 -0.68 4.38 -6.88
N SER A 31 0.32 4.25 -6.00
CA SER A 31 0.81 5.38 -5.21
C SER A 31 -0.28 5.88 -4.27
N THR A 32 -1.22 5.00 -3.93
CA THR A 32 -2.30 5.36 -3.03
C THR A 32 -2.37 4.38 -1.86
N THR A 33 -3.16 4.70 -0.85
CA THR A 33 -3.28 3.84 0.31
C THR A 33 -4.56 4.14 1.10
N ILE A 34 -5.51 3.22 1.03
CA ILE A 34 -6.78 3.36 1.75
C ILE A 34 -7.78 4.23 0.98
N THR A 35 -8.20 5.35 1.55
CA THR A 35 -9.16 6.22 0.87
C THR A 35 -8.87 7.70 1.12
N GLY A 36 -7.69 8.14 0.72
CA GLY A 36 -7.34 9.54 0.90
C GLY A 36 -5.87 9.76 1.21
N ARG A 37 -5.16 8.69 1.57
CA ARG A 37 -3.75 8.79 1.89
C ARG A 37 -2.92 7.90 0.96
N THR A 38 -1.68 8.30 0.72
CA THR A 38 -0.78 7.53 -0.15
C THR A 38 0.20 6.72 0.70
N CYS A 39 1.38 6.47 0.15
CA CYS A 39 2.39 5.71 0.84
C CYS A 39 3.66 6.52 1.11
N GLN A 40 3.68 7.77 0.62
CA GLN A 40 4.83 8.66 0.83
C GLN A 40 6.09 8.05 0.23
N SER A 41 6.69 8.76 -0.72
CA SER A 41 7.90 8.28 -1.37
C SER A 41 8.95 7.92 -0.33
N TRP A 42 9.61 6.78 -0.52
CA TRP A 42 10.63 6.32 0.41
C TRP A 42 11.88 7.21 0.36
N SER A 43 11.72 8.45 -0.10
CA SER A 43 12.83 9.39 -0.18
C SER A 43 12.50 10.70 0.53
N SER A 44 11.25 10.83 1.00
CA SER A 44 10.84 12.03 1.70
C SER A 44 11.02 11.89 3.20
N MET A 45 12.17 12.32 3.71
CA MET A 45 12.46 12.24 5.13
C MET A 45 12.00 13.50 5.85
N THR A 46 10.71 13.57 6.13
CA THR A 46 10.15 14.73 6.82
C THR A 46 8.94 14.33 7.66
N PRO A 47 7.83 13.88 7.02
CA PRO A 47 6.63 13.47 7.75
C PRO A 47 6.84 12.24 8.61
N HIS A 48 7.60 11.28 8.10
CA HIS A 48 7.89 10.05 8.84
C HIS A 48 9.13 9.36 8.29
N TRP A 49 9.93 8.80 9.20
CA TRP A 49 11.16 8.11 8.82
C TRP A 49 10.83 6.85 8.02
N HIS A 50 11.12 6.89 6.73
CA HIS A 50 10.85 5.76 5.83
C HIS A 50 11.66 4.53 6.23
N ARG A 51 11.51 3.46 5.45
CA ARG A 51 12.21 2.21 5.73
C ARG A 51 13.47 2.08 4.88
N ARG A 52 14.62 2.20 5.52
CA ARG A 52 15.91 2.09 4.84
C ARG A 52 15.88 2.72 3.46
N ILE A 53 15.97 4.04 3.41
CA ILE A 53 15.93 4.77 2.14
C ILE A 53 16.94 4.22 1.16
N PRO A 54 16.77 4.56 -0.13
CA PRO A 54 17.67 4.11 -1.22
C PRO A 54 19.12 4.53 -1.01
N LEU A 55 19.73 3.99 0.03
CA LEU A 55 21.13 4.31 0.34
C LEU A 55 21.84 3.14 1.03
N TYR A 56 21.10 2.42 1.87
CA TYR A 56 21.67 1.28 2.60
C TYR A 56 21.28 -0.05 1.95
N TYR A 57 20.01 -0.20 1.62
CA TYR A 57 19.53 -1.42 0.99
C TYR A 57 19.84 -1.41 -0.50
N PRO A 58 20.11 -2.60 -1.08
CA PRO A 58 20.42 -2.71 -2.51
C PRO A 58 19.31 -2.11 -3.36
N ASN A 59 19.60 -0.95 -3.96
CA ASN A 59 18.62 -0.25 -4.80
C ASN A 59 17.81 -1.22 -5.64
N ALA A 60 16.65 -1.62 -5.12
CA ALA A 60 15.77 -2.55 -5.82
C ALA A 60 15.08 -1.87 -7.00
N GLY A 61 14.17 -0.94 -6.71
CA GLY A 61 13.47 -0.24 -7.76
C GLY A 61 12.16 0.36 -7.29
N LEU A 62 12.18 0.97 -6.10
CA LEU A 62 10.98 1.59 -5.55
C LEU A 62 10.47 2.69 -6.47
N THR A 63 9.20 2.60 -6.86
CA THR A 63 8.62 3.59 -7.74
C THR A 63 8.22 4.85 -6.98
N ARG A 64 9.21 5.62 -6.56
CA ARG A 64 8.97 6.84 -5.81
C ARG A 64 8.17 6.58 -4.54
N ASN A 65 6.84 6.61 -4.65
CA ASN A 65 5.97 6.37 -3.51
C ASN A 65 4.83 5.41 -3.87
N TYR A 66 4.98 4.70 -4.98
CA TYR A 66 3.96 3.76 -5.42
C TYR A 66 3.75 2.67 -4.38
N CYS A 67 2.60 2.72 -3.70
CA CYS A 67 2.27 1.74 -2.65
C CYS A 67 2.87 0.38 -2.98
N ARG A 68 3.69 -0.12 -2.06
CA ARG A 68 4.35 -1.41 -2.23
C ARG A 68 4.91 -1.93 -0.92
N ASN A 69 5.61 -3.07 -1.00
CA ASN A 69 6.21 -3.69 0.18
C ASN A 69 7.56 -4.31 -0.18
N PRO A 70 8.59 -4.13 0.66
CA PRO A 70 9.91 -4.69 0.42
C PRO A 70 9.91 -6.21 0.36
N ASP A 71 9.00 -6.81 1.13
CA ASP A 71 8.88 -8.26 1.16
C ASP A 71 7.63 -8.72 0.39
N ALA A 72 6.77 -9.54 1.02
CA ALA A 72 5.56 -10.01 0.37
C ALA A 72 4.52 -10.44 1.41
N GLU A 73 3.42 -9.69 1.47
CA GLU A 73 2.35 -10.00 2.42
C GLU A 73 1.05 -9.32 2.00
N ILE A 74 0.30 -9.96 1.12
CA ILE A 74 -0.97 -9.43 0.63
C ILE A 74 -0.89 -7.91 0.41
N ARG A 75 -1.59 -7.13 1.23
CA ARG A 75 -1.56 -5.69 1.11
C ARG A 75 -0.20 -5.15 1.55
N PRO A 76 0.47 -4.34 0.72
CA PRO A 76 1.78 -3.78 1.06
C PRO A 76 1.72 -3.03 2.38
N TRP A 77 2.82 -2.37 2.74
CA TRP A 77 2.87 -1.63 4.01
C TRP A 77 3.76 -0.40 3.90
N CYS A 78 3.11 0.75 3.83
CA CYS A 78 3.81 2.03 3.73
C CYS A 78 3.09 3.08 4.57
N TYR A 79 3.61 4.30 4.58
CA TYR A 79 3.02 5.38 5.35
C TYR A 79 1.99 6.15 4.51
N THR A 80 1.92 7.46 4.68
CA THR A 80 0.97 8.27 3.93
C THR A 80 1.47 9.70 3.75
N MET A 81 0.68 10.50 3.05
CA MET A 81 1.04 11.90 2.80
C MET A 81 0.62 12.78 3.98
N ASP A 82 -0.37 12.33 4.73
CA ASP A 82 -0.87 13.06 5.88
C ASP A 82 0.02 12.81 7.10
N PRO A 83 0.64 13.87 7.65
CA PRO A 83 1.52 13.74 8.82
C PRO A 83 0.75 13.41 10.10
N SER A 84 0.00 12.31 10.06
CA SER A 84 -0.77 11.88 11.21
C SER A 84 -1.14 10.40 11.09
N VAL A 85 -0.29 9.63 10.42
CA VAL A 85 -0.52 8.21 10.22
C VAL A 85 0.71 7.40 10.62
N ARG A 86 1.80 7.58 9.87
CA ARG A 86 3.05 6.87 10.10
C ARG A 86 3.03 5.50 9.44
N TRP A 87 1.82 4.96 9.22
CA TRP A 87 1.68 3.65 8.59
C TRP A 87 0.24 3.45 8.10
N GLU A 88 0.10 2.85 6.93
CA GLU A 88 -1.21 2.60 6.33
C GLU A 88 -1.11 1.53 5.24
N TYR A 89 -2.21 0.87 4.96
CA TYR A 89 -2.26 -0.16 3.93
C TYR A 89 -2.61 0.42 2.58
N CYS A 90 -2.24 -0.26 1.50
CA CYS A 90 -2.54 0.20 0.16
C CYS A 90 -3.96 -0.20 -0.22
N ASN A 91 -4.69 0.71 -0.85
CA ASN A 91 -6.06 0.43 -1.26
C ASN A 91 -6.08 -0.77 -2.21
N LEU A 92 -6.21 -1.96 -1.62
CA LEU A 92 -6.21 -3.22 -2.35
C LEU A 92 -6.95 -4.30 -1.55
N THR A 93 -8.05 -4.79 -2.08
CA THR A 93 -8.83 -5.84 -1.40
C THR A 93 -9.26 -6.94 -2.36
N ARG A 94 -9.58 -8.09 -1.81
CA ARG A 94 -10.01 -9.21 -2.65
C ARG A 94 -11.29 -8.86 -3.40
N CYS A 95 -11.19 -8.75 -4.72
CA CYS A 95 -12.34 -8.40 -5.55
C CYS A 95 -13.40 -9.49 -5.49
N PRO A 96 -14.69 -9.10 -5.53
CA PRO A 96 -15.80 -10.06 -5.48
C PRO A 96 -16.03 -10.74 -6.81
N VAL A 97 -15.00 -11.43 -7.31
CA VAL A 97 -15.10 -12.13 -8.58
C VAL A 97 -13.97 -13.15 -8.73
N THR A 98 -14.18 -14.14 -9.59
CA THR A 98 -13.17 -15.17 -9.83
C THR A 98 -13.63 -16.14 -10.91
N GLU A 99 -12.86 -16.20 -12.00
CA GLU A 99 -13.19 -17.08 -13.11
C GLU A 99 -12.03 -18.02 -13.42
N SER A 100 -10.99 -17.48 -14.06
CA SER A 100 -9.82 -18.28 -14.40
C SER A 100 -8.71 -17.39 -14.96
N SER A 101 -7.63 -18.02 -15.41
CA SER A 101 -6.50 -17.30 -15.98
C SER A 101 -5.90 -16.34 -14.94
N VAL A 102 -4.81 -15.68 -15.31
CA VAL A 102 -4.14 -14.74 -14.42
C VAL A 102 -3.60 -15.46 -13.18
N ILE A 1 -6.83 -7.76 3.84
CA ILE A 1 -7.66 -9.00 3.90
C ILE A 1 -8.95 -8.76 4.66
N GLU A 2 -9.81 -7.91 4.09
CA GLU A 2 -11.09 -7.58 4.71
C GLU A 2 -11.95 -8.83 4.86
N GLY A 3 -13.19 -8.64 5.31
CA GLY A 3 -14.09 -9.76 5.50
C GLY A 3 -14.92 -9.64 6.76
N ARG A 4 -16.23 -9.59 6.59
CA ARG A 4 -17.15 -9.47 7.72
C ARG A 4 -16.88 -8.18 8.49
N HIS A 5 -17.62 -7.13 8.15
CA HIS A 5 -17.47 -5.83 8.82
C HIS A 5 -17.75 -5.95 10.31
N MET A 6 -16.86 -5.39 11.12
CA MET A 6 -17.01 -5.44 12.57
C MET A 6 -16.82 -4.05 13.18
N ALA A 7 -15.77 -3.36 12.75
CA ALA A 7 -15.47 -2.03 13.25
C ALA A 7 -14.86 -1.15 12.16
N PRO A 8 -15.10 0.16 12.22
CA PRO A 8 -14.56 1.11 11.23
C PRO A 8 -13.05 1.28 11.34
N THR A 9 -12.32 0.68 10.41
CA THR A 9 -10.86 0.77 10.42
C THR A 9 -10.30 0.49 9.02
N GLU A 10 -8.99 0.68 8.87
CA GLU A 10 -8.33 0.44 7.59
C GLU A 10 -8.32 -1.04 7.25
N ASN A 11 -7.97 -1.35 6.00
CA ASN A 11 -7.92 -2.73 5.54
C ASN A 11 -9.32 -3.34 5.46
N SER A 12 -9.93 -3.54 6.63
CA SER A 12 -11.27 -4.11 6.69
C SER A 12 -12.33 -3.02 6.69
N THR A 13 -13.40 -3.24 5.93
CA THR A 13 -14.50 -2.28 5.83
C THR A 13 -14.06 -1.01 5.11
N GLY A 14 -13.10 -0.29 5.69
CA GLY A 14 -12.61 0.92 5.08
C GLY A 14 -11.24 0.75 4.46
N VAL A 15 -11.16 0.97 3.15
CA VAL A 15 -9.88 0.84 2.44
C VAL A 15 -10.03 1.19 0.96
N GLN A 16 -11.19 0.86 0.39
CA GLN A 16 -11.48 1.15 -1.02
C GLN A 16 -10.78 0.14 -1.94
N ASP A 17 -11.18 0.14 -3.21
CA ASP A 17 -10.60 -0.76 -4.20
C ASP A 17 -10.86 -2.21 -3.81
N CYS A 18 -10.78 -3.11 -4.81
CA CYS A 18 -11.00 -4.53 -4.59
C CYS A 18 -9.66 -5.28 -4.55
N TYR A 19 -9.71 -6.56 -4.19
CA TYR A 19 -8.52 -7.38 -4.08
C TYR A 19 -8.41 -8.37 -5.23
N ARG A 20 -7.33 -8.31 -5.98
CA ARG A 20 -7.15 -9.22 -7.11
C ARG A 20 -5.78 -9.88 -7.07
N GLY A 21 -5.79 -11.21 -6.96
CA GLY A 21 -4.55 -11.96 -6.90
C GLY A 21 -3.68 -11.51 -5.73
N ASP A 22 -2.76 -10.61 -6.01
CA ASP A 22 -1.87 -10.08 -4.98
C ASP A 22 -1.46 -8.65 -5.32
N GLY A 23 -2.22 -7.68 -4.80
CA GLY A 23 -1.92 -6.27 -5.05
C GLY A 23 -0.43 -5.98 -5.12
N GLN A 24 0.35 -6.73 -4.34
CA GLN A 24 1.80 -6.56 -4.31
C GLN A 24 2.39 -6.78 -5.72
N SER A 25 2.57 -8.04 -6.09
CA SER A 25 3.12 -8.40 -7.40
C SER A 25 4.33 -7.53 -7.76
N TYR A 26 5.05 -7.07 -6.74
CA TYR A 26 6.23 -6.23 -6.94
C TYR A 26 5.90 -5.02 -7.81
N ARG A 27 6.88 -4.15 -8.00
CA ARG A 27 6.69 -2.95 -8.81
C ARG A 27 5.64 -2.03 -8.21
N GLY A 28 4.37 -2.36 -8.44
CA GLY A 28 3.29 -1.55 -7.92
C GLY A 28 3.23 -0.18 -8.57
N THR A 29 2.03 0.25 -8.94
CA THR A 29 1.84 1.55 -9.57
C THR A 29 0.67 2.31 -8.99
N LEU A 30 0.11 1.80 -7.88
CA LEU A 30 -1.02 2.45 -7.23
C LEU A 30 -0.63 3.83 -6.70
N SER A 31 0.50 3.89 -6.01
CA SER A 31 0.98 5.14 -5.44
C SER A 31 0.00 5.68 -4.40
N THR A 32 -0.88 4.80 -3.92
CA THR A 32 -1.87 5.17 -2.92
C THR A 32 -1.70 4.29 -1.69
N THR A 33 -2.72 4.21 -0.85
CA THR A 33 -2.64 3.39 0.33
C THR A 33 -4.03 3.08 0.88
N ILE A 34 -4.91 4.07 0.89
CA ILE A 34 -6.27 3.86 1.40
C ILE A 34 -7.31 4.65 0.58
N THR A 35 -7.60 5.88 1.01
CA THR A 35 -8.59 6.69 0.31
C THR A 35 -8.33 8.18 0.51
N GLY A 36 -7.06 8.57 0.41
CA GLY A 36 -6.69 9.97 0.57
C GLY A 36 -5.21 10.16 0.81
N ARG A 37 -4.56 9.16 1.39
CA ARG A 37 -3.14 9.25 1.66
C ARG A 37 -2.35 8.52 0.57
N THR A 38 -1.09 8.21 0.85
CA THR A 38 -0.25 7.51 -0.12
C THR A 38 0.66 6.49 0.55
N CYS A 39 1.70 6.09 -0.18
CA CYS A 39 2.67 5.13 0.30
C CYS A 39 3.86 5.83 0.96
N GLN A 40 3.90 7.16 0.87
CA GLN A 40 5.00 7.94 1.45
C GLN A 40 6.30 7.62 0.74
N SER A 41 6.79 8.59 -0.03
CA SER A 41 8.03 8.40 -0.75
C SER A 41 9.14 7.97 0.19
N TRP A 42 10.09 7.21 -0.32
CA TRP A 42 11.21 6.75 0.49
C TRP A 42 12.33 7.78 0.53
N SER A 43 11.96 9.04 0.35
CA SER A 43 12.91 10.14 0.38
C SER A 43 12.30 11.39 1.02
N SER A 44 11.10 11.24 1.59
CA SER A 44 10.42 12.36 2.23
C SER A 44 10.72 12.37 3.74
N MET A 45 11.86 12.93 4.11
CA MET A 45 12.25 13.00 5.51
C MET A 45 11.91 14.37 6.10
N THR A 46 10.91 15.02 5.52
CA THR A 46 10.48 16.34 6.01
C THR A 46 9.37 16.21 7.04
N PRO A 47 8.30 15.46 6.72
CA PRO A 47 7.17 15.27 7.63
C PRO A 47 7.39 14.11 8.60
N HIS A 48 7.78 12.96 8.07
CA HIS A 48 8.03 11.78 8.89
C HIS A 48 8.90 10.78 8.15
N TRP A 49 9.92 10.25 8.82
CA TRP A 49 10.82 9.27 8.23
C TRP A 49 10.05 8.12 7.59
N HIS A 50 10.77 7.28 6.86
CA HIS A 50 10.15 6.14 6.19
C HIS A 50 10.89 4.85 6.55
N ARG A 51 12.02 4.60 5.88
CA ARG A 51 12.81 3.41 6.12
C ARG A 51 14.20 3.55 5.50
N ARG A 52 14.94 2.44 5.48
CA ARG A 52 16.28 2.44 4.90
C ARG A 52 16.25 2.95 3.47
N ILE A 53 16.36 4.26 3.31
CA ILE A 53 16.34 4.89 2.00
C ILE A 53 17.33 4.25 1.05
N PRO A 54 17.16 4.50 -0.26
CA PRO A 54 18.03 3.94 -1.32
C PRO A 54 19.49 4.35 -1.15
N LEU A 55 20.10 3.89 -0.06
CA LEU A 55 21.50 4.20 0.21
C LEU A 55 22.18 3.05 0.96
N TYR A 56 21.42 2.39 1.84
CA TYR A 56 21.95 1.28 2.62
C TYR A 56 21.53 -0.06 2.01
N TYR A 57 20.24 -0.20 1.71
CA TYR A 57 19.72 -1.42 1.12
C TYR A 57 19.96 -1.44 -0.38
N PRO A 58 20.03 -2.64 -0.99
CA PRO A 58 20.25 -2.78 -2.43
C PRO A 58 19.20 -2.03 -3.23
N ASN A 59 19.62 -0.97 -3.93
CA ASN A 59 18.71 -0.16 -4.73
C ASN A 59 17.71 -1.02 -5.48
N ALA A 60 16.50 -1.14 -4.94
CA ALA A 60 15.46 -1.95 -5.55
C ALA A 60 14.57 -1.11 -6.47
N GLY A 61 15.10 0.02 -6.94
CA GLY A 61 14.36 0.88 -7.83
C GLY A 61 13.02 1.31 -7.24
N LEU A 62 13.03 1.71 -5.98
CA LEU A 62 11.81 2.14 -5.31
C LEU A 62 11.20 3.34 -6.05
N THR A 63 9.95 3.20 -6.47
CA THR A 63 9.25 4.25 -7.20
C THR A 63 8.72 5.32 -6.24
N ARG A 64 9.64 6.11 -5.68
CA ARG A 64 9.27 7.18 -4.76
C ARG A 64 8.23 6.72 -3.73
N ASN A 65 6.97 7.13 -3.92
CA ASN A 65 5.90 6.75 -3.00
C ASN A 65 4.89 5.85 -3.70
N TYR A 66 5.39 4.86 -4.42
CA TYR A 66 4.54 3.95 -5.16
C TYR A 66 4.14 2.73 -4.31
N CYS A 67 2.96 2.80 -3.70
CA CYS A 67 2.44 1.70 -2.88
C CYS A 67 3.01 0.35 -3.32
N ARG A 68 3.96 -0.16 -2.55
CA ARG A 68 4.61 -1.43 -2.88
C ARG A 68 4.95 -2.25 -1.64
N ASN A 69 5.35 -3.49 -1.87
CA ASN A 69 5.70 -4.41 -0.79
C ASN A 69 7.21 -4.67 -0.78
N PRO A 70 7.92 -4.17 0.25
CA PRO A 70 9.38 -4.37 0.36
C PRO A 70 9.75 -5.84 0.49
N ASP A 71 8.76 -6.68 0.84
CA ASP A 71 8.99 -8.10 0.99
C ASP A 71 7.90 -8.92 0.30
N ALA A 72 6.97 -9.49 1.07
CA ALA A 72 5.89 -10.28 0.50
C ALA A 72 4.73 -10.42 1.48
N GLU A 73 3.51 -10.29 0.97
CA GLU A 73 2.30 -10.40 1.79
C GLU A 73 1.05 -10.18 0.95
N ILE A 74 -0.08 -9.91 1.62
CA ILE A 74 -1.34 -9.68 0.91
C ILE A 74 -1.22 -8.48 -0.03
N ARG A 75 -1.28 -7.27 0.55
CA ARG A 75 -1.17 -6.06 -0.26
C ARG A 75 -0.05 -5.16 0.25
N PRO A 76 0.52 -4.32 -0.63
CA PRO A 76 1.59 -3.40 -0.26
C PRO A 76 1.34 -2.71 1.07
N TRP A 77 2.36 -2.65 1.91
CA TRP A 77 2.24 -2.02 3.22
C TRP A 77 3.38 -1.06 3.45
N CYS A 78 3.05 0.21 3.38
CA CYS A 78 4.02 1.26 3.59
C CYS A 78 3.37 2.44 4.31
N TYR A 79 4.12 3.49 4.51
CA TYR A 79 3.61 4.66 5.19
C TYR A 79 2.76 5.51 4.27
N THR A 80 2.38 6.71 4.73
CA THR A 80 1.55 7.60 3.93
C THR A 80 1.99 9.04 4.08
N MET A 81 1.53 9.89 3.16
CA MET A 81 1.87 11.30 3.19
C MET A 81 1.31 11.97 4.43
N ASP A 82 0.20 11.42 4.94
CA ASP A 82 -0.43 11.96 6.13
C ASP A 82 0.35 11.58 7.38
N PRO A 83 0.89 12.57 8.11
CA PRO A 83 1.67 12.32 9.33
C PRO A 83 0.84 11.68 10.43
N SER A 84 -0.48 11.63 10.24
CA SER A 84 -1.36 11.04 11.24
C SER A 84 -1.63 9.56 10.94
N VAL A 85 -0.73 8.94 10.20
CA VAL A 85 -0.87 7.52 9.85
C VAL A 85 0.44 6.78 10.03
N ARG A 86 1.38 7.01 9.10
CA ARG A 86 2.69 6.36 9.13
C ARG A 86 2.63 4.96 8.50
N TRP A 87 1.43 4.40 8.36
CA TRP A 87 1.30 3.07 7.78
C TRP A 87 -0.17 2.79 7.39
N GLU A 88 -0.35 2.09 6.27
CA GLU A 88 -1.70 1.77 5.79
C GLU A 88 -1.70 0.63 4.80
N TYR A 89 -2.85 -0.01 4.69
CA TYR A 89 -3.03 -1.13 3.77
C TYR A 89 -3.54 -0.65 2.42
N CYS A 90 -2.73 -0.80 1.38
CA CYS A 90 -3.11 -0.37 0.04
C CYS A 90 -4.58 -0.69 -0.24
N ASN A 91 -5.31 0.32 -0.69
CA ASN A 91 -6.73 0.15 -0.98
C ASN A 91 -7.01 -1.10 -1.81
N LEU A 92 -7.57 -2.11 -1.16
CA LEU A 92 -7.91 -3.37 -1.80
C LEU A 92 -8.92 -4.15 -0.96
N THR A 93 -10.05 -4.43 -1.56
CA THR A 93 -11.13 -5.17 -0.90
C THR A 93 -11.40 -6.47 -1.64
N ARG A 94 -11.65 -7.55 -0.91
CA ARG A 94 -11.91 -8.82 -1.55
C ARG A 94 -13.13 -8.73 -2.46
N CYS A 95 -12.88 -8.81 -3.77
CA CYS A 95 -13.96 -8.72 -4.77
C CYS A 95 -14.49 -10.11 -5.10
N PRO A 96 -15.78 -10.20 -5.47
CA PRO A 96 -16.42 -11.47 -5.82
C PRO A 96 -15.92 -12.02 -7.15
N VAL A 97 -15.85 -13.35 -7.23
CA VAL A 97 -15.38 -14.04 -8.43
C VAL A 97 -14.04 -13.49 -8.92
N THR A 98 -13.36 -14.27 -9.76
CA THR A 98 -12.07 -13.88 -10.30
C THR A 98 -12.20 -12.64 -11.18
N GLU A 99 -11.49 -11.57 -10.82
CA GLU A 99 -11.53 -10.33 -11.58
C GLU A 99 -12.96 -9.92 -11.92
N SER A 100 -13.09 -8.93 -12.78
CA SER A 100 -14.41 -8.44 -13.20
C SER A 100 -14.68 -8.78 -14.65
N SER A 101 -13.62 -8.78 -15.47
CA SER A 101 -13.74 -9.08 -16.89
C SER A 101 -14.50 -7.97 -17.62
N VAL A 102 -15.78 -7.84 -17.33
CA VAL A 102 -16.61 -6.82 -17.96
C VAL A 102 -16.74 -7.06 -19.46
N ILE A 1 -9.53 -6.92 2.35
CA ILE A 1 -9.76 -6.63 3.78
C ILE A 1 -8.87 -7.48 4.67
N GLU A 2 -7.68 -7.80 4.18
CA GLU A 2 -6.72 -8.61 4.94
C GLU A 2 -6.20 -7.85 6.15
N GLY A 3 -6.85 -8.03 7.28
CA GLY A 3 -6.44 -7.36 8.49
C GLY A 3 -6.51 -8.25 9.72
N ARG A 4 -6.87 -7.68 10.85
CA ARG A 4 -6.96 -8.44 12.10
C ARG A 4 -8.42 -8.58 12.54
N HIS A 5 -9.32 -8.63 11.56
CA HIS A 5 -10.74 -8.77 11.84
C HIS A 5 -11.26 -7.58 12.65
N MET A 6 -12.17 -6.83 12.05
CA MET A 6 -12.75 -5.65 12.70
C MET A 6 -11.67 -4.62 13.01
N ALA A 7 -11.78 -3.45 12.38
CA ALA A 7 -10.81 -2.39 12.58
C ALA A 7 -11.48 -1.02 12.47
N PRO A 8 -10.93 0.01 13.16
CA PRO A 8 -11.48 1.36 13.14
C PRO A 8 -11.28 2.04 11.79
N THR A 9 -10.07 1.94 11.25
CA THR A 9 -9.74 2.53 9.97
C THR A 9 -8.53 1.86 9.34
N GLU A 10 -8.68 0.59 8.99
CA GLU A 10 -7.60 -0.17 8.38
C GLU A 10 -8.06 -1.58 8.01
N ASN A 11 -7.66 -2.04 6.83
CA ASN A 11 -8.03 -3.37 6.36
C ASN A 11 -9.52 -3.44 6.04
N SER A 12 -10.35 -3.34 7.07
CA SER A 12 -11.79 -3.39 6.91
C SER A 12 -12.45 -2.10 7.39
N THR A 13 -13.63 -1.81 6.87
CA THR A 13 -14.36 -0.61 7.25
C THR A 13 -13.52 0.65 6.99
N GLY A 14 -12.72 0.61 5.93
CA GLY A 14 -11.89 1.74 5.60
C GLY A 14 -11.46 1.75 4.14
N VAL A 15 -10.84 0.66 3.71
CA VAL A 15 -10.39 0.54 2.32
C VAL A 15 -11.50 0.04 1.42
N GLN A 16 -11.62 0.65 0.24
CA GLN A 16 -12.65 0.28 -0.72
C GLN A 16 -12.04 -0.39 -1.94
N ASP A 17 -10.81 0.00 -2.28
CA ASP A 17 -10.12 -0.56 -3.43
C ASP A 17 -9.95 -2.06 -3.29
N CYS A 18 -10.13 -2.78 -4.40
CA CYS A 18 -10.01 -4.22 -4.43
C CYS A 18 -8.67 -4.64 -5.03
N TYR A 19 -8.10 -5.71 -4.49
CA TYR A 19 -6.82 -6.21 -4.97
C TYR A 19 -7.03 -7.47 -5.81
N ARG A 20 -5.94 -8.04 -6.31
CA ARG A 20 -6.04 -9.25 -7.13
C ARG A 20 -4.90 -10.21 -6.82
N GLY A 21 -5.25 -11.50 -6.66
CA GLY A 21 -4.25 -12.51 -6.35
C GLY A 21 -3.44 -12.15 -5.12
N ASP A 22 -2.32 -11.48 -5.34
CA ASP A 22 -1.46 -11.06 -4.23
C ASP A 22 -1.05 -9.60 -4.42
N GLY A 23 -1.70 -8.71 -3.67
CA GLY A 23 -1.38 -7.30 -3.77
C GLY A 23 0.11 -7.03 -3.78
N GLN A 24 0.88 -7.95 -3.21
CA GLN A 24 2.34 -7.81 -3.14
C GLN A 24 3.01 -8.17 -4.47
N SER A 25 2.39 -7.81 -5.58
CA SER A 25 2.94 -8.11 -6.90
C SER A 25 3.65 -6.90 -7.49
N TYR A 26 4.10 -5.99 -6.62
CA TYR A 26 4.80 -4.78 -7.05
C TYR A 26 4.03 -4.08 -8.17
N ARG A 27 2.72 -4.24 -8.18
CA ARG A 27 1.88 -3.62 -9.20
C ARG A 27 0.88 -2.65 -8.57
N GLY A 28 0.21 -1.87 -9.42
CA GLY A 28 -0.77 -0.92 -8.92
C GLY A 28 -0.66 0.43 -9.61
N THR A 29 0.52 1.03 -9.54
CA THR A 29 0.77 2.34 -10.16
C THR A 29 -0.29 3.35 -9.75
N LEU A 30 -0.89 3.14 -8.59
CA LEU A 30 -1.92 4.04 -8.08
C LEU A 30 -1.30 5.15 -7.24
N SER A 31 -0.19 4.83 -6.58
CA SER A 31 0.51 5.79 -5.73
C SER A 31 -0.33 6.18 -4.52
N THR A 32 -1.25 5.29 -4.16
CA THR A 32 -2.12 5.53 -3.01
C THR A 32 -1.92 4.43 -1.97
N THR A 33 -2.47 4.62 -0.78
CA THR A 33 -2.34 3.63 0.27
C THR A 33 -3.70 3.17 0.77
N ILE A 34 -4.68 4.06 0.74
CA ILE A 34 -6.03 3.74 1.19
C ILE A 34 -7.10 4.44 0.36
N THR A 35 -7.29 5.73 0.62
CA THR A 35 -8.29 6.51 -0.09
C THR A 35 -7.79 7.92 -0.39
N GLY A 36 -7.34 8.60 0.66
CA GLY A 36 -6.84 9.95 0.51
C GLY A 36 -5.42 10.12 1.04
N ARG A 37 -4.66 9.03 1.01
CA ARG A 37 -3.28 9.05 1.49
C ARG A 37 -2.39 8.21 0.58
N THR A 38 -1.13 8.60 0.46
CA THR A 38 -0.18 7.89 -0.39
C THR A 38 0.60 6.84 0.40
N CYS A 39 1.61 6.29 -0.25
CA CYS A 39 2.45 5.27 0.36
C CYS A 39 3.79 5.84 0.80
N GLN A 40 3.93 7.17 0.74
CA GLN A 40 5.18 7.83 1.14
C GLN A 40 6.33 7.39 0.24
N SER A 41 6.96 8.37 -0.40
CA SER A 41 8.09 8.09 -1.29
C SER A 41 9.30 7.62 -0.50
N TRP A 42 9.55 6.31 -0.52
CA TRP A 42 10.68 5.72 0.21
C TRP A 42 11.95 6.52 -0.02
N SER A 43 12.17 7.52 0.84
CA SER A 43 13.34 8.39 0.76
C SER A 43 13.00 9.77 1.31
N SER A 44 11.70 10.10 1.34
CA SER A 44 11.25 11.39 1.84
C SER A 44 11.23 11.42 3.37
N MET A 45 11.98 12.34 3.95
CA MET A 45 12.06 12.46 5.40
C MET A 45 11.74 13.89 5.84
N THR A 46 10.50 14.12 6.24
CA THR A 46 10.07 15.44 6.69
C THR A 46 8.95 15.33 7.73
N PRO A 47 7.77 14.83 7.33
CA PRO A 47 6.63 14.68 8.25
C PRO A 47 6.81 13.48 9.18
N HIS A 48 7.46 12.44 8.67
CA HIS A 48 7.70 11.23 9.43
C HIS A 48 8.85 10.43 8.84
N TRP A 49 9.68 9.86 9.70
CA TRP A 49 10.84 9.07 9.25
C TRP A 49 10.41 7.99 8.27
N HIS A 50 11.33 7.58 7.40
CA HIS A 50 11.04 6.57 6.40
C HIS A 50 11.73 5.25 6.73
N ARG A 51 11.73 4.33 5.78
CA ARG A 51 12.36 3.02 5.97
C ARG A 51 13.82 3.05 5.52
N ARG A 52 14.39 1.86 5.37
CA ARG A 52 15.79 1.75 4.94
C ARG A 52 15.97 2.36 3.55
N ILE A 53 16.15 3.68 3.53
CA ILE A 53 16.34 4.40 2.26
C ILE A 53 17.40 3.74 1.38
N PRO A 54 17.41 4.09 0.09
CA PRO A 54 18.37 3.55 -0.90
C PRO A 54 19.83 3.80 -0.53
N LEU A 55 20.27 3.25 0.60
CA LEU A 55 21.65 3.41 1.05
C LEU A 55 22.14 2.15 1.77
N TYR A 56 21.25 1.53 2.54
CA TYR A 56 21.60 0.34 3.29
C TYR A 56 21.18 -0.91 2.52
N TYR A 57 20.02 -0.86 1.89
CA TYR A 57 19.52 -1.99 1.11
C TYR A 57 19.94 -1.87 -0.35
N PRO A 58 20.12 -3.01 -1.04
CA PRO A 58 20.50 -3.02 -2.45
C PRO A 58 19.54 -2.19 -3.29
N ASN A 59 20.00 -1.02 -3.73
CA ASN A 59 19.18 -0.11 -4.54
C ASN A 59 18.33 -0.88 -5.55
N ALA A 60 17.10 -1.18 -5.15
CA ALA A 60 16.17 -1.91 -6.00
C ALA A 60 15.52 -0.99 -7.02
N GLY A 61 15.30 0.26 -6.62
CA GLY A 61 14.68 1.23 -7.52
C GLY A 61 13.25 1.54 -7.14
N LEU A 62 13.03 1.88 -5.88
CA LEU A 62 11.70 2.21 -5.38
C LEU A 62 11.11 3.39 -6.17
N THR A 63 9.96 3.17 -6.79
CA THR A 63 9.31 4.21 -7.57
C THR A 63 8.55 5.18 -6.69
N ARG A 64 9.28 5.84 -5.78
CA ARG A 64 8.68 6.81 -4.88
C ARG A 64 7.53 6.20 -4.09
N ASN A 65 6.40 6.91 -3.99
CA ASN A 65 5.25 6.43 -3.26
C ASN A 65 4.24 5.74 -4.18
N TYR A 66 4.74 4.84 -5.02
CA TYR A 66 3.87 4.13 -5.95
C TYR A 66 3.34 2.83 -5.35
N CYS A 67 2.38 2.97 -4.42
CA CYS A 67 1.75 1.82 -3.75
C CYS A 67 2.51 0.51 -3.96
N ARG A 68 3.24 0.08 -2.95
CA ARG A 68 4.02 -1.15 -3.05
C ARG A 68 4.65 -1.53 -1.73
N ASN A 69 5.57 -2.49 -1.76
CA ASN A 69 6.25 -2.96 -0.56
C ASN A 69 7.66 -3.46 -0.90
N PRO A 70 8.59 -3.34 0.05
CA PRO A 70 9.97 -3.80 -0.14
C PRO A 70 10.06 -5.32 -0.10
N ASP A 71 9.18 -5.92 0.68
CA ASP A 71 9.13 -7.38 0.80
C ASP A 71 7.88 -7.92 0.11
N ALA A 72 7.39 -9.07 0.56
CA ALA A 72 6.21 -9.67 -0.05
C ALA A 72 5.26 -10.23 1.01
N GLU A 73 4.01 -9.81 0.97
CA GLU A 73 3.00 -10.27 1.92
C GLU A 73 1.62 -9.73 1.57
N ILE A 74 0.69 -10.65 1.34
CA ILE A 74 -0.70 -10.33 0.99
C ILE A 74 -0.84 -9.00 0.23
N ARG A 75 -1.05 -7.90 0.96
CA ARG A 75 -1.22 -6.59 0.33
C ARG A 75 -0.12 -5.63 0.78
N PRO A 76 0.41 -4.80 -0.15
CA PRO A 76 1.47 -3.84 0.12
C PRO A 76 1.37 -3.18 1.49
N TRP A 77 2.41 -2.42 1.85
CA TRP A 77 2.45 -1.74 3.15
C TRP A 77 3.46 -0.61 3.12
N CYS A 78 2.94 0.61 3.25
CA CYS A 78 3.78 1.80 3.26
C CYS A 78 3.16 2.86 4.17
N TYR A 79 3.80 4.02 4.23
CA TYR A 79 3.31 5.11 5.06
C TYR A 79 2.33 5.98 4.28
N THR A 80 2.08 7.18 4.76
CA THR A 80 1.15 8.09 4.08
C THR A 80 1.61 9.53 4.14
N MET A 81 1.20 10.30 3.14
CA MET A 81 1.56 11.71 3.07
C MET A 81 0.93 12.49 4.22
N ASP A 82 -0.14 11.93 4.78
CA ASP A 82 -0.84 12.56 5.91
C ASP A 82 0.01 12.50 7.17
N PRO A 83 -0.08 13.53 8.03
CA PRO A 83 0.68 13.59 9.27
C PRO A 83 -0.09 13.00 10.44
N SER A 84 -0.75 11.87 10.21
CA SER A 84 -1.52 11.21 11.26
C SER A 84 -1.77 9.75 10.91
N VAL A 85 -0.73 9.08 10.42
CA VAL A 85 -0.83 7.67 10.05
C VAL A 85 0.49 6.95 10.25
N ARG A 86 1.45 7.25 9.36
CA ARG A 86 2.78 6.64 9.41
C ARG A 86 2.79 5.28 8.71
N TRP A 87 1.61 4.66 8.56
CA TRP A 87 1.52 3.35 7.91
C TRP A 87 0.07 3.05 7.52
N GLU A 88 -0.10 2.37 6.39
CA GLU A 88 -1.43 2.04 5.89
C GLU A 88 -1.38 0.87 4.91
N TYR A 89 -2.52 0.21 4.75
CA TYR A 89 -2.63 -0.91 3.82
C TYR A 89 -3.06 -0.45 2.45
N CYS A 90 -2.12 -0.44 1.50
CA CYS A 90 -2.39 -0.02 0.13
C CYS A 90 -3.85 -0.28 -0.27
N ASN A 91 -4.43 0.67 -0.99
CA ASN A 91 -5.81 0.56 -1.43
C ASN A 91 -6.02 -0.72 -2.25
N LEU A 92 -6.17 -1.83 -1.54
CA LEU A 92 -6.35 -3.14 -2.13
C LEU A 92 -7.19 -4.01 -1.17
N THR A 93 -8.26 -4.58 -1.69
CA THR A 93 -9.15 -5.42 -0.88
C THR A 93 -9.53 -6.70 -1.61
N ARG A 94 -9.97 -7.69 -0.85
CA ARG A 94 -10.36 -8.97 -1.43
C ARG A 94 -11.55 -8.79 -2.37
N CYS A 95 -11.31 -9.02 -3.67
CA CYS A 95 -12.35 -8.89 -4.68
C CYS A 95 -13.23 -10.14 -4.72
N PRO A 96 -14.53 -9.97 -5.01
CA PRO A 96 -15.47 -11.09 -5.08
C PRO A 96 -15.20 -12.00 -6.27
N VAL A 97 -14.72 -13.20 -5.98
CA VAL A 97 -14.41 -14.17 -7.03
C VAL A 97 -15.69 -14.70 -7.69
N THR A 98 -15.55 -15.29 -8.87
CA THR A 98 -16.68 -15.83 -9.61
C THR A 98 -16.65 -17.35 -9.62
N GLU A 99 -15.44 -17.91 -9.60
CA GLU A 99 -15.27 -19.36 -9.60
C GLU A 99 -15.84 -19.96 -10.90
N SER A 100 -15.61 -19.28 -12.01
CA SER A 100 -16.09 -19.75 -13.31
C SER A 100 -15.01 -19.57 -14.38
N SER A 101 -13.77 -19.78 -13.99
CA SER A 101 -12.64 -19.66 -14.92
C SER A 101 -12.19 -21.02 -15.41
N VAL A 102 -12.60 -21.38 -16.62
CA VAL A 102 -12.23 -22.67 -17.20
C VAL A 102 -12.72 -23.82 -16.35
N ILE A 1 -8.05 -8.30 4.79
CA ILE A 1 -8.62 -8.26 3.42
C ILE A 1 -10.11 -7.93 3.46
N GLU A 2 -10.55 -7.11 2.51
CA GLU A 2 -11.96 -6.71 2.44
C GLU A 2 -12.38 -5.98 3.70
N GLY A 3 -13.67 -5.66 3.78
CA GLY A 3 -14.18 -4.96 4.95
C GLY A 3 -15.40 -5.64 5.56
N ARG A 4 -16.06 -4.96 6.47
CA ARG A 4 -17.24 -5.50 7.13
C ARG A 4 -18.10 -4.39 7.73
N HIS A 5 -17.57 -3.75 8.78
CA HIS A 5 -18.28 -2.67 9.44
C HIS A 5 -17.43 -2.05 10.56
N MET A 6 -17.36 -0.73 10.57
CA MET A 6 -16.58 -0.03 11.59
C MET A 6 -15.09 -0.36 11.47
N ALA A 7 -14.24 0.64 11.60
CA ALA A 7 -12.81 0.45 11.52
C ALA A 7 -12.06 1.75 11.79
N PRO A 8 -10.84 1.66 12.37
CA PRO A 8 -10.02 2.82 12.68
C PRO A 8 -9.14 3.27 11.52
N THR A 9 -9.69 3.17 10.30
CA THR A 9 -8.95 3.55 9.09
C THR A 9 -7.52 3.04 9.12
N GLU A 10 -7.34 1.80 9.56
CA GLU A 10 -6.01 1.19 9.63
C GLU A 10 -6.12 -0.31 9.85
N ASN A 11 -5.56 -1.08 8.91
CA ASN A 11 -5.58 -2.54 9.00
C ASN A 11 -6.97 -3.06 9.35
N SER A 12 -7.06 -4.37 9.60
CA SER A 12 -8.34 -4.98 9.94
C SER A 12 -9.41 -4.61 8.91
N THR A 13 -10.68 -4.75 9.29
CA THR A 13 -11.78 -4.44 8.39
C THR A 13 -11.88 -2.91 8.19
N GLY A 14 -10.85 -2.33 7.60
CA GLY A 14 -10.84 -0.90 7.36
C GLY A 14 -10.19 -0.54 6.04
N VAL A 15 -10.27 -1.43 5.07
CA VAL A 15 -9.68 -1.20 3.75
C VAL A 15 -10.74 -1.22 2.66
N GLN A 16 -10.50 -0.46 1.60
CA GLN A 16 -11.43 -0.39 0.47
C GLN A 16 -10.76 -0.85 -0.82
N ASP A 17 -11.55 -0.95 -1.88
CA ASP A 17 -11.03 -1.39 -3.17
C ASP A 17 -10.49 -2.81 -3.10
N CYS A 18 -10.63 -3.55 -4.19
CA CYS A 18 -10.15 -4.93 -4.25
C CYS A 18 -8.85 -5.02 -5.04
N TYR A 19 -8.06 -6.05 -4.74
CA TYR A 19 -6.79 -6.25 -5.42
C TYR A 19 -6.90 -7.39 -6.42
N ARG A 20 -5.80 -7.71 -7.09
CA ARG A 20 -5.79 -8.80 -8.08
C ARG A 20 -4.46 -9.55 -8.07
N GLY A 21 -4.53 -10.84 -8.35
CA GLY A 21 -3.33 -11.67 -8.37
C GLY A 21 -2.47 -11.48 -7.14
N ASP A 22 -1.30 -10.88 -7.31
CA ASP A 22 -0.40 -10.64 -6.20
C ASP A 22 -0.54 -9.21 -5.70
N GLY A 23 -1.48 -8.99 -4.79
CA GLY A 23 -1.69 -7.66 -4.25
C GLY A 23 -0.44 -7.11 -3.60
N GLN A 24 0.50 -7.99 -3.27
CA GLN A 24 1.75 -7.59 -2.63
C GLN A 24 2.90 -7.63 -3.61
N SER A 25 2.72 -6.97 -4.76
CA SER A 25 3.75 -6.93 -5.79
C SER A 25 4.61 -5.68 -5.65
N TYR A 26 5.92 -5.87 -5.59
CA TYR A 26 6.87 -4.75 -5.45
C TYR A 26 6.53 -3.61 -6.41
N ARG A 27 6.10 -3.97 -7.62
CA ARG A 27 5.75 -2.99 -8.63
C ARG A 27 4.30 -2.53 -8.47
N GLY A 28 3.98 -1.39 -9.07
CA GLY A 28 2.63 -0.87 -8.99
C GLY A 28 2.55 0.61 -9.31
N THR A 29 1.36 1.07 -9.70
CA THR A 29 1.15 2.47 -10.04
C THR A 29 -0.13 2.99 -9.38
N LEU A 30 -0.30 2.64 -8.11
CA LEU A 30 -1.47 3.04 -7.35
C LEU A 30 -1.28 4.41 -6.72
N SER A 31 -0.45 4.47 -5.69
CA SER A 31 -0.16 5.70 -4.97
C SER A 31 -1.31 6.06 -4.04
N THR A 32 -1.73 5.10 -3.23
CA THR A 32 -2.82 5.32 -2.28
C THR A 32 -2.61 4.50 -1.01
N THR A 33 -3.61 4.53 -0.12
CA THR A 33 -3.52 3.79 1.14
C THR A 33 -4.88 3.21 1.54
N ILE A 34 -5.71 4.04 2.18
CA ILE A 34 -7.00 3.58 2.64
C ILE A 34 -8.10 4.62 2.39
N THR A 35 -7.75 5.91 2.51
CA THR A 35 -8.72 6.98 2.30
C THR A 35 -8.12 8.10 1.45
N GLY A 36 -7.49 7.74 0.35
CA GLY A 36 -6.90 8.75 -0.52
C GLY A 36 -5.42 8.97 -0.23
N ARG A 37 -5.03 8.78 1.03
CA ARG A 37 -3.64 8.96 1.44
C ARG A 37 -2.70 8.19 0.51
N THR A 38 -1.56 8.79 0.19
CA THR A 38 -0.59 8.16 -0.71
C THR A 38 0.28 7.14 0.01
N CYS A 39 1.16 6.52 -0.75
CA CYS A 39 2.08 5.53 -0.23
C CYS A 39 3.34 6.19 0.35
N GLN A 40 3.47 7.50 0.14
CA GLN A 40 4.62 8.25 0.64
C GLN A 40 5.91 7.75 0.02
N SER A 41 6.70 8.67 -0.51
CA SER A 41 7.97 8.32 -1.12
C SER A 41 8.90 7.70 -0.08
N TRP A 42 9.39 6.51 -0.37
CA TRP A 42 10.30 5.82 0.54
C TRP A 42 11.57 6.63 0.78
N SER A 43 11.72 7.73 0.05
CA SER A 43 12.89 8.58 0.18
C SER A 43 12.51 9.99 0.68
N SER A 44 11.21 10.25 0.79
CA SER A 44 10.75 11.56 1.25
C SER A 44 10.86 11.67 2.76
N MET A 45 12.08 11.88 3.24
CA MET A 45 12.32 12.00 4.68
C MET A 45 12.21 13.45 5.14
N THR A 46 11.02 13.82 5.58
CA THR A 46 10.77 15.18 6.06
C THR A 46 9.68 15.20 7.14
N PRO A 47 8.43 14.83 6.77
CA PRO A 47 7.32 14.80 7.72
C PRO A 47 7.32 13.52 8.57
N HIS A 48 7.83 12.44 7.98
CA HIS A 48 7.90 11.15 8.65
C HIS A 48 8.93 10.25 7.99
N TRP A 49 9.82 9.68 8.79
CA TRP A 49 10.86 8.79 8.27
C TRP A 49 10.26 7.63 7.49
N HIS A 50 11.13 6.81 6.90
CA HIS A 50 10.69 5.66 6.11
C HIS A 50 11.53 4.44 6.41
N ARG A 51 11.27 3.35 5.69
CA ARG A 51 12.02 2.12 5.87
C ARG A 51 13.46 2.27 5.38
N ARG A 52 14.19 1.16 5.33
CA ARG A 52 15.57 1.19 4.87
C ARG A 52 15.68 1.88 3.51
N ILE A 53 15.92 3.18 3.54
CA ILE A 53 16.03 3.96 2.31
C ILE A 53 17.05 3.37 1.34
N PRO A 54 16.98 3.78 0.07
CA PRO A 54 17.88 3.31 -0.99
C PRO A 54 19.37 3.57 -0.69
N LEU A 55 19.86 2.94 0.37
CA LEU A 55 21.26 3.10 0.76
C LEU A 55 21.81 1.83 1.40
N TYR A 56 20.95 1.13 2.14
CA TYR A 56 21.36 -0.10 2.82
C TYR A 56 20.89 -1.33 2.06
N TYR A 57 19.62 -1.33 1.66
CA TYR A 57 19.05 -2.44 0.92
C TYR A 57 19.43 -2.36 -0.55
N PRO A 58 19.48 -3.51 -1.25
CA PRO A 58 19.81 -3.54 -2.68
C PRO A 58 18.89 -2.65 -3.49
N ASN A 59 19.44 -1.57 -4.03
CA ASN A 59 18.66 -0.62 -4.83
C ASN A 59 17.69 -1.34 -5.77
N ALA A 60 16.46 -1.51 -5.30
CA ALA A 60 15.43 -2.19 -6.08
C ALA A 60 14.83 -1.25 -7.12
N GLY A 61 14.46 -0.05 -6.69
CA GLY A 61 13.89 0.93 -7.60
C GLY A 61 12.53 1.41 -7.15
N LEU A 62 12.44 1.82 -5.88
CA LEU A 62 11.19 2.32 -5.33
C LEU A 62 10.71 3.53 -6.12
N THR A 63 9.55 3.40 -6.76
CA THR A 63 8.99 4.48 -7.57
C THR A 63 8.29 5.52 -6.70
N ARG A 64 9.05 6.12 -5.79
CA ARG A 64 8.51 7.15 -4.91
C ARG A 64 7.33 6.61 -4.08
N ASN A 65 6.22 7.36 -4.04
CA ASN A 65 5.04 6.95 -3.27
C ASN A 65 4.07 6.15 -4.13
N TYR A 66 4.59 5.24 -4.93
CA TYR A 66 3.76 4.43 -5.80
C TYR A 66 3.33 3.12 -5.12
N CYS A 67 2.39 3.23 -4.18
CA CYS A 67 1.86 2.07 -3.44
C CYS A 67 2.65 0.78 -3.70
N ARG A 68 3.37 0.32 -2.68
CA ARG A 68 4.17 -0.90 -2.83
C ARG A 68 4.69 -1.38 -1.48
N ASN A 69 5.51 -2.42 -1.51
CA ASN A 69 6.08 -2.99 -0.29
C ASN A 69 7.48 -3.54 -0.54
N PRO A 70 8.35 -3.53 0.48
CA PRO A 70 9.72 -4.04 0.37
C PRO A 70 9.76 -5.57 0.45
N ASP A 71 8.74 -6.14 1.10
CA ASP A 71 8.66 -7.59 1.25
C ASP A 71 7.36 -8.12 0.61
N ALA A 72 6.95 -9.31 1.02
CA ALA A 72 5.73 -9.91 0.49
C ALA A 72 4.72 -10.19 1.60
N GLU A 73 3.47 -9.83 1.36
CA GLU A 73 2.40 -10.04 2.33
C GLU A 73 1.08 -9.47 1.82
N ILE A 74 0.27 -10.33 1.18
CA ILE A 74 -1.03 -9.94 0.64
C ILE A 74 -0.98 -8.56 -0.03
N ARG A 75 -1.27 -7.51 0.74
CA ARG A 75 -1.24 -6.15 0.20
C ARG A 75 0.00 -5.41 0.66
N PRO A 76 0.33 -4.28 0.01
CA PRO A 76 1.51 -3.49 0.38
C PRO A 76 1.35 -2.82 1.74
N TRP A 77 2.37 -2.09 2.18
CA TRP A 77 2.33 -1.43 3.47
C TRP A 77 3.34 -0.30 3.57
N CYS A 78 2.88 0.91 3.32
CA CYS A 78 3.75 2.08 3.40
C CYS A 78 3.05 3.21 4.14
N TYR A 79 3.71 4.35 4.25
CA TYR A 79 3.15 5.49 4.96
C TYR A 79 2.28 6.32 4.01
N THR A 80 1.96 7.54 4.42
CA THR A 80 1.12 8.42 3.61
C THR A 80 1.60 9.86 3.66
N MET A 81 0.99 10.70 2.82
CA MET A 81 1.34 12.11 2.75
C MET A 81 0.54 12.90 3.79
N ASP A 82 0.59 12.45 5.04
CA ASP A 82 -0.12 13.11 6.12
C ASP A 82 0.53 12.80 7.47
N PRO A 83 0.87 13.83 8.25
CA PRO A 83 1.51 13.66 9.56
C PRO A 83 0.51 13.27 10.64
N SER A 84 -0.21 12.18 10.40
CA SER A 84 -1.20 11.69 11.36
C SER A 84 -1.53 10.22 11.10
N VAL A 85 -0.58 9.49 10.54
CA VAL A 85 -0.77 8.07 10.25
C VAL A 85 0.42 7.25 10.70
N ARG A 86 1.59 7.57 10.15
CA ARG A 86 2.83 6.88 10.46
C ARG A 86 2.98 5.64 9.55
N TRP A 87 1.86 5.01 9.24
CA TRP A 87 1.86 3.84 8.38
C TRP A 87 0.44 3.54 7.89
N GLU A 88 0.34 2.86 6.75
CA GLU A 88 -0.95 2.50 6.17
C GLU A 88 -0.79 1.38 5.15
N TYR A 89 -1.91 0.80 4.75
CA TYR A 89 -1.88 -0.29 3.78
C TYR A 89 -2.02 0.26 2.35
N CYS A 90 -3.08 -0.12 1.64
CA CYS A 90 -3.31 0.35 0.28
C CYS A 90 -4.58 -0.29 -0.28
N ASN A 91 -5.34 0.46 -1.06
CA ASN A 91 -6.57 -0.05 -1.66
C ASN A 91 -6.32 -1.41 -2.31
N LEU A 92 -6.55 -2.48 -1.54
CA LEU A 92 -6.34 -3.83 -2.01
C LEU A 92 -7.11 -4.82 -1.12
N THR A 93 -8.11 -5.46 -1.71
CA THR A 93 -8.92 -6.42 -0.99
C THR A 93 -9.28 -7.60 -1.87
N ARG A 94 -9.65 -8.70 -1.24
CA ARG A 94 -10.01 -9.90 -1.98
C ARG A 94 -11.24 -9.65 -2.85
N CYS A 95 -11.04 -9.68 -4.16
CA CYS A 95 -12.13 -9.44 -5.11
C CYS A 95 -12.95 -10.71 -5.34
N PRO A 96 -12.34 -11.76 -5.89
CA PRO A 96 -13.02 -13.04 -6.15
C PRO A 96 -13.76 -13.56 -4.92
N VAL A 97 -14.62 -14.55 -5.13
CA VAL A 97 -15.39 -15.13 -4.03
C VAL A 97 -15.59 -16.63 -4.26
N THR A 98 -15.08 -17.44 -3.33
CA THR A 98 -15.21 -18.88 -3.43
C THR A 98 -16.67 -19.30 -3.43
N GLU A 99 -16.92 -20.60 -3.63
CA GLU A 99 -18.28 -21.12 -3.65
C GLU A 99 -19.09 -20.48 -4.78
N SER A 100 -18.43 -20.23 -5.90
CA SER A 100 -19.09 -19.62 -7.05
C SER A 100 -18.97 -20.51 -8.28
N SER A 101 -17.76 -20.98 -8.55
CA SER A 101 -17.52 -21.85 -9.70
C SER A 101 -16.71 -23.08 -9.29
N VAL A 102 -17.39 -24.22 -9.20
CA VAL A 102 -16.73 -25.47 -8.82
C VAL A 102 -15.82 -25.98 -9.94
N ILE A 1 -12.25 -9.60 0.67
CA ILE A 1 -12.08 -8.16 0.99
C ILE A 1 -11.58 -7.96 2.41
N GLU A 2 -10.64 -7.05 2.58
CA GLU A 2 -10.06 -6.76 3.89
C GLU A 2 -9.38 -8.00 4.46
N GLY A 3 -8.95 -7.91 5.71
CA GLY A 3 -8.28 -9.02 6.35
C GLY A 3 -9.25 -10.01 6.96
N ARG A 4 -8.72 -11.11 7.47
CA ARG A 4 -9.55 -12.15 8.08
C ARG A 4 -8.69 -13.21 8.74
N HIS A 5 -8.41 -13.04 10.03
CA HIS A 5 -7.60 -13.99 10.77
C HIS A 5 -7.95 -13.95 12.27
N MET A 6 -7.89 -12.76 12.85
CA MET A 6 -8.20 -12.59 14.27
C MET A 6 -8.49 -11.13 14.59
N ALA A 7 -7.65 -10.23 14.06
CA ALA A 7 -7.81 -8.81 14.30
C ALA A 7 -7.74 -8.03 12.98
N PRO A 8 -8.26 -6.78 12.97
CA PRO A 8 -8.25 -5.94 11.78
C PRO A 8 -6.85 -5.47 11.41
N THR A 9 -6.19 -6.24 10.54
CA THR A 9 -4.84 -5.90 10.11
C THR A 9 -4.85 -4.65 9.24
N GLU A 10 -5.79 -4.59 8.31
CA GLU A 10 -5.91 -3.44 7.40
C GLU A 10 -6.99 -2.49 7.89
N ASN A 11 -7.21 -1.41 7.13
CA ASN A 11 -8.23 -0.42 7.48
C ASN A 11 -9.62 -0.93 7.13
N SER A 12 -10.36 -1.37 8.16
CA SER A 12 -11.71 -1.89 7.96
C SER A 12 -12.60 -0.84 7.29
N THR A 13 -12.90 0.23 8.03
CA THR A 13 -13.73 1.30 7.51
C THR A 13 -13.03 2.05 6.39
N GLY A 14 -11.70 2.08 6.45
CA GLY A 14 -10.93 2.77 5.44
C GLY A 14 -11.17 2.21 4.05
N VAL A 15 -10.36 1.21 3.68
CA VAL A 15 -10.47 0.57 2.36
C VAL A 15 -10.45 1.58 1.22
N GLN A 16 -10.21 1.10 0.00
CA GLN A 16 -10.18 1.98 -1.15
C GLN A 16 -10.52 1.22 -2.44
N ASP A 17 -9.56 0.47 -2.96
CA ASP A 17 -9.77 -0.29 -4.18
C ASP A 17 -9.61 -1.79 -3.94
N CYS A 18 -9.64 -2.56 -5.04
CA CYS A 18 -9.51 -4.00 -4.97
C CYS A 18 -8.12 -4.45 -5.40
N TYR A 19 -7.71 -5.61 -4.89
CA TYR A 19 -6.40 -6.18 -5.21
C TYR A 19 -6.60 -7.50 -5.95
N ARG A 20 -5.50 -8.11 -6.38
CA ARG A 20 -5.58 -9.39 -7.08
C ARG A 20 -4.29 -10.19 -6.94
N GLY A 21 -4.43 -11.50 -6.80
CA GLY A 21 -3.27 -12.36 -6.64
C GLY A 21 -2.72 -12.32 -5.23
N ASP A 22 -1.71 -11.48 -5.03
CA ASP A 22 -1.09 -11.33 -3.71
C ASP A 22 -0.55 -9.92 -3.52
N GLY A 23 -1.09 -8.97 -4.28
CA GLY A 23 -0.66 -7.59 -4.19
C GLY A 23 0.86 -7.46 -4.17
N GLN A 24 1.54 -8.42 -4.79
CA GLN A 24 3.00 -8.41 -4.83
C GLN A 24 3.50 -7.95 -6.20
N SER A 25 4.64 -8.50 -6.64
CA SER A 25 5.21 -8.12 -7.92
C SER A 25 5.66 -6.67 -7.91
N TYR A 26 5.96 -6.16 -6.72
CA TYR A 26 6.39 -4.77 -6.56
C TYR A 26 5.41 -3.81 -7.23
N ARG A 27 4.14 -4.21 -7.26
CA ARG A 27 3.10 -3.38 -7.86
C ARG A 27 2.82 -2.14 -7.02
N GLY A 28 1.83 -1.35 -7.44
CA GLY A 28 1.48 -0.15 -6.71
C GLY A 28 1.38 1.07 -7.62
N THR A 29 0.75 0.89 -8.78
CA THR A 29 0.60 1.97 -9.74
C THR A 29 -0.26 3.09 -9.17
N LEU A 30 -1.20 2.73 -8.29
CA LEU A 30 -2.08 3.71 -7.67
C LEU A 30 -1.29 4.62 -6.74
N SER A 31 -0.32 4.05 -6.04
CA SER A 31 0.52 4.81 -5.11
C SER A 31 -0.34 5.52 -4.07
N THR A 32 -1.28 4.79 -3.48
CA THR A 32 -2.16 5.34 -2.47
C THR A 32 -2.15 4.49 -1.20
N THR A 33 -3.06 4.77 -0.28
CA THR A 33 -3.16 4.03 0.95
C THR A 33 -4.59 3.57 1.21
N ILE A 34 -5.41 4.47 1.77
CA ILE A 34 -6.79 4.15 2.07
C ILE A 34 -7.73 5.31 1.78
N THR A 35 -7.26 6.53 2.01
CA THR A 35 -8.06 7.73 1.78
C THR A 35 -7.41 8.64 0.76
N GLY A 36 -7.02 8.08 -0.37
CA GLY A 36 -6.39 8.86 -1.42
C GLY A 36 -5.06 9.44 -0.98
N ARG A 37 -4.42 8.81 0.00
CA ARG A 37 -3.14 9.28 0.50
C ARG A 37 -2.01 8.37 0.02
N THR A 38 -0.91 8.98 -0.41
CA THR A 38 0.24 8.22 -0.90
C THR A 38 0.74 7.25 0.15
N CYS A 39 1.80 6.53 -0.20
CA CYS A 39 2.41 5.56 0.70
C CYS A 39 3.79 6.03 1.14
N GLN A 40 4.02 7.33 1.09
CA GLN A 40 5.31 7.91 1.49
C GLN A 40 6.44 7.40 0.61
N SER A 41 7.24 8.34 0.10
CA SER A 41 8.37 8.00 -0.76
C SER A 41 9.55 7.52 0.08
N TRP A 42 10.06 6.34 -0.24
CA TRP A 42 11.19 5.79 0.49
C TRP A 42 12.44 6.62 0.23
N SER A 43 12.45 7.82 0.80
CA SER A 43 13.55 8.76 0.65
C SER A 43 13.10 10.17 1.03
N SER A 44 11.79 10.40 0.94
CA SER A 44 11.22 11.71 1.28
C SER A 44 11.07 11.84 2.79
N MET A 45 12.16 12.13 3.47
CA MET A 45 12.15 12.29 4.93
C MET A 45 11.85 13.73 5.31
N THR A 46 10.62 13.98 5.77
CA THR A 46 10.22 15.31 6.18
C THR A 46 9.16 15.25 7.28
N PRO A 47 7.93 14.79 6.95
CA PRO A 47 6.85 14.70 7.93
C PRO A 47 7.05 13.56 8.93
N HIS A 48 7.45 12.40 8.42
CA HIS A 48 7.68 11.24 9.28
C HIS A 48 8.70 10.29 8.65
N TRP A 49 9.44 9.58 9.50
CA TRP A 49 10.45 8.64 9.03
C TRP A 49 9.81 7.33 8.58
N HIS A 50 9.45 7.27 7.30
CA HIS A 50 8.82 6.08 6.73
C HIS A 50 9.60 4.81 7.07
N ARG A 51 10.44 4.35 6.14
CA ARG A 51 11.24 3.13 6.37
C ARG A 51 12.58 3.22 5.65
N ARG A 52 13.23 2.07 5.49
CA ARG A 52 14.52 2.00 4.82
C ARG A 52 14.50 2.86 3.55
N ILE A 53 15.67 3.17 3.03
CA ILE A 53 15.77 3.98 1.82
C ILE A 53 16.77 3.43 0.83
N PRO A 54 16.69 3.91 -0.42
CA PRO A 54 17.56 3.47 -1.52
C PRO A 54 19.05 3.70 -1.24
N LEU A 55 19.58 3.06 -0.20
CA LEU A 55 20.98 3.20 0.13
C LEU A 55 21.53 1.93 0.77
N TYR A 56 20.73 1.28 1.62
CA TYR A 56 21.16 0.06 2.29
C TYR A 56 20.72 -1.17 1.50
N TYR A 57 19.43 -1.22 1.16
CA TYR A 57 18.89 -2.34 0.40
C TYR A 57 19.21 -2.20 -1.08
N PRO A 58 19.23 -3.32 -1.82
CA PRO A 58 19.51 -3.30 -3.25
C PRO A 58 18.45 -2.53 -4.02
N ASN A 59 18.77 -1.31 -4.42
CA ASN A 59 17.84 -0.45 -5.15
C ASN A 59 17.06 -1.25 -6.19
N ALA A 60 15.81 -1.57 -5.85
CA ALA A 60 14.95 -2.33 -6.75
C ALA A 60 14.07 -1.42 -7.59
N GLY A 61 14.57 -0.22 -7.88
CA GLY A 61 13.81 0.73 -8.68
C GLY A 61 12.47 1.06 -8.07
N LEU A 62 12.48 1.88 -7.02
CA LEU A 62 11.26 2.29 -6.35
C LEU A 62 10.62 3.48 -7.05
N THR A 63 9.32 3.43 -7.27
CA THR A 63 8.60 4.51 -7.94
C THR A 63 8.30 5.66 -6.98
N ARG A 64 9.36 6.28 -6.47
CA ARG A 64 9.23 7.41 -5.56
C ARG A 64 8.45 7.04 -4.30
N ASN A 65 7.11 7.08 -4.39
CA ASN A 65 6.26 6.76 -3.25
C ASN A 65 5.10 5.86 -3.67
N TYR A 66 5.36 4.98 -4.62
CA TYR A 66 4.33 4.07 -5.11
C TYR A 66 4.14 2.92 -4.13
N CYS A 67 3.09 3.02 -3.30
CA CYS A 67 2.78 1.99 -2.30
C CYS A 67 3.28 0.62 -2.76
N ARG A 68 3.87 -0.14 -1.84
CA ARG A 68 4.39 -1.46 -2.18
C ARG A 68 4.92 -2.19 -0.95
N ASN A 69 5.45 -3.39 -1.16
CA ASN A 69 5.99 -4.20 -0.09
C ASN A 69 7.33 -4.81 -0.50
N PRO A 70 8.46 -4.24 -0.02
CA PRO A 70 9.79 -4.74 -0.35
C PRO A 70 10.07 -6.12 0.26
N ASP A 71 9.27 -7.10 -0.13
CA ASP A 71 9.44 -8.47 0.36
C ASP A 71 8.31 -9.37 -0.15
N ALA A 72 7.17 -9.35 0.54
CA ALA A 72 6.02 -10.15 0.16
C ALA A 72 4.73 -9.61 0.79
N GLU A 73 3.87 -10.51 1.26
CA GLU A 73 2.60 -10.11 1.88
C GLU A 73 1.55 -9.76 0.83
N ILE A 74 0.31 -10.18 1.08
CA ILE A 74 -0.79 -9.91 0.16
C ILE A 74 -0.96 -8.41 -0.09
N ARG A 75 -0.94 -7.63 0.98
CA ARG A 75 -1.11 -6.19 0.88
C ARG A 75 0.13 -5.45 1.40
N PRO A 76 0.55 -4.38 0.70
CA PRO A 76 1.71 -3.59 1.11
C PRO A 76 1.54 -2.98 2.50
N TRP A 77 2.51 -2.20 2.93
CA TRP A 77 2.45 -1.57 4.25
C TRP A 77 3.39 -0.38 4.34
N CYS A 78 2.82 0.82 4.16
CA CYS A 78 3.61 2.04 4.22
C CYS A 78 2.80 3.15 4.90
N TYR A 79 3.43 4.31 5.07
CA TYR A 79 2.78 5.45 5.70
C TYR A 79 1.99 6.24 4.66
N THR A 80 1.91 7.57 4.82
CA THR A 80 1.17 8.41 3.89
C THR A 80 1.78 9.81 3.81
N MET A 81 1.11 10.69 3.07
CA MET A 81 1.59 12.07 2.92
C MET A 81 0.88 12.99 3.90
N ASP A 82 0.49 12.45 5.05
CA ASP A 82 -0.19 13.23 6.08
C ASP A 82 0.31 12.86 7.47
N PRO A 83 0.55 13.85 8.34
CA PRO A 83 1.03 13.63 9.70
C PRO A 83 -0.09 13.26 10.66
N SER A 84 -0.86 12.23 10.31
CA SER A 84 -1.97 11.78 11.15
C SER A 84 -2.31 10.33 10.84
N VAL A 85 -1.31 9.55 10.45
CA VAL A 85 -1.51 8.13 10.14
C VAL A 85 -0.43 7.28 10.78
N ARG A 86 0.82 7.53 10.39
CA ARG A 86 1.97 6.79 10.91
C ARG A 86 2.16 5.49 10.10
N TRP A 87 1.05 4.87 9.70
CA TRP A 87 1.09 3.64 8.92
C TRP A 87 -0.28 3.37 8.30
N GLU A 88 -0.28 2.82 7.08
CA GLU A 88 -1.53 2.52 6.40
C GLU A 88 -1.31 1.53 5.25
N TYR A 89 -2.38 0.86 4.84
CA TYR A 89 -2.31 -0.10 3.75
C TYR A 89 -2.61 0.59 2.42
N CYS A 90 -2.33 -0.10 1.31
CA CYS A 90 -2.60 0.46 -0.01
C CYS A 90 -3.88 -0.12 -0.60
N ASN A 91 -4.48 0.63 -1.52
CA ASN A 91 -5.71 0.20 -2.17
C ASN A 91 -5.61 -1.27 -2.62
N LEU A 92 -6.14 -2.16 -1.79
CA LEU A 92 -6.10 -3.59 -2.08
C LEU A 92 -7.19 -4.32 -1.31
N THR A 93 -8.17 -4.83 -2.06
CA THR A 93 -9.28 -5.57 -1.47
C THR A 93 -9.60 -6.78 -2.34
N ARG A 94 -9.77 -7.93 -1.70
CA ARG A 94 -10.05 -9.15 -2.42
C ARG A 94 -11.39 -9.05 -3.14
N CYS A 95 -11.35 -9.02 -4.47
CA CYS A 95 -12.55 -8.91 -5.28
C CYS A 95 -13.09 -10.30 -5.64
N PRO A 96 -14.41 -10.40 -5.89
CA PRO A 96 -15.04 -11.68 -6.25
C PRO A 96 -14.67 -12.12 -7.66
N VAL A 97 -14.26 -13.38 -7.79
CA VAL A 97 -13.88 -13.93 -9.08
C VAL A 97 -15.07 -14.56 -9.79
N THR A 98 -15.48 -13.97 -10.90
CA THR A 98 -16.61 -14.46 -11.68
C THR A 98 -17.86 -14.63 -10.80
N GLU A 99 -18.98 -14.99 -11.42
CA GLU A 99 -20.23 -15.18 -10.70
C GLU A 99 -21.33 -15.67 -11.64
N SER A 100 -21.72 -14.80 -12.57
CA SER A 100 -22.76 -15.14 -13.53
C SER A 100 -24.08 -15.47 -12.82
N SER A 101 -25.15 -15.59 -13.59
CA SER A 101 -26.46 -15.90 -13.03
C SER A 101 -27.00 -17.21 -13.60
N VAL A 102 -26.09 -18.13 -13.92
CA VAL A 102 -26.48 -19.43 -14.47
C VAL A 102 -25.59 -20.54 -13.91
N ILE A 1 -6.90 -9.55 3.22
CA ILE A 1 -8.17 -10.24 3.57
C ILE A 1 -9.24 -9.24 4.01
N GLU A 2 -9.28 -8.09 3.34
CA GLU A 2 -10.24 -7.04 3.66
C GLU A 2 -10.03 -6.50 5.06
N GLY A 3 -10.50 -7.23 6.07
CA GLY A 3 -10.34 -6.80 7.44
C GLY A 3 -10.68 -7.89 8.44
N ARG A 4 -10.95 -7.50 9.67
CA ARG A 4 -11.30 -8.45 10.73
C ARG A 4 -12.56 -8.01 11.46
N HIS A 5 -12.46 -6.90 12.17
CA HIS A 5 -13.60 -6.37 12.93
C HIS A 5 -13.87 -4.92 12.56
N MET A 6 -14.80 -4.29 13.28
CA MET A 6 -15.14 -2.90 13.02
C MET A 6 -13.94 -1.99 13.21
N ALA A 7 -13.16 -1.83 12.15
CA ALA A 7 -11.97 -0.99 12.20
C ALA A 7 -12.01 0.09 11.11
N PRO A 8 -12.76 1.18 11.36
CA PRO A 8 -12.89 2.29 10.41
C PRO A 8 -11.59 3.06 10.24
N THR A 9 -11.67 4.22 9.57
CA THR A 9 -10.50 5.06 9.35
C THR A 9 -9.54 4.40 8.36
N GLU A 10 -8.97 3.28 8.75
CA GLU A 10 -8.03 2.55 7.90
C GLU A 10 -8.56 1.17 7.54
N ASN A 11 -8.00 0.58 6.48
CA ASN A 11 -8.42 -0.74 6.03
C ASN A 11 -9.86 -0.72 5.52
N SER A 12 -10.81 -0.70 6.45
CA SER A 12 -12.22 -0.68 6.09
C SER A 12 -12.74 0.74 5.93
N THR A 13 -13.91 0.87 5.29
CA THR A 13 -14.53 2.17 5.06
C THR A 13 -13.72 3.01 4.07
N GLY A 14 -12.49 3.35 4.45
CA GLY A 14 -11.65 4.15 3.57
C GLY A 14 -11.37 3.47 2.26
N VAL A 15 -11.16 2.17 2.29
CA VAL A 15 -10.88 1.39 1.08
C VAL A 15 -11.98 1.57 0.05
N GLN A 16 -11.64 1.38 -1.22
CA GLN A 16 -12.60 1.51 -2.30
C GLN A 16 -12.13 0.78 -3.56
N ASP A 17 -11.36 -0.28 -3.36
CA ASP A 17 -10.85 -1.07 -4.49
C ASP A 17 -10.49 -2.48 -4.06
N CYS A 18 -10.67 -3.43 -4.98
CA CYS A 18 -10.37 -4.83 -4.69
C CYS A 18 -9.05 -5.23 -5.35
N TYR A 19 -8.42 -6.27 -4.80
CA TYR A 19 -7.15 -6.75 -5.31
C TYR A 19 -7.35 -8.03 -6.10
N ARG A 20 -6.26 -8.56 -6.68
CA ARG A 20 -6.33 -9.79 -7.46
C ARG A 20 -5.17 -10.71 -7.14
N GLY A 21 -5.47 -11.99 -6.92
CA GLY A 21 -4.43 -12.96 -6.60
C GLY A 21 -3.59 -12.51 -5.41
N ASP A 22 -2.36 -12.13 -5.68
CA ASP A 22 -1.46 -11.67 -4.63
C ASP A 22 -1.00 -10.25 -4.90
N GLY A 23 -1.68 -9.29 -4.28
CA GLY A 23 -1.31 -7.90 -4.48
C GLY A 23 -0.02 -7.55 -3.74
N GLN A 24 1.06 -8.22 -4.11
CA GLN A 24 2.35 -8.00 -3.47
C GLN A 24 3.50 -8.10 -4.47
N SER A 25 3.47 -9.15 -5.28
CA SER A 25 4.51 -9.38 -6.28
C SER A 25 4.60 -8.22 -7.26
N TYR A 26 5.29 -7.16 -6.86
CA TYR A 26 5.47 -5.99 -7.71
C TYR A 26 4.14 -5.52 -8.29
N ARG A 27 4.20 -4.68 -9.31
CA ARG A 27 3.00 -4.15 -9.96
C ARG A 27 2.19 -3.31 -9.00
N GLY A 28 2.31 -1.99 -9.13
CA GLY A 28 1.57 -1.08 -8.27
C GLY A 28 1.71 0.37 -8.70
N THR A 29 0.94 0.75 -9.71
CA THR A 29 0.97 2.11 -10.22
C THR A 29 -0.18 2.94 -9.65
N LEU A 30 -0.58 2.61 -8.43
CA LEU A 30 -1.67 3.32 -7.76
C LEU A 30 -1.13 4.51 -6.97
N SER A 31 -0.13 4.26 -6.14
CA SER A 31 0.48 5.29 -5.32
C SER A 31 -0.55 5.93 -4.40
N THR A 32 -1.36 5.09 -3.75
CA THR A 32 -2.38 5.56 -2.84
C THR A 32 -2.32 4.80 -1.51
N THR A 33 -3.41 4.81 -0.76
CA THR A 33 -3.47 4.11 0.52
C THR A 33 -4.90 3.66 0.84
N ILE A 34 -5.64 4.47 1.59
CA ILE A 34 -7.00 4.12 1.96
C ILE A 34 -7.92 5.35 2.00
N THR A 35 -7.38 6.51 1.65
CA THR A 35 -8.18 7.74 1.66
C THR A 35 -7.54 8.82 0.78
N GLY A 36 -6.76 8.39 -0.21
CA GLY A 36 -6.11 9.33 -1.10
C GLY A 36 -4.69 9.66 -0.70
N ARG A 37 -4.33 9.33 0.54
CA ARG A 37 -2.98 9.60 1.04
C ARG A 37 -1.95 8.81 0.22
N THR A 38 -0.71 9.26 0.26
CA THR A 38 0.36 8.61 -0.50
C THR A 38 1.33 7.87 0.41
N CYS A 39 1.85 6.76 -0.09
CA CYS A 39 2.81 5.96 0.65
C CYS A 39 3.99 6.82 1.13
N GLN A 40 4.18 7.98 0.51
CA GLN A 40 5.27 8.87 0.87
C GLN A 40 6.60 8.27 0.43
N SER A 41 7.39 9.04 -0.30
CA SER A 41 8.69 8.55 -0.76
C SER A 41 9.55 8.12 0.41
N TRP A 42 10.06 6.88 0.33
CA TRP A 42 10.91 6.34 1.37
C TRP A 42 12.11 7.24 1.63
N SER A 43 12.38 8.14 0.69
CA SER A 43 13.50 9.07 0.81
C SER A 43 13.04 10.43 1.32
N SER A 44 11.74 10.71 1.17
CA SER A 44 11.19 11.99 1.61
C SER A 44 10.94 11.97 3.11
N MET A 45 12.03 12.06 3.88
CA MET A 45 11.94 12.05 5.33
C MET A 45 11.74 13.46 5.87
N THR A 46 10.52 13.75 6.30
CA THR A 46 10.19 15.07 6.84
C THR A 46 9.07 14.96 7.89
N PRO A 47 7.84 14.61 7.46
CA PRO A 47 6.70 14.46 8.38
C PRO A 47 6.85 13.23 9.27
N HIS A 48 7.47 12.19 8.72
CA HIS A 48 7.68 10.94 9.44
C HIS A 48 8.79 10.14 8.80
N TRP A 49 9.78 9.74 9.62
CA TRP A 49 10.91 8.96 9.12
C TRP A 49 10.42 7.71 8.39
N HIS A 50 11.12 7.35 7.32
CA HIS A 50 10.76 6.18 6.53
C HIS A 50 11.70 5.02 6.79
N ARG A 51 11.26 3.81 6.44
CA ARG A 51 12.07 2.62 6.63
C ARG A 51 13.35 2.72 5.82
N ARG A 52 13.92 1.57 5.43
CA ARG A 52 15.13 1.55 4.64
C ARG A 52 15.02 2.53 3.48
N ILE A 53 16.12 2.79 2.80
CA ILE A 53 16.11 3.72 1.68
C ILE A 53 17.22 3.44 0.71
N PRO A 54 17.10 3.99 -0.51
CA PRO A 54 18.08 3.84 -1.59
C PRO A 54 19.48 4.32 -1.19
N LEU A 55 20.07 3.66 -0.20
CA LEU A 55 21.40 4.03 0.26
C LEU A 55 22.12 2.84 0.88
N TYR A 56 21.41 2.10 1.74
CA TYR A 56 21.99 0.93 2.39
C TYR A 56 21.96 -0.28 1.46
N TYR A 57 20.81 -0.50 0.84
CA TYR A 57 20.65 -1.62 -0.08
C TYR A 57 21.10 -1.23 -1.49
N PRO A 58 21.42 -2.20 -2.34
CA PRO A 58 21.88 -1.93 -3.71
C PRO A 58 20.76 -1.37 -4.61
N ASN A 59 20.13 -0.28 -4.15
CA ASN A 59 19.05 0.36 -4.90
C ASN A 59 18.14 -0.66 -5.59
N ALA A 60 17.17 -1.17 -4.84
CA ALA A 60 16.23 -2.15 -5.38
C ALA A 60 15.48 -1.59 -6.57
N GLY A 61 14.56 -0.67 -6.31
CA GLY A 61 13.78 -0.07 -7.38
C GLY A 61 12.57 0.67 -6.88
N LEU A 62 12.73 1.40 -5.78
CA LEU A 62 11.63 2.16 -5.19
C LEU A 62 11.17 3.25 -6.16
N THR A 63 9.89 3.23 -6.50
CA THR A 63 9.32 4.22 -7.41
C THR A 63 9.03 5.53 -6.69
N ARG A 64 10.07 6.14 -6.14
CA ARG A 64 9.94 7.39 -5.42
C ARG A 64 9.04 7.24 -4.20
N ASN A 65 7.73 7.30 -4.42
CA ASN A 65 6.76 7.17 -3.34
C ASN A 65 5.54 6.37 -3.80
N TYR A 66 5.80 5.26 -4.48
CA TYR A 66 4.72 4.41 -4.98
C TYR A 66 4.32 3.35 -3.97
N CYS A 67 3.15 3.53 -3.36
CA CYS A 67 2.64 2.58 -2.38
C CYS A 67 2.86 1.13 -2.84
N ARG A 68 3.50 0.34 -1.98
CA ARG A 68 3.79 -1.05 -2.29
C ARG A 68 4.60 -1.70 -1.16
N ASN A 69 4.93 -2.97 -1.31
CA ASN A 69 5.71 -3.68 -0.31
C ASN A 69 6.97 -4.27 -0.93
N PRO A 70 8.15 -4.02 -0.32
CA PRO A 70 9.43 -4.53 -0.82
C PRO A 70 9.44 -6.06 -0.93
N ASP A 71 8.96 -6.72 0.12
CA ASP A 71 8.93 -8.19 0.12
C ASP A 71 7.55 -8.70 -0.29
N ALA A 72 6.81 -9.30 0.64
CA ALA A 72 5.48 -9.83 0.32
C ALA A 72 4.64 -10.01 1.58
N GLU A 73 3.37 -10.34 1.40
CA GLU A 73 2.46 -10.56 2.51
C GLU A 73 1.04 -10.85 2.02
N ILE A 74 0.37 -9.81 1.54
CA ILE A 74 -1.00 -9.93 1.03
C ILE A 74 -1.45 -8.64 0.38
N ARG A 75 -1.36 -7.55 1.15
CA ARG A 75 -1.74 -6.24 0.66
C ARG A 75 -0.66 -5.23 1.01
N PRO A 76 -0.32 -4.32 0.07
CA PRO A 76 0.70 -3.29 0.28
C PRO A 76 0.60 -2.64 1.66
N TRP A 77 1.74 -2.24 2.21
CA TRP A 77 1.78 -1.60 3.52
C TRP A 77 2.73 -0.41 3.50
N CYS A 78 2.15 0.76 3.25
CA CYS A 78 2.92 2.00 3.21
C CYS A 78 2.36 3.02 4.19
N TYR A 79 2.95 4.20 4.21
CA TYR A 79 2.49 5.26 5.11
C TYR A 79 1.42 6.14 4.44
N THR A 80 1.54 7.46 4.59
CA THR A 80 0.56 8.37 4.00
C THR A 80 1.16 9.77 3.89
N MET A 81 0.47 10.66 3.18
CA MET A 81 0.93 12.04 3.02
C MET A 81 0.33 12.92 4.12
N ASP A 82 0.11 12.33 5.29
CA ASP A 82 -0.45 13.05 6.42
C ASP A 82 0.36 12.78 7.69
N PRO A 83 0.57 13.82 8.53
CA PRO A 83 1.34 13.68 9.77
C PRO A 83 0.51 13.12 10.91
N SER A 84 -0.25 12.06 10.63
CA SER A 84 -1.10 11.44 11.64
C SER A 84 -1.48 10.02 11.22
N VAL A 85 -0.49 9.23 10.83
CA VAL A 85 -0.73 7.86 10.39
C VAL A 85 0.46 6.96 10.70
N ARG A 86 1.55 7.17 9.96
CA ARG A 86 2.77 6.38 10.12
C ARG A 86 2.67 5.06 9.37
N TRP A 87 1.45 4.60 9.11
CA TRP A 87 1.23 3.35 8.38
C TRP A 87 -0.21 3.27 7.88
N GLU A 88 -0.38 2.72 6.69
CA GLU A 88 -1.70 2.59 6.08
C GLU A 88 -1.67 1.55 4.96
N TYR A 89 -2.85 1.04 4.62
CA TYR A 89 -2.96 0.05 3.55
C TYR A 89 -3.19 0.72 2.21
N CYS A 90 -3.27 -0.08 1.15
CA CYS A 90 -3.50 0.43 -0.19
C CYS A 90 -4.79 -0.11 -0.77
N ASN A 91 -5.34 0.60 -1.76
CA ASN A 91 -6.58 0.17 -2.40
C ASN A 91 -6.43 -1.25 -2.95
N LEU A 92 -6.77 -2.23 -2.12
CA LEU A 92 -6.67 -3.63 -2.44
C LEU A 92 -7.54 -4.42 -1.47
N THR A 93 -8.52 -5.14 -1.98
CA THR A 93 -9.41 -5.93 -1.14
C THR A 93 -9.80 -7.23 -1.83
N ARG A 94 -10.26 -8.18 -1.04
CA ARG A 94 -10.65 -9.48 -1.59
C ARG A 94 -11.80 -9.32 -2.58
N CYS A 95 -11.50 -9.59 -3.85
CA CYS A 95 -12.50 -9.48 -4.91
C CYS A 95 -13.24 -10.82 -5.11
N PRO A 96 -14.57 -10.76 -5.34
CA PRO A 96 -15.37 -11.96 -5.55
C PRO A 96 -15.12 -12.60 -6.91
N VAL A 97 -14.34 -13.68 -6.92
CA VAL A 97 -14.03 -14.39 -8.16
C VAL A 97 -13.98 -15.90 -7.93
N THR A 98 -12.96 -16.36 -7.20
CA THR A 98 -12.80 -17.78 -6.93
C THR A 98 -14.02 -18.32 -6.17
N GLU A 99 -14.79 -19.17 -6.83
CA GLU A 99 -15.97 -19.77 -6.22
C GLU A 99 -16.53 -20.89 -7.08
N SER A 100 -16.98 -21.96 -6.43
CA SER A 100 -17.54 -23.11 -7.14
C SER A 100 -16.50 -23.75 -8.04
N SER A 101 -16.12 -24.98 -7.71
CA SER A 101 -15.12 -25.71 -8.49
C SER A 101 -15.53 -27.16 -8.68
N VAL A 102 -16.83 -27.39 -8.82
CA VAL A 102 -17.35 -28.73 -9.01
C VAL A 102 -18.85 -28.71 -9.35
#